data_9DRX
#
_entry.id   9DRX
#
_cell.length_a   1.00
_cell.length_b   1.00
_cell.length_c   1.00
_cell.angle_alpha   90.00
_cell.angle_beta   90.00
_cell.angle_gamma   90.00
#
_symmetry.space_group_name_H-M   'P 1'
#
loop_
_entity.id
_entity.type
_entity.pdbx_description
1 polymer 'Gamma-aminobutyric acid receptor subunit beta-2'
2 polymer 'Gamma-aminobutyric acid receptor subunit alpha-1'
3 polymer 'Gamma-aminobutyric acid receptor subunit gamma-2'
4 polymer 'Kappa Fab 1F4 Light Chain'
5 polymer 'IgG2b Fab 1F4 Heavy Chain'
6 branched 2-acetamido-2-deoxy-beta-D-glucopyranose-(1-4)-2-acetamido-2-deoxy-beta-D-glucopyranose-(1-4)-2-acetamido-2-deoxy-beta-D-glucopyranose
7 branched beta-D-mannopyranose-(1-4)-2-acetamido-2-deoxy-beta-D-glucopyranose-(1-4)-2-acetamido-2-deoxy-beta-D-glucopyranose
8 branched alpha-D-mannopyranose-(1-2)-alpha-D-mannopyranose-(1-2)-alpha-D-mannopyranose-(1-3)-[alpha-D-mannopyranose-(1-3)-[alpha-D-mannopyranose-(1-6)]alpha-D-mannopyranose-(1-6)]beta-D-mannopyranose-(1-4)-2-acetamido-2-deoxy-beta-D-glucopyranose-(1-4)-2-acetamido-2-deoxy-beta-D-glucopyranose
9 branched 2-acetamido-2-deoxy-beta-D-glucopyranose-(1-4)-2-acetamido-2-deoxy-beta-D-glucopyranose
10 non-polymer 2-acetamido-2-deoxy-beta-D-glucopyranose
11 non-polymer 'GAMMA-AMINO-BUTANOIC ACID'
12 non-polymer (6M)-6-(2,3-dichlorophenyl)-1,2,4-triazine-3,5-diamine
#
loop_
_entity_poly.entity_id
_entity_poly.type
_entity_poly.pdbx_seq_one_letter_code
_entity_poly.pdbx_strand_id
1 'polypeptide(L)'
;QSVNDPSNMSLVKETVDRLLKGYDIRLRPDFGGPPVAVGMNIDIASIDMVSEVNMDYTLTMYFQQAWRDKRLSYNVIPLN
LTLDNRVADQLWVPDTYFLNDKKSFVHGVTVKNRMIRLHPDGTVLYGLRITTTAACMMDLRRYPLDEQNCTLEIESYGYT
TDDIEFYWRGDDNAVTGVTKIELPQFSIVDYKLITKKVVFSTGSYPRLSLSFKLKRNIGYFILQTYMPSILITILSWVSF
WINYDASAARVALGITTVLTMTTINTHLRETLPKIPYVKAIDMYLMGCFVFVFMALLEYALVNYIFFSQPARAAAIDRWS
RIFFPVVFSFFNIVYWLYYVNVDGSGATNFSLLKQAGDVEENPG
;
A,C
2 'polypeptide(L)'
;QPSLQDELKDNTTVFTRILDRLLDGYDNRLRPGLGERVTEVKTDIFVTSFGPVSDHDMEYTIDVFFRQSWKDERLKFKGP
MTVLRLNNLMASKIWTPDTFFHNGKKSVAHNMTMPNKLLRITEDGTLLYTMRLTVRAECPMHLEDFPMDAHACPLKFGSY
AYTRAEVVYEWTREPARSVVVAEDGSRLNQYDLLGQTVDSGIVQSSTGEYVVMTTHFHLKRKIGYFVIQTYLPCIMTVIL
SQVSFWLNRESVPARTVFGVTTVLTMTTLSISARNSLPKVAYATAMDWFIAVCYAFVFSALIEFATVNYFTKSQPARAAK
IDRLSRIAFPLLFGIFNLVYWATYLNREPQLKAPTPHQ
;
B,D
3 'polypeptide(L)'
;WSHPQFEKGGGSGGGSGGSSAWSHPQFEKLEVLFQGPQKSDDDYEDYASNKTWVLTPKVPEGDVTVILNNLLEGYDNKLR
PDIGVKPTLIHTDMYVNSIGPVNAINMEYTIDIFFAQTWYDRRLKFNSTIKVLRLNSNMVGKIWIPDTFFRNSKKADAHW
ITTPNRMLRIWNDGRVLYTLRLTIDAECQLQLHNFPMDEHSCPLEFSSYGYPREEIVYQWKRSSVEVGDTRSWRLYQFSF
VGLRNTTEVVKTTSGDYVVMSVYFDLSRRMGYFTIQTYIPCTLIVVLSWVSFWINKDAVPARTSLGITTVLTMTTLSTIA
RKSLPKVSYVTAMDLFVSVCFIFVFSALVEYGTLHYFVSSQPARAAKMDSYARIFFPTAFCLFNLVYWVSYLYLSRGSGA
TNFSLLKQAGDVEENPG
;
E
4 'polypeptide(L)'
;NIVMTQSPKSMSMSVGERVTLSCKASEYVGTYVSWYQQKPEQSPKLLIYGASNRYTGVPDRFTGSGSATDFTLTIGSVQA
EDLADYHCGQSYSYPTFGAGTKLELKRADAAPTVSIFPPSSEQLTSGGASVVCFLNNFYPKDINVKWKIDGSERQNGVLN
SWTDQDSKDSTYSMSSTLTLTKDEYERHNSYTCEATHKTSTSPIVKSFNRNEC
;
I,L
5 'polypeptide(L)'
;EVQLQQSGAELVKPGASVKLSCTASGFNIKDTYMYWVKQRPEQGLEWIGRIDPANGDTKYDPKFQGKATITTDTFSNTAY
LQLSSLTSEDTAVYYCARKGLRWAMDYWGQGTSVTVSTAKTTPPSVYPLAPGCGDTTGSSVTLGCLVKGYFPESVTVTWN
SGSLSSSVHTFPALLQSGLYTMSSSVTVPSSTWPSQTVTCSVAHPASSTTVDKKLEPSGPISTINPCPPCKECHKCPAPN
LEGGPSVFIFPPNIKDVLMISLTPKVTCVVVDVSEDDPDVQISWFVNNVEVHTAQTQTHREDYNSTIRVVSTLPIQHQDW
MSGKEFKCKVNNKDLPSPIERTISKIKGLVRAPQVYILPPPAEQLSRKDVSLTCLVVGFNPGDISVEWTSNGHTEENYKD
TAPVLDSDGSYFIYSKLNMKTSKWEKTDSFSCNVRHEGLKNYYLKKTISRSPGK
;
J,K
#
# COMPACT_ATOMS: atom_id res chain seq x y z
N SER A 7 49.11 -7.90 25.80
CA SER A 7 47.70 -8.34 26.01
C SER A 7 47.11 -8.88 24.71
N ASN A 8 45.95 -9.52 24.83
CA ASN A 8 45.26 -10.06 23.66
C ASN A 8 44.51 -8.99 22.88
N MET A 9 43.92 -8.03 23.59
CA MET A 9 43.07 -7.02 22.94
C MET A 9 43.88 -6.14 22.00
N SER A 10 45.02 -5.63 22.49
CA SER A 10 45.88 -4.80 21.64
C SER A 10 46.43 -5.59 20.47
N LEU A 11 46.72 -6.88 20.69
CA LEU A 11 47.25 -7.74 19.62
C LEU A 11 46.22 -7.91 18.52
N VAL A 12 44.97 -8.20 18.88
CA VAL A 12 43.91 -8.33 17.89
C VAL A 12 43.67 -6.98 17.20
N LYS A 13 44.05 -5.93 17.92
CA LYS A 13 43.77 -4.57 17.40
C LYS A 13 44.70 -4.32 16.26
N GLU A 14 45.96 -4.55 16.53
CA GLU A 14 46.96 -4.22 15.52
C GLU A 14 46.85 -5.18 14.35
N THR A 15 46.47 -6.45 14.62
CA THR A 15 46.29 -7.41 13.54
C THR A 15 45.17 -6.99 12.60
N VAL A 16 44.02 -6.58 13.14
CA VAL A 16 42.91 -6.17 12.27
C VAL A 16 43.26 -4.88 11.54
N ASP A 17 43.94 -3.95 12.21
CA ASP A 17 44.33 -2.71 11.56
C ASP A 17 45.34 -2.96 10.44
N ARG A 18 46.24 -3.92 10.64
CA ARG A 18 47.16 -4.30 9.58
C ARG A 18 46.41 -4.94 8.42
N LEU A 19 45.44 -5.81 8.73
CA LEU A 19 44.75 -6.56 7.67
C LEU A 19 43.93 -5.63 6.79
N LEU A 20 43.19 -4.70 7.38
CA LEU A 20 42.36 -3.81 6.58
C LEU A 20 43.14 -2.69 5.88
N LYS A 21 44.41 -2.47 6.24
CA LYS A 21 45.21 -1.39 5.68
C LYS A 21 45.84 -1.88 4.37
N GLY A 22 45.66 -1.11 3.31
CA GLY A 22 46.15 -1.50 2.00
C GLY A 22 45.25 -2.46 1.25
N TYR A 23 43.98 -2.58 1.67
CA TYR A 23 43.03 -3.52 1.11
C TYR A 23 42.23 -2.81 0.02
N ASP A 24 41.89 -3.54 -1.04
CA ASP A 24 41.09 -3.02 -2.16
C ASP A 24 39.85 -3.91 -2.29
N ILE A 25 38.70 -3.37 -1.87
CA ILE A 25 37.41 -4.05 -2.02
C ILE A 25 37.09 -4.32 -3.50
N ARG A 26 37.60 -3.48 -4.41
CA ARG A 26 37.27 -3.59 -5.83
C ARG A 26 37.67 -4.94 -6.42
N LEU A 27 38.82 -5.47 -6.01
CA LEU A 27 39.44 -6.62 -6.65
C LEU A 27 39.16 -7.88 -5.83
N ARG A 28 38.68 -8.92 -6.50
CA ARG A 28 38.44 -10.18 -5.83
C ARG A 28 39.77 -10.81 -5.40
N PRO A 29 39.75 -11.77 -4.47
CA PRO A 29 41.01 -12.47 -4.15
C PRO A 29 41.52 -13.24 -5.34
N ASP A 30 42.82 -13.13 -5.59
CA ASP A 30 43.46 -13.66 -6.79
C ASP A 30 42.80 -13.07 -8.04
N PHE A 31 42.87 -11.74 -8.14
CA PHE A 31 42.28 -11.00 -9.28
C PHE A 31 42.80 -11.53 -10.62
N GLY A 32 44.10 -11.74 -10.79
CA GLY A 32 44.67 -12.34 -11.98
C GLY A 32 44.77 -13.86 -11.96
N GLY A 33 44.43 -14.48 -10.83
CA GLY A 33 44.63 -15.90 -10.62
C GLY A 33 43.40 -16.72 -10.96
N PRO A 34 43.33 -17.97 -10.49
CA PRO A 34 42.19 -18.82 -10.83
C PRO A 34 40.91 -18.33 -10.17
N PRO A 35 39.76 -18.93 -10.50
CA PRO A 35 38.52 -18.52 -9.83
C PRO A 35 38.52 -18.90 -8.36
N VAL A 36 37.73 -18.17 -7.58
CA VAL A 36 37.68 -18.32 -6.13
C VAL A 36 36.54 -19.27 -5.79
N ALA A 37 36.82 -20.22 -4.90
CA ALA A 37 35.84 -21.23 -4.50
C ALA A 37 35.01 -20.73 -3.34
N VAL A 38 33.70 -20.64 -3.53
CA VAL A 38 32.76 -20.11 -2.56
C VAL A 38 31.86 -21.26 -2.10
N GLY A 39 32.09 -21.72 -0.86
CA GLY A 39 31.24 -22.73 -0.25
C GLY A 39 30.04 -22.07 0.40
N MET A 40 28.89 -22.74 0.29
CA MET A 40 27.58 -22.14 0.57
C MET A 40 26.75 -23.10 1.41
N ASN A 41 26.24 -22.61 2.55
CA ASN A 41 25.29 -23.31 3.39
C ASN A 41 24.04 -22.46 3.53
N ILE A 42 22.89 -23.12 3.64
CA ILE A 42 21.60 -22.49 3.85
C ILE A 42 20.89 -23.25 4.94
N ASP A 43 20.54 -22.58 6.03
CA ASP A 43 19.71 -23.14 7.10
C ASP A 43 18.33 -22.50 7.00
N ILE A 44 17.34 -23.30 6.63
CA ILE A 44 16.01 -22.79 6.32
C ILE A 44 15.25 -22.67 7.64
N ALA A 45 14.90 -21.43 8.00
CA ALA A 45 14.18 -21.18 9.25
C ALA A 45 12.68 -21.38 9.09
N SER A 46 12.10 -20.86 8.01
CA SER A 46 10.65 -20.89 7.83
C SER A 46 10.32 -20.72 6.36
N ILE A 47 9.32 -21.48 5.91
CA ILE A 47 8.68 -21.29 4.60
C ILE A 47 7.21 -21.00 4.90
N ASP A 48 6.67 -19.98 4.24
CA ASP A 48 5.31 -19.56 4.48
C ASP A 48 4.81 -18.78 3.28
N MET A 49 3.49 -18.59 3.24
CA MET A 49 2.82 -17.79 2.22
C MET A 49 3.08 -18.35 0.82
N VAL A 50 2.91 -19.66 0.68
CA VAL A 50 3.00 -20.28 -0.64
C VAL A 50 1.74 -19.88 -1.38
N SER A 51 1.84 -18.83 -2.20
CA SER A 51 0.68 -18.14 -2.73
C SER A 51 0.33 -18.71 -4.10
N GLU A 52 -0.94 -19.08 -4.28
CA GLU A 52 -1.41 -19.51 -5.58
C GLU A 52 -1.75 -18.33 -6.48
N VAL A 53 -2.34 -17.26 -5.93
CA VAL A 53 -2.74 -16.14 -6.76
C VAL A 53 -1.52 -15.33 -7.21
N ASN A 54 -0.53 -15.15 -6.34
CA ASN A 54 0.68 -14.40 -6.65
C ASN A 54 1.81 -15.28 -7.18
N MET A 55 1.75 -16.59 -6.92
CA MET A 55 2.67 -17.57 -7.51
C MET A 55 4.09 -17.33 -7.05
N ASP A 56 4.28 -17.31 -5.73
CA ASP A 56 5.57 -17.13 -5.10
C ASP A 56 5.49 -17.81 -3.74
N TYR A 57 6.55 -17.68 -2.95
CA TYR A 57 6.55 -18.22 -1.60
C TYR A 57 7.65 -17.52 -0.81
N THR A 58 7.35 -17.23 0.45
CA THR A 58 8.27 -16.53 1.33
C THR A 58 9.10 -17.56 2.09
N LEU A 59 10.43 -17.44 1.98
CA LEU A 59 11.38 -18.35 2.58
C LEU A 59 12.36 -17.54 3.42
N THR A 60 12.44 -17.86 4.71
CA THR A 60 13.39 -17.25 5.63
C THR A 60 14.52 -18.25 5.85
N MET A 61 15.76 -17.79 5.74
CA MET A 61 16.92 -18.65 5.80
C MET A 61 18.10 -17.89 6.39
N TYR A 62 19.03 -18.64 6.96
CA TYR A 62 20.33 -18.12 7.37
C TYR A 62 21.32 -18.44 6.26
N PHE A 63 21.28 -17.61 5.22
CA PHE A 63 22.19 -17.78 4.09
C PHE A 63 23.62 -17.57 4.54
N GLN A 64 24.50 -18.50 4.14
CA GLN A 64 25.89 -18.52 4.58
C GLN A 64 26.79 -18.82 3.40
N GLN A 65 27.95 -18.18 3.41
CA GLN A 65 28.96 -18.30 2.36
C GLN A 65 30.32 -18.49 3.01
N ALA A 66 31.25 -19.06 2.24
CA ALA A 66 32.60 -19.26 2.74
C ALA A 66 33.57 -19.35 1.57
N TRP A 67 34.56 -18.47 1.56
CA TRP A 67 35.62 -18.46 0.56
C TRP A 67 36.93 -18.24 1.31
N ARG A 68 38.00 -17.99 0.55
CA ARG A 68 39.33 -17.74 1.12
C ARG A 68 39.91 -16.49 0.47
N ASP A 69 40.38 -15.57 1.30
CA ASP A 69 41.14 -14.40 0.87
C ASP A 69 42.53 -14.49 1.49
N LYS A 70 43.55 -14.57 0.65
CA LYS A 70 44.92 -14.65 1.16
C LYS A 70 45.34 -13.36 1.86
N ARG A 71 44.74 -12.22 1.49
CA ARG A 71 45.10 -10.96 2.11
C ARG A 71 44.74 -10.94 3.59
N LEU A 72 43.61 -11.54 3.95
CA LEU A 72 43.10 -11.52 5.33
C LEU A 72 43.62 -12.73 6.11
N SER A 73 44.95 -12.88 6.10
CA SER A 73 45.65 -13.98 6.74
C SER A 73 46.47 -13.46 7.91
N TYR A 74 46.36 -14.13 9.05
CA TYR A 74 47.09 -13.78 10.26
C TYR A 74 47.62 -15.04 10.92
N ASN A 75 48.68 -14.85 11.71
CA ASN A 75 49.36 -15.95 12.41
C ASN A 75 49.72 -15.66 13.86
N VAL A 76 49.72 -14.39 14.29
CA VAL A 76 50.15 -14.07 15.65
C VAL A 76 49.14 -14.59 16.68
N ILE A 77 47.85 -14.52 16.35
CA ILE A 77 46.77 -14.71 17.33
C ILE A 77 46.05 -16.02 16.96
N PRO A 78 46.16 -17.11 17.78
CA PRO A 78 45.54 -18.39 17.37
C PRO A 78 44.07 -18.50 17.80
N LEU A 79 43.19 -17.81 17.08
CA LEU A 79 41.76 -17.90 17.35
C LEU A 79 41.00 -17.37 16.15
N ASN A 80 39.69 -17.65 16.15
CA ASN A 80 38.79 -17.15 15.11
C ASN A 80 38.23 -15.78 15.51
N LEU A 81 38.41 -14.79 14.63
CA LEU A 81 37.98 -13.41 14.87
C LEU A 81 36.60 -13.20 14.29
N THR A 82 35.59 -13.18 15.16
CA THR A 82 34.24 -12.77 14.78
C THR A 82 34.17 -11.25 14.91
N LEU A 83 34.47 -10.56 13.82
CA LEU A 83 34.45 -9.11 13.81
C LEU A 83 33.02 -8.60 13.74
N ASP A 84 32.85 -7.33 14.11
CA ASP A 84 31.53 -6.72 14.10
C ASP A 84 31.02 -6.59 12.67
N ASN A 85 29.70 -6.68 12.52
CA ASN A 85 29.06 -6.76 11.19
C ASN A 85 29.29 -5.51 10.34
N ARG A 86 29.66 -4.38 10.92
CA ARG A 86 29.93 -3.19 10.11
C ARG A 86 31.21 -3.32 9.28
N VAL A 87 32.08 -4.30 9.56
CA VAL A 87 33.26 -4.52 8.75
C VAL A 87 32.94 -5.11 7.37
N ALA A 88 31.75 -5.69 7.20
CA ALA A 88 31.36 -6.25 5.91
C ALA A 88 31.34 -5.23 4.78
N ASP A 89 31.13 -3.96 5.08
CA ASP A 89 31.25 -2.89 4.10
C ASP A 89 32.68 -2.81 3.57
N GLN A 90 33.68 -3.08 4.42
CA GLN A 90 35.08 -2.83 4.10
C GLN A 90 35.84 -4.07 3.63
N LEU A 91 35.14 -5.17 3.34
CA LEU A 91 35.77 -6.41 2.87
C LEU A 91 35.03 -6.90 1.63
N TRP A 92 35.77 -7.52 0.73
CA TRP A 92 35.17 -8.10 -0.46
C TRP A 92 34.27 -9.25 -0.07
N VAL A 93 33.09 -9.30 -0.66
CA VAL A 93 32.16 -10.42 -0.53
C VAL A 93 31.65 -10.68 -1.94
N PRO A 94 31.35 -11.92 -2.34
CA PRO A 94 30.85 -12.13 -3.70
C PRO A 94 29.45 -11.57 -3.84
N ASP A 95 29.10 -11.22 -5.08
CA ASP A 95 27.82 -10.56 -5.37
C ASP A 95 26.75 -11.61 -5.69
N THR A 96 26.54 -12.53 -4.76
CA THR A 96 25.54 -13.57 -4.94
C THR A 96 24.16 -12.94 -4.91
N TYR A 97 23.30 -13.36 -5.83
CA TYR A 97 21.92 -12.92 -5.88
C TYR A 97 21.04 -14.08 -6.30
N PHE A 98 19.77 -13.95 -5.98
CA PHE A 98 18.75 -14.94 -6.32
C PHE A 98 18.00 -14.43 -7.54
N LEU A 99 18.05 -15.18 -8.63
CA LEU A 99 17.48 -14.73 -9.89
C LEU A 99 15.96 -14.59 -9.82
N ASN A 100 15.29 -15.49 -9.10
CA ASN A 100 13.83 -15.58 -9.13
C ASN A 100 13.16 -14.90 -7.93
N ASP A 101 13.88 -14.05 -7.19
CA ASP A 101 13.27 -13.27 -6.13
C ASP A 101 12.49 -12.08 -6.66
N LYS A 102 11.37 -11.79 -5.99
CA LYS A 102 10.51 -10.64 -6.30
C LYS A 102 10.76 -9.48 -5.36
N LYS A 103 10.97 -9.75 -4.07
CA LYS A 103 11.42 -8.74 -3.13
C LYS A 103 12.01 -9.47 -1.93
N SER A 104 13.14 -8.96 -1.43
CA SER A 104 13.88 -9.59 -0.35
C SER A 104 14.50 -8.51 0.52
N PHE A 105 14.90 -8.91 1.72
CA PHE A 105 15.49 -7.97 2.66
C PHE A 105 16.27 -8.74 3.72
N VAL A 106 17.37 -8.13 4.16
CA VAL A 106 18.10 -8.59 5.32
C VAL A 106 17.47 -7.94 6.54
N HIS A 107 17.08 -8.76 7.51
CA HIS A 107 16.48 -8.24 8.74
C HIS A 107 17.49 -7.38 9.48
N GLY A 108 17.00 -6.26 10.03
CA GLY A 108 17.83 -5.21 10.58
C GLY A 108 17.52 -4.84 12.01
N VAL A 109 17.30 -5.84 12.87
CA VAL A 109 16.98 -5.66 14.28
C VAL A 109 17.87 -6.59 15.11
N THR A 110 18.50 -6.08 16.18
CA THR A 110 18.74 -4.72 16.66
C THR A 110 19.76 -4.01 15.77
N VAL A 111 20.61 -4.79 15.10
CA VAL A 111 21.54 -4.30 14.07
C VAL A 111 21.28 -5.12 12.80
N LYS A 112 22.08 -4.86 11.77
CA LYS A 112 22.01 -5.66 10.55
C LYS A 112 22.41 -7.09 10.83
N ASN A 113 21.49 -8.02 10.61
CA ASN A 113 21.75 -9.41 10.92
C ASN A 113 22.73 -9.98 9.91
N ARG A 114 24.00 -10.00 10.30
CA ARG A 114 25.10 -10.24 9.39
C ARG A 114 26.29 -10.70 10.23
N MET A 115 27.10 -11.58 9.67
CA MET A 115 28.27 -12.15 10.34
C MET A 115 29.48 -11.94 9.45
N ILE A 116 30.62 -11.63 10.08
CA ILE A 116 31.93 -11.68 9.45
C ILE A 116 32.82 -12.43 10.42
N ARG A 117 33.39 -13.55 9.97
CA ARG A 117 34.31 -14.35 10.77
C ARG A 117 35.51 -14.71 9.91
N LEU A 118 36.70 -14.38 10.42
CA LEU A 118 37.96 -14.60 9.72
C LEU A 118 38.77 -15.66 10.47
N HIS A 119 39.12 -16.72 9.78
CA HIS A 119 39.89 -17.83 10.30
C HIS A 119 41.38 -17.57 10.12
N PRO A 120 42.27 -18.26 10.85
CA PRO A 120 43.70 -17.97 10.69
C PRO A 120 44.27 -18.31 9.31
N ASP A 121 43.66 -19.23 8.57
CA ASP A 121 44.13 -19.61 7.25
C ASP A 121 43.68 -18.66 6.14
N GLY A 122 42.90 -17.62 6.46
CA GLY A 122 42.36 -16.70 5.49
C GLY A 122 40.91 -16.93 5.12
N THR A 123 40.29 -18.01 5.60
CA THR A 123 38.89 -18.27 5.28
C THR A 123 38.00 -17.21 5.90
N VAL A 124 37.10 -16.67 5.07
CA VAL A 124 36.06 -15.74 5.51
C VAL A 124 34.77 -16.55 5.60
N LEU A 125 33.90 -16.15 6.52
CA LEU A 125 32.62 -16.81 6.76
C LEU A 125 31.56 -15.72 6.93
N TYR A 126 30.71 -15.56 5.92
CA TYR A 126 29.86 -14.38 5.75
C TYR A 126 28.38 -14.80 5.75
N GLY A 127 27.78 -14.86 6.94
CA GLY A 127 26.40 -15.27 7.09
C GLY A 127 25.44 -14.10 7.10
N LEU A 128 24.23 -14.35 6.60
CA LEU A 128 23.18 -13.36 6.52
C LEU A 128 21.84 -14.03 6.75
N ARG A 129 20.87 -13.24 7.21
CA ARG A 129 19.51 -13.67 7.47
C ARG A 129 18.59 -12.98 6.47
N ILE A 130 18.10 -13.74 5.49
CA ILE A 130 17.30 -13.22 4.39
C ILE A 130 15.92 -13.86 4.49
N THR A 131 14.88 -13.05 4.28
CA THR A 131 13.54 -13.51 3.97
C THR A 131 13.24 -13.08 2.53
N THR A 132 13.06 -14.07 1.66
CA THR A 132 12.98 -13.86 0.22
C THR A 132 11.64 -14.37 -0.31
N THR A 133 10.99 -13.55 -1.14
CA THR A 133 9.74 -13.90 -1.81
C THR A 133 10.11 -14.43 -3.19
N ALA A 134 10.48 -15.71 -3.23
CA ALA A 134 10.92 -16.33 -4.47
C ALA A 134 9.72 -16.67 -5.36
N ALA A 135 9.85 -16.35 -6.64
CA ALA A 135 8.82 -16.69 -7.62
C ALA A 135 8.87 -18.16 -7.95
N CYS A 136 7.74 -18.85 -7.78
CA CYS A 136 7.61 -20.29 -8.02
C CYS A 136 6.41 -20.47 -8.92
N MET A 137 6.67 -20.79 -10.19
CA MET A 137 5.60 -20.94 -11.17
C MET A 137 5.02 -22.35 -11.12
N MET A 138 3.69 -22.40 -11.06
CA MET A 138 2.96 -23.58 -10.60
C MET A 138 1.93 -23.97 -11.64
N ASP A 139 2.03 -25.19 -12.14
CA ASP A 139 0.96 -25.77 -12.96
C ASP A 139 -0.18 -26.18 -12.03
N LEU A 140 -1.39 -25.72 -12.35
CA LEU A 140 -2.60 -26.08 -11.65
C LEU A 140 -3.58 -26.84 -12.54
N ARG A 141 -3.07 -27.54 -13.55
CA ARG A 141 -3.94 -28.32 -14.43
C ARG A 141 -4.58 -29.47 -13.66
N ARG A 142 -3.85 -30.06 -12.72
CA ARG A 142 -4.34 -31.13 -11.86
C ARG A 142 -4.76 -30.63 -10.48
N TYR A 143 -5.23 -29.38 -10.40
CA TYR A 143 -5.64 -28.85 -9.10
C TYR A 143 -6.88 -29.60 -8.61
N PRO A 144 -6.98 -29.94 -7.30
CA PRO A 144 -6.05 -29.75 -6.17
C PRO A 144 -5.11 -30.93 -5.93
N LEU A 145 -5.24 -32.06 -6.64
CA LEU A 145 -4.26 -33.15 -6.55
C LEU A 145 -3.07 -32.85 -7.46
N ASP A 146 -2.27 -31.86 -7.05
CA ASP A 146 -1.14 -31.36 -7.81
C ASP A 146 0.09 -31.26 -6.92
N GLU A 147 1.22 -31.75 -7.45
CA GLU A 147 2.52 -31.64 -6.80
C GLU A 147 3.34 -30.60 -7.57
N GLN A 148 3.83 -29.59 -6.81
CA GLN A 148 4.54 -28.41 -7.35
C GLN A 148 6.05 -28.40 -7.09
N ASN A 149 6.82 -27.68 -7.89
CA ASN A 149 8.28 -27.62 -7.96
C ASN A 149 8.66 -26.15 -7.85
N CYS A 150 9.01 -25.72 -6.65
CA CYS A 150 9.51 -24.38 -6.39
C CYS A 150 11.02 -24.43 -6.24
N THR A 151 11.70 -23.46 -6.84
CA THR A 151 13.15 -23.43 -6.94
C THR A 151 13.68 -22.08 -6.47
N LEU A 152 14.93 -22.09 -5.99
CA LEU A 152 15.66 -20.88 -5.63
C LEU A 152 16.97 -20.90 -6.41
N GLU A 153 17.04 -20.08 -7.45
CA GLU A 153 18.18 -20.07 -8.37
C GLU A 153 19.22 -19.07 -7.87
N ILE A 154 20.31 -19.58 -7.34
CA ILE A 154 21.37 -18.78 -6.72
C ILE A 154 22.48 -18.62 -7.74
N GLU A 155 22.92 -17.38 -7.98
CA GLU A 155 23.89 -17.10 -9.03
C GLU A 155 24.59 -15.78 -8.70
N SER A 156 25.83 -15.65 -9.18
CA SER A 156 26.62 -14.42 -9.07
C SER A 156 26.30 -13.52 -10.25
N TYR A 157 26.18 -12.21 -9.98
CA TYR A 157 25.83 -11.27 -11.05
C TYR A 157 27.03 -10.91 -11.90
N GLY A 158 28.05 -10.29 -11.30
CA GLY A 158 29.11 -9.66 -12.05
C GLY A 158 30.21 -10.57 -12.55
N TYR A 159 30.57 -11.57 -11.73
CA TYR A 159 31.78 -12.35 -11.96
C TYR A 159 31.45 -13.61 -12.74
N THR A 160 32.20 -13.85 -13.81
CA THR A 160 31.97 -15.00 -14.68
C THR A 160 32.49 -16.26 -14.01
N THR A 161 32.25 -17.40 -14.66
CA THR A 161 32.63 -18.70 -14.11
C THR A 161 34.14 -18.89 -14.05
N ASP A 162 34.93 -18.10 -14.79
CA ASP A 162 36.38 -18.10 -14.69
C ASP A 162 36.92 -17.11 -13.66
N ASP A 163 36.04 -16.44 -12.90
CA ASP A 163 36.42 -15.51 -11.83
C ASP A 163 35.85 -15.89 -10.48
N ILE A 164 34.74 -16.62 -10.44
CA ILE A 164 34.14 -17.11 -9.21
C ILE A 164 33.66 -18.54 -9.45
N GLU A 165 33.55 -19.30 -8.36
CA GLU A 165 33.15 -20.71 -8.42
C GLU A 165 32.35 -21.03 -7.17
N PHE A 166 31.12 -21.49 -7.37
CA PHE A 166 30.22 -21.90 -6.30
C PHE A 166 30.26 -23.40 -6.12
N TYR A 167 29.87 -23.83 -4.92
CA TYR A 167 29.64 -25.25 -4.63
C TYR A 167 28.87 -25.32 -3.33
N TRP A 168 28.34 -26.51 -3.04
CA TRP A 168 27.63 -26.77 -1.80
C TRP A 168 28.63 -27.27 -0.76
N ARG A 169 28.80 -26.49 0.31
CA ARG A 169 29.69 -26.89 1.38
C ARG A 169 29.06 -28.03 2.17
N GLY A 170 29.77 -29.15 2.27
CA GLY A 170 29.30 -30.29 3.02
C GLY A 170 28.42 -31.26 2.26
N ASP A 171 28.37 -31.16 0.93
CA ASP A 171 27.58 -32.09 0.06
C ASP A 171 26.10 -31.95 0.45
N ASP A 172 25.36 -33.06 0.60
CA ASP A 172 23.94 -32.98 0.90
C ASP A 172 23.64 -32.44 2.30
N ASN A 173 24.64 -32.35 3.18
CA ASN A 173 24.48 -31.66 4.46
C ASN A 173 24.56 -30.14 4.33
N ALA A 174 24.68 -29.60 3.12
CA ALA A 174 24.72 -28.15 2.95
C ALA A 174 23.43 -27.47 3.38
N VAL A 175 22.29 -28.14 3.23
CA VAL A 175 20.98 -27.60 3.56
C VAL A 175 20.39 -28.42 4.70
N THR A 176 19.81 -27.71 5.67
CA THR A 176 19.23 -28.30 6.88
C THR A 176 17.92 -27.61 7.20
N GLY A 177 17.12 -28.27 8.04
CA GLY A 177 15.89 -27.71 8.53
C GLY A 177 14.68 -27.90 7.63
N VAL A 178 14.83 -28.56 6.48
CA VAL A 178 13.68 -28.81 5.61
C VAL A 178 12.66 -29.71 6.30
N THR A 179 13.12 -30.65 7.12
CA THR A 179 12.20 -31.58 7.76
C THR A 179 11.33 -30.92 8.83
N LYS A 180 11.77 -29.80 9.40
CA LYS A 180 11.00 -29.11 10.43
C LYS A 180 9.93 -28.19 9.87
N ILE A 181 9.93 -27.92 8.55
CA ILE A 181 8.96 -27.01 7.97
C ILE A 181 7.61 -27.71 7.85
N GLU A 182 6.56 -27.06 8.35
CA GLU A 182 5.17 -27.53 8.27
C GLU A 182 4.37 -26.40 7.66
N LEU A 183 4.18 -26.44 6.34
CA LEU A 183 3.30 -25.49 5.68
C LEU A 183 1.84 -25.82 6.01
N PRO A 184 0.92 -24.87 5.86
CA PRO A 184 -0.48 -25.20 6.16
C PRO A 184 -1.09 -26.20 5.20
N GLN A 185 -0.99 -25.94 3.90
CA GLN A 185 -1.64 -26.75 2.87
C GLN A 185 -0.75 -27.85 2.30
N PHE A 186 0.54 -27.58 2.13
CA PHE A 186 1.46 -28.45 1.42
C PHE A 186 2.24 -29.32 2.41
N SER A 187 3.17 -30.12 1.90
CA SER A 187 4.04 -30.94 2.73
C SER A 187 5.31 -31.20 1.94
N ILE A 188 6.46 -30.82 2.51
CA ILE A 188 7.74 -30.97 1.81
C ILE A 188 8.08 -32.44 1.69
N VAL A 189 7.97 -32.98 0.48
CA VAL A 189 8.22 -34.40 0.24
C VAL A 189 9.70 -34.65 -0.03
N ASP A 190 10.31 -33.82 -0.86
CA ASP A 190 11.70 -34.02 -1.27
C ASP A 190 12.32 -32.68 -1.62
N TYR A 191 13.64 -32.62 -1.49
CA TYR A 191 14.43 -31.44 -1.85
C TYR A 191 15.72 -31.91 -2.50
N LYS A 192 16.23 -31.11 -3.43
CA LYS A 192 17.40 -31.45 -4.23
C LYS A 192 18.34 -30.26 -4.32
N LEU A 193 19.63 -30.58 -4.44
CA LEU A 193 20.70 -29.60 -4.57
C LEU A 193 21.42 -29.86 -5.88
N ILE A 194 21.47 -28.86 -6.75
CA ILE A 194 21.94 -28.99 -8.11
C ILE A 194 23.02 -27.94 -8.34
N THR A 195 24.15 -28.37 -8.92
CA THR A 195 25.25 -27.50 -9.32
C THR A 195 25.38 -27.55 -10.83
N LYS A 196 25.47 -26.38 -11.46
CA LYS A 196 25.53 -26.29 -12.91
C LYS A 196 26.01 -24.88 -13.27
N LYS A 197 26.16 -24.63 -14.57
CA LYS A 197 26.58 -23.36 -15.12
C LYS A 197 25.51 -22.89 -16.10
N VAL A 198 25.26 -21.58 -16.13
CA VAL A 198 24.34 -20.94 -17.07
C VAL A 198 25.12 -19.98 -17.94
N VAL A 199 24.69 -19.87 -19.19
CA VAL A 199 25.33 -19.04 -20.21
C VAL A 199 24.34 -17.96 -20.62
N PHE A 200 24.77 -16.71 -20.48
CA PHE A 200 24.06 -15.53 -20.96
C PHE A 200 24.92 -14.84 -22.01
N SER A 201 24.41 -13.73 -22.56
CA SER A 201 25.13 -13.02 -23.60
C SER A 201 26.45 -12.46 -23.10
N THR A 202 26.50 -12.01 -21.85
CA THR A 202 27.70 -11.39 -21.30
C THR A 202 28.78 -12.41 -20.94
N GLY A 203 28.44 -13.67 -20.76
CA GLY A 203 29.43 -14.68 -20.46
C GLY A 203 28.78 -15.87 -19.79
N SER A 204 29.62 -16.68 -19.15
CA SER A 204 29.22 -17.85 -18.38
C SER A 204 29.40 -17.57 -16.90
N TYR A 205 28.48 -18.09 -16.09
CA TYR A 205 28.43 -17.90 -14.65
C TYR A 205 28.17 -19.23 -13.96
N PRO A 206 28.49 -19.35 -12.66
CA PRO A 206 28.04 -20.53 -11.92
C PRO A 206 26.65 -20.32 -11.36
N ARG A 207 25.98 -21.44 -11.11
CA ARG A 207 24.63 -21.42 -10.55
C ARG A 207 24.45 -22.64 -9.66
N LEU A 208 23.85 -22.42 -8.49
CA LEU A 208 23.36 -23.47 -7.62
C LEU A 208 21.86 -23.32 -7.47
N SER A 209 21.13 -24.42 -7.60
CA SER A 209 19.68 -24.45 -7.54
C SER A 209 19.24 -25.27 -6.34
N LEU A 210 18.47 -24.65 -5.45
CA LEU A 210 17.80 -25.32 -4.35
C LEU A 210 16.33 -25.48 -4.74
N SER A 211 15.81 -26.70 -4.61
CA SER A 211 14.47 -27.05 -5.08
C SER A 211 13.72 -27.81 -3.99
N PHE A 212 12.40 -27.65 -4.01
CA PHE A 212 11.49 -28.38 -3.13
C PHE A 212 10.32 -28.89 -3.95
N LYS A 213 9.92 -30.13 -3.70
CA LYS A 213 8.77 -30.75 -4.35
C LYS A 213 7.62 -30.76 -3.36
N LEU A 214 6.82 -29.71 -3.41
CA LEU A 214 5.67 -29.59 -2.53
C LEU A 214 4.51 -30.42 -3.06
N LYS A 215 3.92 -31.24 -2.18
CA LYS A 215 2.71 -31.99 -2.44
C LYS A 215 1.60 -31.45 -1.55
N ARG A 216 0.39 -31.39 -2.10
CA ARG A 216 -0.75 -30.80 -1.43
C ARG A 216 -1.55 -31.87 -0.69
N ASN A 217 -2.09 -31.51 0.47
CA ASN A 217 -2.93 -32.41 1.25
C ASN A 217 -4.39 -32.27 0.84
N ILE A 218 -5.02 -33.39 0.51
CA ILE A 218 -6.35 -33.43 -0.08
C ILE A 218 -7.47 -33.55 0.99
N GLY A 219 -7.10 -33.72 2.26
CA GLY A 219 -8.08 -34.01 3.30
C GLY A 219 -9.07 -32.87 3.54
N TYR A 220 -8.62 -31.63 3.33
CA TYR A 220 -9.56 -30.51 3.32
C TYR A 220 -10.37 -30.51 2.03
N PHE A 221 -9.70 -30.73 0.89
CA PHE A 221 -10.35 -30.37 -0.38
C PHE A 221 -11.50 -31.30 -0.68
N ILE A 222 -11.40 -32.56 -0.21
CA ILE A 222 -12.56 -33.45 -0.28
C ILE A 222 -13.76 -32.87 0.47
N LEU A 223 -13.64 -32.66 1.79
CA LEU A 223 -14.85 -32.41 2.56
C LEU A 223 -15.36 -30.99 2.34
N GLN A 224 -14.52 -30.09 1.78
CA GLN A 224 -15.03 -28.79 1.35
C GLN A 224 -15.67 -28.84 -0.02
N THR A 225 -14.94 -29.24 -1.08
CA THR A 225 -15.42 -29.05 -2.44
C THR A 225 -16.16 -30.23 -3.02
N TYR A 226 -15.71 -31.47 -2.74
CA TYR A 226 -16.22 -32.62 -3.47
C TYR A 226 -17.50 -33.18 -2.87
N MET A 227 -17.64 -33.15 -1.54
CA MET A 227 -18.85 -33.73 -0.94
C MET A 227 -20.11 -32.91 -1.28
N PRO A 228 -20.12 -31.57 -1.23
CA PRO A 228 -21.36 -30.85 -1.62
C PRO A 228 -21.80 -31.09 -3.04
N SER A 229 -20.87 -31.23 -3.99
CA SER A 229 -21.28 -31.49 -5.37
C SER A 229 -21.95 -32.84 -5.52
N ILE A 230 -21.39 -33.87 -4.90
CA ILE A 230 -21.99 -35.21 -4.96
C ILE A 230 -23.32 -35.22 -4.21
N LEU A 231 -23.39 -34.47 -3.11
CA LEU A 231 -24.63 -34.37 -2.34
C LEU A 231 -25.73 -33.74 -3.17
N ILE A 232 -25.42 -32.66 -3.90
CA ILE A 232 -26.43 -32.01 -4.73
C ILE A 232 -26.79 -32.90 -5.92
N THR A 233 -25.83 -33.69 -6.42
CA THR A 233 -26.16 -34.62 -7.50
C THR A 233 -27.15 -35.68 -7.04
N ILE A 234 -26.94 -36.23 -5.83
CA ILE A 234 -27.90 -37.19 -5.29
C ILE A 234 -29.23 -36.52 -5.01
N LEU A 235 -29.18 -35.27 -4.52
CA LEU A 235 -30.40 -34.51 -4.26
C LEU A 235 -31.18 -34.25 -5.54
N SER A 236 -30.48 -34.12 -6.67
CA SER A 236 -31.16 -34.07 -7.96
C SER A 236 -31.69 -35.44 -8.37
N TRP A 237 -30.95 -36.51 -8.03
CA TRP A 237 -31.38 -37.85 -8.41
C TRP A 237 -32.66 -38.28 -7.70
N VAL A 238 -32.97 -37.70 -6.54
CA VAL A 238 -34.14 -38.16 -5.79
C VAL A 238 -35.47 -37.87 -6.51
N SER A 239 -35.47 -36.99 -7.52
CA SER A 239 -36.68 -36.67 -8.26
C SER A 239 -37.28 -37.87 -8.97
N PHE A 240 -36.48 -38.87 -9.35
CA PHE A 240 -37.00 -39.97 -10.16
C PHE A 240 -37.94 -40.85 -9.35
N TRP A 241 -37.68 -41.01 -8.05
CA TRP A 241 -38.61 -41.74 -7.20
C TRP A 241 -39.91 -40.98 -6.95
N ILE A 242 -39.93 -39.66 -7.17
CA ILE A 242 -41.17 -38.90 -7.08
C ILE A 242 -42.03 -39.24 -8.29
N ASN A 243 -43.32 -39.43 -8.05
CA ASN A 243 -44.25 -39.75 -9.13
C ASN A 243 -44.36 -38.58 -10.11
N TYR A 244 -44.71 -38.90 -11.35
CA TYR A 244 -44.87 -37.87 -12.39
C TYR A 244 -46.02 -36.90 -12.11
N ASP A 245 -46.94 -37.25 -11.21
CA ASP A 245 -48.03 -36.33 -10.87
C ASP A 245 -47.50 -35.07 -10.21
N ALA A 246 -46.47 -35.18 -9.37
CA ALA A 246 -45.95 -34.05 -8.59
C ALA A 246 -44.95 -33.27 -9.45
N SER A 247 -45.47 -32.68 -10.51
CA SER A 247 -44.65 -31.91 -11.45
C SER A 247 -44.04 -30.69 -10.77
N ALA A 248 -44.83 -30.00 -9.93
CA ALA A 248 -44.33 -28.81 -9.25
C ALA A 248 -43.19 -29.17 -8.30
N ALA A 249 -43.35 -30.25 -7.53
CA ALA A 249 -42.30 -30.66 -6.60
C ALA A 249 -41.03 -31.07 -7.35
N ARG A 250 -41.19 -31.85 -8.43
CA ARG A 250 -40.03 -32.31 -9.18
C ARG A 250 -39.29 -31.15 -9.83
N VAL A 251 -40.02 -30.22 -10.46
CA VAL A 251 -39.36 -29.10 -11.14
C VAL A 251 -38.73 -28.15 -10.13
N ALA A 252 -39.37 -27.95 -8.98
CA ALA A 252 -38.80 -27.05 -7.97
C ALA A 252 -37.52 -27.64 -7.40
N LEU A 253 -37.55 -28.93 -7.07
CA LEU A 253 -36.36 -29.58 -6.53
C LEU A 253 -35.22 -29.59 -7.55
N GLY A 254 -35.52 -29.92 -8.80
CA GLY A 254 -34.48 -29.97 -9.82
C GLY A 254 -33.86 -28.60 -10.10
N ILE A 255 -34.70 -27.58 -10.26
CA ILE A 255 -34.16 -26.26 -10.59
C ILE A 255 -33.47 -25.64 -9.39
N THR A 256 -33.88 -26.02 -8.16
CA THR A 256 -33.12 -25.59 -7.00
C THR A 256 -31.75 -26.26 -6.96
N THR A 257 -31.66 -27.52 -7.41
CA THR A 257 -30.34 -28.15 -7.53
C THR A 257 -29.48 -27.42 -8.55
N VAL A 258 -30.07 -27.01 -9.68
CA VAL A 258 -29.35 -26.24 -10.70
C VAL A 258 -28.86 -24.91 -10.10
N LEU A 259 -29.74 -24.23 -9.37
CA LEU A 259 -29.42 -22.92 -8.82
C LEU A 259 -28.30 -23.02 -7.79
N THR A 260 -28.41 -23.97 -6.85
CA THR A 260 -27.38 -24.07 -5.83
C THR A 260 -26.06 -24.58 -6.41
N MET A 261 -26.11 -25.35 -7.50
CA MET A 261 -24.85 -25.77 -8.11
C MET A 261 -24.16 -24.58 -8.79
N THR A 262 -24.94 -23.71 -9.44
CA THR A 262 -24.38 -22.46 -9.93
C THR A 262 -23.83 -21.62 -8.79
N THR A 263 -24.54 -21.60 -7.66
CA THR A 263 -24.13 -20.79 -6.51
C THR A 263 -22.80 -21.28 -5.94
N ILE A 264 -22.67 -22.58 -5.71
CA ILE A 264 -21.43 -23.11 -5.13
C ILE A 264 -20.27 -22.98 -6.12
N ASN A 265 -20.56 -23.15 -7.43
CA ASN A 265 -19.54 -22.96 -8.45
C ASN A 265 -18.98 -21.54 -8.44
N THR A 266 -19.87 -20.54 -8.45
CA THR A 266 -19.44 -19.16 -8.36
C THR A 266 -18.78 -18.87 -7.02
N HIS A 267 -19.23 -19.53 -5.96
CA HIS A 267 -18.74 -19.21 -4.62
C HIS A 267 -17.32 -19.73 -4.39
N LEU A 268 -16.94 -20.82 -5.06
CA LEU A 268 -15.59 -21.37 -4.92
C LEU A 268 -14.63 -20.94 -6.04
N ARG A 269 -15.11 -20.55 -7.22
CA ARG A 269 -14.18 -20.32 -8.32
C ARG A 269 -13.30 -19.07 -8.16
N GLU A 270 -13.62 -18.15 -7.26
CA GLU A 270 -12.93 -16.87 -7.15
C GLU A 270 -11.63 -16.93 -6.35
N THR A 271 -11.28 -18.08 -5.79
CA THR A 271 -10.20 -18.15 -4.80
C THR A 271 -8.82 -18.04 -5.43
N LEU A 272 -8.53 -18.92 -6.38
CA LEU A 272 -7.20 -19.14 -6.94
C LEU A 272 -7.12 -18.42 -8.28
N PRO A 273 -5.98 -18.47 -9.04
CA PRO A 273 -5.83 -17.71 -10.29
C PRO A 273 -6.84 -17.99 -11.41
N LYS A 274 -6.85 -17.13 -12.44
CA LYS A 274 -7.78 -17.30 -13.56
C LYS A 274 -7.17 -18.30 -14.55
N ILE A 275 -6.24 -19.11 -14.08
CA ILE A 275 -5.56 -20.07 -15.00
C ILE A 275 -6.71 -20.63 -15.85
N PRO A 276 -6.70 -20.42 -17.17
CA PRO A 276 -7.83 -20.83 -17.99
C PRO A 276 -7.96 -22.35 -18.04
N TYR A 277 -6.84 -23.08 -17.99
CA TYR A 277 -6.94 -24.55 -18.19
C TYR A 277 -8.02 -25.16 -17.30
N VAL A 278 -8.76 -26.12 -17.87
CA VAL A 278 -9.82 -26.82 -17.09
C VAL A 278 -9.14 -27.65 -16.01
N LYS A 279 -9.10 -27.13 -14.79
CA LYS A 279 -8.55 -27.87 -13.66
C LYS A 279 -9.37 -29.13 -13.41
N ALA A 280 -8.86 -30.00 -12.52
CA ALA A 280 -9.59 -31.21 -12.18
C ALA A 280 -10.88 -30.88 -11.44
N ILE A 281 -10.83 -29.88 -10.56
CA ILE A 281 -12.04 -29.45 -9.87
C ILE A 281 -13.02 -28.85 -10.86
N ASP A 282 -12.52 -28.15 -11.89
CA ASP A 282 -13.40 -27.62 -12.92
C ASP A 282 -14.05 -28.73 -13.72
N MET A 283 -13.30 -29.79 -14.02
CA MET A 283 -13.87 -30.94 -14.72
C MET A 283 -14.96 -31.57 -13.87
N TYR A 284 -14.70 -31.71 -12.56
CA TYR A 284 -15.69 -32.34 -11.69
C TYR A 284 -16.97 -31.51 -11.61
N LEU A 285 -16.83 -30.19 -11.45
CA LEU A 285 -18.00 -29.33 -11.37
C LEU A 285 -18.77 -29.30 -12.68
N MET A 286 -18.07 -29.23 -13.81
CA MET A 286 -18.76 -29.19 -15.09
C MET A 286 -19.43 -30.53 -15.39
N GLY A 287 -18.80 -31.64 -15.01
CA GLY A 287 -19.44 -32.93 -15.18
C GLY A 287 -20.70 -33.08 -14.34
N CYS A 288 -20.64 -32.63 -13.08
CA CYS A 288 -21.83 -32.68 -12.23
C CYS A 288 -22.91 -31.76 -12.76
N PHE A 289 -22.52 -30.62 -13.33
CA PHE A 289 -23.53 -29.70 -13.86
C PHE A 289 -24.18 -30.29 -15.11
N VAL A 290 -23.39 -30.95 -15.96
CA VAL A 290 -23.96 -31.65 -17.11
C VAL A 290 -24.90 -32.76 -16.64
N PHE A 291 -24.56 -33.43 -15.53
CA PHE A 291 -25.44 -34.48 -15.01
C PHE A 291 -26.77 -33.91 -14.54
N VAL A 292 -26.72 -32.82 -13.76
CA VAL A 292 -27.96 -32.22 -13.26
C VAL A 292 -28.78 -31.66 -14.41
N PHE A 293 -28.11 -31.05 -15.39
CA PHE A 293 -28.80 -30.52 -16.55
C PHE A 293 -29.47 -31.63 -17.35
N MET A 294 -28.77 -32.76 -17.52
CA MET A 294 -29.36 -33.89 -18.23
C MET A 294 -30.56 -34.45 -17.47
N ALA A 295 -30.49 -34.48 -16.15
CA ALA A 295 -31.62 -34.92 -15.34
C ALA A 295 -32.83 -34.01 -15.52
N LEU A 296 -32.60 -32.69 -15.51
CA LEU A 296 -33.71 -31.76 -15.67
C LEU A 296 -34.29 -31.83 -17.08
N LEU A 297 -33.43 -31.97 -18.08
CA LEU A 297 -33.92 -32.12 -19.45
C LEU A 297 -34.71 -33.42 -19.62
N GLU A 298 -34.27 -34.49 -18.95
CA GLU A 298 -35.01 -35.74 -18.99
C GLU A 298 -36.37 -35.58 -18.31
N TYR A 299 -36.41 -34.80 -17.21
CA TYR A 299 -37.69 -34.52 -16.57
C TYR A 299 -38.63 -33.78 -17.51
N ALA A 300 -38.11 -32.77 -18.22
CA ALA A 300 -38.93 -32.03 -19.18
C ALA A 300 -39.40 -32.94 -20.30
N LEU A 301 -38.52 -33.84 -20.77
CA LEU A 301 -38.90 -34.76 -21.84
C LEU A 301 -40.01 -35.70 -21.41
N VAL A 302 -39.89 -36.31 -20.23
CA VAL A 302 -40.94 -37.23 -19.78
C VAL A 302 -42.23 -36.48 -19.49
N ASN A 303 -42.13 -35.23 -19.05
CA ASN A 303 -43.34 -34.42 -18.88
C ASN A 303 -44.00 -34.14 -20.22
N TYR A 304 -43.19 -33.97 -21.28
CA TYR A 304 -43.76 -33.77 -22.61
C TYR A 304 -44.42 -35.04 -23.13
N ILE A 305 -43.73 -36.18 -23.01
CA ILE A 305 -44.26 -37.48 -23.45
C ILE A 305 -45.22 -38.09 -22.42
N PHE A 306 -45.44 -37.42 -21.27
CA PHE A 306 -46.34 -37.97 -20.25
C PHE A 306 -47.77 -38.10 -20.76
N PHE A 307 -48.25 -37.09 -21.49
CA PHE A 307 -49.65 -37.08 -21.92
C PHE A 307 -49.86 -37.85 -23.22
N SER A 308 -48.83 -37.98 -24.05
CA SER A 308 -48.97 -38.75 -25.28
C SER A 308 -49.00 -40.25 -24.99
N GLN A 309 -48.17 -40.72 -24.07
CA GLN A 309 -48.18 -42.12 -23.64
C GLN A 309 -47.52 -42.26 -22.27
N PRO A 310 -48.18 -42.81 -21.23
CA PRO A 310 -47.50 -42.94 -19.93
C PRO A 310 -46.60 -44.16 -19.81
N ALA A 311 -46.76 -45.16 -20.69
CA ALA A 311 -45.89 -46.32 -20.64
C ALA A 311 -44.45 -45.94 -20.93
N ARG A 312 -44.23 -45.09 -21.94
CA ARG A 312 -42.89 -44.60 -22.21
C ARG A 312 -42.37 -43.74 -21.07
N ALA A 313 -43.25 -43.00 -20.40
CA ALA A 313 -42.84 -42.19 -19.26
C ALA A 313 -42.30 -43.07 -18.13
N ALA A 314 -43.05 -44.12 -17.79
CA ALA A 314 -42.61 -45.05 -16.75
C ALA A 314 -41.33 -45.77 -17.16
N ALA A 315 -41.24 -46.18 -18.44
CA ALA A 315 -40.05 -46.88 -18.91
C ALA A 315 -38.81 -45.99 -18.85
N ILE A 316 -38.93 -44.72 -19.27
CA ILE A 316 -37.79 -43.81 -19.24
C ILE A 316 -37.41 -43.47 -17.81
N ASP A 317 -38.39 -43.36 -16.91
CA ASP A 317 -38.07 -43.10 -15.51
C ASP A 317 -37.31 -44.27 -14.89
N ARG A 318 -37.75 -45.50 -15.18
CA ARG A 318 -37.03 -46.68 -14.71
C ARG A 318 -35.63 -46.74 -15.33
N TRP A 319 -35.52 -46.39 -16.62
CA TRP A 319 -34.23 -46.39 -17.31
C TRP A 319 -33.26 -45.42 -16.65
N SER A 320 -33.72 -44.22 -16.33
CA SER A 320 -32.89 -43.24 -15.64
C SER A 320 -32.49 -43.75 -14.27
N ARG A 321 -33.45 -44.33 -13.54
CA ARG A 321 -33.19 -44.83 -12.19
C ARG A 321 -32.11 -45.90 -12.17
N ILE A 322 -32.09 -46.77 -13.18
CA ILE A 322 -31.08 -47.83 -13.22
C ILE A 322 -29.73 -47.32 -13.77
N PHE A 323 -29.73 -46.42 -14.77
CA PHE A 323 -28.52 -46.11 -15.53
C PHE A 323 -27.87 -44.76 -15.22
N PHE A 324 -28.46 -43.89 -14.37
CA PHE A 324 -27.76 -42.67 -13.98
C PHE A 324 -26.71 -42.92 -12.90
N PRO A 325 -27.00 -43.70 -11.84
CA PRO A 325 -25.94 -44.04 -10.87
C PRO A 325 -24.74 -44.75 -11.48
N VAL A 326 -24.94 -45.67 -12.43
CA VAL A 326 -23.81 -46.44 -12.95
C VAL A 326 -22.91 -45.55 -13.80
N VAL A 327 -23.48 -44.68 -14.63
CA VAL A 327 -22.65 -43.80 -15.46
C VAL A 327 -21.99 -42.73 -14.61
N PHE A 328 -22.67 -42.27 -13.55
CA PHE A 328 -22.01 -41.35 -12.62
C PHE A 328 -20.84 -42.03 -11.92
N SER A 329 -21.01 -43.28 -11.53
CA SER A 329 -19.91 -44.02 -10.93
C SER A 329 -18.76 -44.20 -11.91
N PHE A 330 -19.09 -44.46 -13.18
CA PHE A 330 -18.06 -44.60 -14.20
C PHE A 330 -17.28 -43.30 -14.37
N PHE A 331 -18.00 -42.17 -14.42
CA PHE A 331 -17.35 -40.86 -14.52
C PHE A 331 -16.47 -40.58 -13.30
N ASN A 332 -16.96 -40.95 -12.12
CA ASN A 332 -16.19 -40.75 -10.89
C ASN A 332 -14.91 -41.58 -10.88
N ILE A 333 -15.01 -42.85 -11.29
CA ILE A 333 -13.83 -43.72 -11.27
C ILE A 333 -12.82 -43.28 -12.31
N VAL A 334 -13.26 -42.92 -13.52
CA VAL A 334 -12.28 -42.52 -14.53
C VAL A 334 -11.63 -41.19 -14.15
N TYR A 335 -12.38 -40.28 -13.52
CA TYR A 335 -11.78 -39.05 -13.01
C TYR A 335 -10.73 -39.33 -11.94
N TRP A 336 -11.10 -40.12 -10.92
CA TRP A 336 -10.21 -40.35 -9.80
C TRP A 336 -9.03 -41.26 -10.17
N LEU A 337 -9.13 -42.02 -11.26
CA LEU A 337 -8.00 -42.83 -11.74
C LEU A 337 -7.14 -42.06 -12.74
N TYR A 338 -7.71 -41.11 -13.48
CA TYR A 338 -6.91 -40.29 -14.37
C TYR A 338 -6.08 -39.27 -13.60
N TYR A 339 -6.70 -38.60 -12.62
CA TYR A 339 -6.05 -37.51 -11.92
C TYR A 339 -5.22 -37.97 -10.73
N VAL A 340 -5.16 -39.27 -10.46
CA VAL A 340 -4.24 -39.81 -9.46
C VAL A 340 -3.48 -40.99 -10.07
N ASP B 10 52.24 -8.79 -3.31
CA ASP B 10 52.13 -7.62 -4.22
C ASP B 10 51.54 -8.04 -5.57
N ASN B 11 50.64 -9.02 -5.53
CA ASN B 11 50.05 -9.53 -6.77
C ASN B 11 49.08 -8.53 -7.39
N THR B 12 48.21 -7.94 -6.57
CA THR B 12 47.17 -7.03 -7.03
C THR B 12 47.58 -5.57 -7.00
N THR B 13 48.82 -5.25 -6.60
CA THR B 13 49.21 -3.85 -6.42
C THR B 13 49.24 -3.11 -7.75
N VAL B 14 49.60 -3.82 -8.83
CA VAL B 14 49.59 -3.21 -10.16
C VAL B 14 48.17 -2.81 -10.55
N PHE B 15 47.22 -3.64 -10.16
CA PHE B 15 45.81 -3.35 -10.56
C PHE B 15 45.28 -2.20 -9.70
N THR B 16 45.65 -2.15 -8.45
CA THR B 16 45.29 -1.01 -7.61
C THR B 16 45.87 0.28 -8.16
N ARG B 17 47.14 0.23 -8.58
CA ARG B 17 47.78 1.41 -9.17
C ARG B 17 47.07 1.84 -10.44
N ILE B 18 46.65 0.87 -11.26
CA ILE B 18 45.97 1.18 -12.50
C ILE B 18 44.65 1.89 -12.22
N LEU B 19 43.87 1.37 -11.25
CA LEU B 19 42.57 1.98 -10.98
C LEU B 19 42.73 3.35 -10.32
N ASP B 20 43.69 3.51 -9.41
CA ASP B 20 43.90 4.81 -8.79
C ASP B 20 44.36 5.84 -9.81
N ARG B 21 45.21 5.42 -10.75
CA ARG B 21 45.54 6.29 -11.88
C ARG B 21 44.32 6.59 -12.73
N LEU B 22 43.40 5.62 -12.84
CA LEU B 22 42.22 5.80 -13.68
C LEU B 22 41.32 6.90 -13.12
N LEU B 23 41.00 6.83 -11.83
CA LEU B 23 40.11 7.80 -11.22
C LEU B 23 40.81 9.09 -10.78
N ASP B 24 42.13 9.21 -10.94
CA ASP B 24 42.83 10.44 -10.60
C ASP B 24 42.43 11.52 -11.60
N GLY B 25 41.81 12.59 -11.12
CA GLY B 25 41.35 13.65 -11.98
C GLY B 25 40.04 13.38 -12.69
N TYR B 26 39.45 12.20 -12.52
CA TYR B 26 38.16 11.89 -13.11
C TYR B 26 37.09 12.66 -12.35
N ASP B 27 36.22 13.37 -13.09
CA ASP B 27 35.01 13.99 -12.55
C ASP B 27 33.82 13.22 -13.12
N ASN B 28 33.04 12.62 -12.22
CA ASN B 28 31.87 11.86 -12.63
C ASN B 28 30.67 12.72 -12.93
N ARG B 29 30.90 14.04 -12.73
CA ARG B 29 29.84 15.06 -12.93
C ARG B 29 29.84 15.62 -14.34
N LEU B 30 30.81 15.24 -15.15
CA LEU B 30 30.90 15.72 -16.56
C LEU B 30 30.78 14.53 -17.52
N ARG B 31 29.83 14.54 -18.44
CA ARG B 31 29.60 13.37 -19.34
C ARG B 31 30.84 13.22 -20.20
N PRO B 32 31.20 11.99 -20.59
CA PRO B 32 32.36 11.82 -21.41
C PRO B 32 32.21 12.60 -22.72
N GLY B 33 32.91 13.74 -22.89
CA GLY B 33 32.89 14.53 -24.14
C GLY B 33 32.03 15.77 -24.01
N LEU B 34 31.76 16.20 -22.79
CA LEU B 34 30.86 17.31 -22.47
C LEU B 34 31.05 18.50 -23.42
N GLY B 35 32.24 18.99 -23.64
CA GLY B 35 32.24 20.19 -24.51
C GLY B 35 32.69 19.94 -25.94
N GLU B 36 32.51 18.74 -26.49
CA GLU B 36 33.08 18.45 -27.82
C GLU B 36 32.14 17.60 -28.66
N ARG B 37 31.72 16.44 -28.17
CA ARG B 37 31.02 15.46 -29.00
C ARG B 37 29.67 15.14 -28.37
N VAL B 38 28.96 14.12 -28.87
CA VAL B 38 27.71 13.64 -28.23
C VAL B 38 28.11 12.36 -27.51
N THR B 39 27.21 11.79 -26.72
CA THR B 39 27.52 10.50 -26.09
C THR B 39 26.60 9.44 -26.65
N GLU B 40 27.17 8.48 -27.37
CA GLU B 40 26.40 7.42 -28.02
C GLU B 40 26.29 6.23 -27.06
N VAL B 41 25.06 5.90 -26.68
CA VAL B 41 24.77 4.85 -25.71
C VAL B 41 24.15 3.67 -26.46
N LYS B 42 24.73 2.49 -26.29
CA LYS B 42 24.29 1.26 -26.94
C LYS B 42 23.55 0.41 -25.91
N THR B 43 22.25 0.26 -26.10
CA THR B 43 21.35 -0.35 -25.13
C THR B 43 20.93 -1.74 -25.57
N ASP B 44 20.64 -2.60 -24.60
CA ASP B 44 20.16 -3.95 -24.85
C ASP B 44 19.40 -4.37 -23.60
N ILE B 45 18.38 -5.19 -23.80
CA ILE B 45 17.50 -5.69 -22.74
C ILE B 45 17.41 -7.20 -22.91
N PHE B 46 17.40 -7.92 -21.79
CA PHE B 46 17.19 -9.37 -21.76
C PHE B 46 16.16 -9.68 -20.69
N VAL B 47 14.97 -10.09 -21.12
CA VAL B 47 13.84 -10.26 -20.22
C VAL B 47 13.92 -11.65 -19.60
N THR B 48 14.37 -11.71 -18.34
CA THR B 48 14.38 -12.98 -17.63
C THR B 48 12.99 -13.47 -17.29
N SER B 49 12.06 -12.56 -17.00
CA SER B 49 10.68 -12.92 -16.72
C SER B 49 9.77 -11.77 -17.11
N PHE B 50 8.69 -12.10 -17.82
CA PHE B 50 7.65 -11.13 -18.17
C PHE B 50 6.49 -11.33 -17.19
N GLY B 51 6.43 -10.48 -16.17
CA GLY B 51 5.55 -10.65 -15.05
C GLY B 51 4.08 -10.55 -15.42
N PRO B 52 3.20 -10.80 -14.45
CA PRO B 52 1.76 -10.81 -14.76
C PRO B 52 1.25 -9.44 -15.12
N VAL B 53 0.26 -9.41 -16.01
CA VAL B 53 -0.36 -8.19 -16.51
C VAL B 53 -1.65 -7.96 -15.74
N SER B 54 -1.79 -6.78 -15.16
CA SER B 54 -2.98 -6.38 -14.42
C SER B 54 -3.81 -5.45 -15.30
N ASP B 55 -5.09 -5.80 -15.47
CA ASP B 55 -5.99 -5.04 -16.35
C ASP B 55 -6.87 -4.07 -15.59
N HIS B 56 -7.11 -4.33 -14.30
CA HIS B 56 -7.78 -3.34 -13.47
C HIS B 56 -6.93 -2.09 -13.32
N ASP B 57 -5.62 -2.27 -13.11
CA ASP B 57 -4.68 -1.17 -12.97
C ASP B 57 -4.10 -0.69 -14.30
N MET B 58 -4.31 -1.41 -15.41
CA MET B 58 -3.74 -1.10 -16.72
C MET B 58 -2.21 -1.00 -16.64
N GLU B 59 -1.60 -2.03 -16.06
CA GLU B 59 -0.17 -2.08 -15.85
C GLU B 59 0.29 -3.52 -16.05
N TYR B 60 1.61 -3.70 -16.04
CA TYR B 60 2.21 -5.02 -16.17
C TYR B 60 3.62 -4.96 -15.57
N THR B 61 4.08 -6.13 -15.14
CA THR B 61 5.39 -6.28 -14.51
C THR B 61 6.33 -7.02 -15.46
N ILE B 62 7.61 -6.64 -15.41
CA ILE B 62 8.64 -7.24 -16.25
C ILE B 62 9.95 -7.20 -15.49
N ASP B 63 10.68 -8.31 -15.53
CA ASP B 63 12.01 -8.46 -14.96
C ASP B 63 13.00 -8.59 -16.10
N VAL B 64 14.05 -7.76 -16.08
CA VAL B 64 14.97 -7.62 -17.19
C VAL B 64 16.39 -7.49 -16.65
N PHE B 65 17.36 -7.86 -17.49
CA PHE B 65 18.74 -7.41 -17.36
C PHE B 65 18.91 -6.24 -18.32
N PHE B 66 18.70 -5.04 -17.83
CA PHE B 66 18.88 -3.85 -18.66
C PHE B 66 20.37 -3.64 -18.86
N ARG B 67 20.78 -3.55 -20.14
CA ARG B 67 22.17 -3.40 -20.52
C ARG B 67 22.39 -2.10 -21.28
N GLN B 68 23.50 -1.43 -20.99
CA GLN B 68 23.93 -0.22 -21.69
C GLN B 68 25.41 -0.34 -22.00
N SER B 69 25.88 0.51 -22.92
CA SER B 69 27.30 0.56 -23.23
C SER B 69 27.62 1.87 -23.93
N TRP B 70 28.78 2.43 -23.60
CA TRP B 70 29.23 3.68 -24.18
C TRP B 70 30.74 3.74 -24.06
N LYS B 71 31.34 4.71 -24.76
CA LYS B 71 32.78 4.90 -24.79
C LYS B 71 33.14 6.11 -23.95
N ASP B 72 34.09 5.94 -23.04
CA ASP B 72 34.64 7.02 -22.23
C ASP B 72 36.16 7.01 -22.41
N GLU B 73 36.67 8.02 -23.12
CA GLU B 73 38.11 8.08 -23.40
C GLU B 73 38.94 8.26 -22.14
N ARG B 74 38.36 8.83 -21.07
CA ARG B 74 39.12 9.07 -19.85
C ARG B 74 39.54 7.79 -19.14
N LEU B 75 38.90 6.65 -19.42
CA LEU B 75 39.13 5.40 -18.70
C LEU B 75 40.00 4.42 -19.47
N LYS B 76 40.88 4.91 -20.34
CA LYS B 76 41.83 4.03 -21.00
C LYS B 76 42.83 3.48 -19.98
N PHE B 77 43.20 2.24 -20.15
CA PHE B 77 44.26 1.71 -19.30
C PHE B 77 45.13 0.87 -20.21
N LYS B 78 46.12 0.26 -19.63
CA LYS B 78 47.05 -0.64 -20.31
C LYS B 78 47.69 -1.49 -19.24
N GLY B 79 47.50 -2.78 -19.17
CA GLY B 79 48.23 -3.47 -18.10
C GLY B 79 48.35 -4.95 -18.31
N PRO B 80 48.45 -5.75 -17.25
CA PRO B 80 48.43 -7.17 -17.42
C PRO B 80 47.08 -7.77 -17.79
N MET B 81 46.01 -6.98 -17.98
CA MET B 81 44.75 -7.62 -18.44
C MET B 81 44.01 -6.64 -19.34
N THR B 82 43.15 -7.17 -20.21
CA THR B 82 42.49 -6.30 -21.22
C THR B 82 41.11 -5.88 -20.73
N VAL B 83 40.51 -6.64 -19.82
CA VAL B 83 39.17 -6.29 -19.27
C VAL B 83 39.22 -6.31 -17.74
N LEU B 84 38.92 -5.17 -17.10
CA LEU B 84 38.89 -5.09 -15.61
C LEU B 84 37.46 -5.28 -15.13
N ARG B 85 36.97 -6.49 -15.12
CA ARG B 85 35.64 -6.79 -14.52
C ARG B 85 35.68 -6.27 -13.09
N LEU B 86 34.89 -5.24 -12.81
CA LEU B 86 34.94 -4.61 -11.51
C LEU B 86 33.65 -4.82 -10.73
N ASN B 87 33.74 -4.60 -9.43
CA ASN B 87 32.59 -4.73 -8.55
C ASN B 87 31.59 -3.61 -8.82
N ASN B 88 30.39 -3.78 -8.27
CA ASN B 88 29.30 -2.84 -8.52
C ASN B 88 29.55 -1.44 -7.96
N LEU B 89 30.34 -1.31 -6.89
CA LEU B 89 30.53 0.00 -6.28
C LEU B 89 31.32 0.97 -7.15
N MET B 90 32.07 0.47 -8.13
CA MET B 90 32.80 1.36 -9.02
C MET B 90 31.87 2.17 -9.92
N ALA B 91 30.66 1.67 -10.20
CA ALA B 91 29.74 2.38 -11.07
C ALA B 91 29.33 3.72 -10.49
N SER B 92 29.25 3.81 -9.16
CA SER B 92 29.05 5.11 -8.52
C SER B 92 30.22 6.04 -8.79
N LYS B 93 31.45 5.55 -8.72
CA LYS B 93 32.63 6.38 -8.90
C LYS B 93 32.83 6.86 -10.33
N ILE B 94 32.15 6.27 -11.32
CA ILE B 94 32.32 6.55 -12.74
C ILE B 94 31.00 7.10 -13.26
N TRP B 95 31.10 7.96 -14.28
CA TRP B 95 29.91 8.49 -14.94
C TRP B 95 29.11 7.35 -15.55
N THR B 96 27.79 7.40 -15.38
CA THR B 96 26.84 6.49 -16.00
C THR B 96 25.65 7.31 -16.49
N PRO B 97 24.96 6.89 -17.55
CA PRO B 97 23.82 7.68 -18.03
C PRO B 97 22.63 7.55 -17.10
N ASP B 98 21.80 8.59 -17.10
CA ASP B 98 20.62 8.67 -16.23
C ASP B 98 19.38 8.24 -17.00
N THR B 99 19.41 6.98 -17.42
CA THR B 99 18.28 6.36 -18.11
C THR B 99 17.11 6.21 -17.16
N PHE B 100 15.90 6.29 -17.69
CA PHE B 100 14.68 6.09 -16.92
C PHE B 100 13.58 5.66 -17.87
N PHE B 101 12.55 5.02 -17.31
CA PHE B 101 11.43 4.49 -18.08
C PHE B 101 10.30 5.51 -18.05
N HIS B 102 9.90 5.99 -19.24
CA HIS B 102 8.93 7.06 -19.33
C HIS B 102 7.58 6.66 -18.75
N ASN B 103 7.08 5.49 -19.12
CA ASN B 103 5.81 4.96 -18.64
C ASN B 103 5.97 4.04 -17.44
N GLY B 104 7.07 4.18 -16.70
CA GLY B 104 7.28 3.36 -15.51
C GLY B 104 6.56 3.93 -14.29
N LYS B 105 5.75 3.08 -13.66
CA LYS B 105 5.02 3.44 -12.45
C LYS B 105 5.84 3.17 -11.20
N LYS B 106 6.45 1.98 -11.14
CA LYS B 106 7.20 1.49 -9.98
C LYS B 106 8.23 0.48 -10.47
N SER B 107 9.48 0.93 -10.56
CA SER B 107 10.61 0.11 -10.94
C SER B 107 11.58 0.01 -9.78
N VAL B 108 12.02 -1.21 -9.49
CA VAL B 108 12.89 -1.53 -8.37
C VAL B 108 14.14 -2.20 -8.91
N ALA B 109 15.31 -1.70 -8.50
CA ALA B 109 16.60 -2.29 -8.83
C ALA B 109 17.02 -3.17 -7.66
N HIS B 110 16.97 -4.48 -7.87
CA HIS B 110 17.25 -5.43 -6.80
C HIS B 110 18.70 -5.33 -6.35
N ASN B 111 18.92 -5.37 -5.04
CA ASN B 111 20.25 -5.28 -4.44
C ASN B 111 20.40 -6.30 -3.32
N MET B 112 19.93 -7.51 -3.59
CA MET B 112 20.07 -8.67 -2.72
C MET B 112 21.09 -9.61 -3.36
N THR B 113 22.15 -10.01 -2.66
CA THR B 113 22.71 -9.66 -1.35
C THR B 113 23.61 -8.42 -1.47
N MET B 114 24.14 -8.17 -2.65
CA MET B 114 24.86 -6.95 -3.00
C MET B 114 24.08 -6.26 -4.10
N PRO B 115 24.46 -5.04 -4.50
CA PRO B 115 23.79 -4.39 -5.63
C PRO B 115 23.95 -5.20 -6.91
N ASN B 116 22.81 -5.60 -7.49
CA ASN B 116 22.83 -6.42 -8.69
C ASN B 116 23.23 -5.57 -9.89
N LYS B 117 24.51 -5.24 -9.99
CA LYS B 117 25.06 -4.41 -11.05
C LYS B 117 26.42 -4.93 -11.41
N LEU B 118 26.83 -4.64 -12.64
CA LEU B 118 28.05 -5.13 -13.25
C LEU B 118 28.75 -3.96 -13.91
N LEU B 119 30.05 -4.05 -14.08
CA LEU B 119 30.81 -3.05 -14.82
C LEU B 119 32.02 -3.74 -15.45
N ARG B 120 32.18 -3.54 -16.75
CA ARG B 120 33.29 -4.08 -17.54
C ARG B 120 33.91 -2.95 -18.30
N ILE B 121 35.18 -2.67 -18.04
CA ILE B 121 35.93 -1.60 -18.67
C ILE B 121 36.98 -2.28 -19.55
N THR B 122 36.84 -2.09 -20.86
CA THR B 122 37.79 -2.61 -21.83
C THR B 122 38.94 -1.63 -22.02
N GLU B 123 40.17 -2.06 -22.24
CA GLU B 123 41.26 -1.04 -22.30
C GLU B 123 40.98 0.05 -23.34
N ASP B 124 40.38 -0.27 -24.48
CA ASP B 124 40.15 0.86 -25.38
C ASP B 124 39.24 1.93 -24.79
N GLY B 125 38.56 1.65 -23.67
CA GLY B 125 37.68 2.59 -22.99
C GLY B 125 36.21 2.26 -23.06
N THR B 126 35.81 1.21 -23.76
CA THR B 126 34.41 0.83 -23.84
C THR B 126 33.91 0.38 -22.47
N LEU B 127 32.63 0.67 -22.20
CA LEU B 127 31.97 0.33 -20.96
C LEU B 127 30.74 -0.54 -21.24
N LEU B 128 30.36 -1.33 -20.24
CA LEU B 128 29.21 -2.23 -20.31
C LEU B 128 28.67 -2.34 -18.89
N TYR B 129 27.67 -1.52 -18.58
CA TYR B 129 27.11 -1.35 -17.25
C TYR B 129 25.71 -1.94 -17.25
N THR B 130 25.61 -3.22 -16.91
CA THR B 130 24.36 -3.96 -17.00
C THR B 130 23.77 -4.00 -15.60
N MET B 131 22.44 -3.88 -15.48
CA MET B 131 21.75 -3.92 -14.20
C MET B 131 20.58 -4.88 -14.26
N ARG B 132 20.21 -5.40 -13.10
CA ARG B 132 19.01 -6.21 -12.90
C ARG B 132 17.97 -5.33 -12.23
N LEU B 133 16.74 -5.38 -12.72
CA LEU B 133 15.69 -4.57 -12.15
C LEU B 133 14.34 -5.02 -12.68
N THR B 134 13.34 -5.03 -11.80
CA THR B 134 11.95 -5.27 -12.17
C THR B 134 11.29 -3.92 -12.40
N VAL B 135 10.50 -3.83 -13.47
CA VAL B 135 9.82 -2.60 -13.86
C VAL B 135 8.32 -2.88 -13.90
N ARG B 136 7.55 -1.96 -13.33
CA ARG B 136 6.09 -1.95 -13.41
C ARG B 136 5.70 -0.74 -14.24
N ALA B 137 5.15 -1.00 -15.43
CA ALA B 137 4.99 0.02 -16.46
C ALA B 137 3.52 0.17 -16.85
N GLU B 138 3.20 1.36 -17.34
CA GLU B 138 1.83 1.70 -17.70
C GLU B 138 1.51 1.18 -19.10
N CYS B 139 0.40 0.45 -19.22
CA CYS B 139 -0.08 -0.12 -20.48
C CYS B 139 -1.51 0.34 -20.69
N PRO B 140 -1.74 1.44 -21.42
CA PRO B 140 -3.13 1.84 -21.68
C PRO B 140 -3.83 0.84 -22.60
N MET B 141 -4.99 0.35 -22.15
CA MET B 141 -5.73 -0.71 -22.81
C MET B 141 -7.10 -0.19 -23.26
N HIS B 142 -7.53 -0.68 -24.42
CA HIS B 142 -8.87 -0.43 -24.95
C HIS B 142 -9.66 -1.73 -24.81
N LEU B 143 -10.38 -1.85 -23.69
CA LEU B 143 -11.04 -3.11 -23.33
C LEU B 143 -12.47 -3.18 -23.88
N GLU B 144 -12.62 -2.92 -25.18
CA GLU B 144 -13.91 -3.02 -25.84
C GLU B 144 -14.18 -4.43 -26.34
N ASP B 145 -13.14 -5.14 -26.77
CA ASP B 145 -13.24 -6.50 -27.27
C ASP B 145 -13.02 -7.54 -26.16
N PHE B 146 -13.24 -7.18 -24.91
CA PHE B 146 -12.96 -8.08 -23.81
C PHE B 146 -13.95 -9.25 -23.84
N PRO B 147 -13.51 -10.51 -23.60
CA PRO B 147 -12.17 -11.07 -23.36
C PRO B 147 -11.56 -11.65 -24.63
N MET B 148 -11.59 -10.88 -25.73
CA MET B 148 -10.96 -11.24 -27.01
C MET B 148 -10.20 -10.04 -27.55
N ASP B 149 -9.41 -9.41 -26.68
CA ASP B 149 -8.66 -8.20 -26.98
C ASP B 149 -7.18 -8.50 -27.03
N ALA B 150 -6.46 -7.74 -27.86
CA ALA B 150 -5.02 -7.84 -28.02
C ALA B 150 -4.41 -6.48 -27.78
N HIS B 151 -3.37 -6.44 -26.95
CA HIS B 151 -2.69 -5.22 -26.54
C HIS B 151 -1.24 -5.26 -26.97
N ALA B 152 -0.69 -4.07 -27.20
CA ALA B 152 0.74 -3.86 -27.43
C ALA B 152 1.22 -2.97 -26.29
N CYS B 153 1.55 -3.59 -25.17
CA CYS B 153 1.89 -2.84 -23.98
C CYS B 153 3.30 -2.28 -24.11
N PRO B 154 3.53 -0.96 -24.06
CA PRO B 154 4.85 -0.44 -24.38
C PRO B 154 5.81 -0.47 -23.19
N LEU B 155 7.09 -0.28 -23.49
CA LEU B 155 8.13 -0.02 -22.48
C LEU B 155 9.06 1.03 -23.07
N LYS B 156 8.72 2.30 -22.84
CA LYS B 156 9.52 3.41 -23.33
C LYS B 156 10.59 3.78 -22.31
N PHE B 157 11.70 4.29 -22.82
CA PHE B 157 12.75 4.83 -21.96
C PHE B 157 13.64 5.74 -22.78
N GLY B 158 14.15 6.78 -22.14
CA GLY B 158 15.02 7.77 -22.75
C GLY B 158 16.15 8.17 -21.83
N SER B 159 16.30 9.46 -21.58
CA SER B 159 17.23 9.95 -20.57
C SER B 159 16.66 11.21 -19.95
N TYR B 160 16.77 11.31 -18.63
CA TYR B 160 16.38 12.53 -17.94
C TYR B 160 17.44 13.59 -18.16
N ALA B 161 17.00 14.77 -18.60
CA ALA B 161 17.79 16.00 -18.59
C ALA B 161 18.88 16.12 -19.64
N TYR B 162 19.19 15.05 -20.39
CA TYR B 162 20.22 15.06 -21.43
C TYR B 162 19.50 15.04 -22.77
N THR B 163 19.53 16.16 -23.47
CA THR B 163 18.79 16.28 -24.71
C THR B 163 19.45 15.44 -25.81
N ARG B 164 18.79 15.41 -26.98
CA ARG B 164 19.31 14.70 -28.14
C ARG B 164 20.66 15.23 -28.59
N ALA B 165 20.94 16.51 -28.38
CA ALA B 165 22.25 17.06 -28.70
C ALA B 165 23.34 16.57 -27.76
N GLU B 166 23.01 15.97 -26.63
CA GLU B 166 23.96 15.59 -25.58
C GLU B 166 24.10 14.09 -25.40
N VAL B 167 22.99 13.35 -25.38
CA VAL B 167 22.99 11.89 -25.26
C VAL B 167 22.01 11.34 -26.28
N VAL B 168 22.46 10.36 -27.06
CA VAL B 168 21.65 9.66 -28.05
C VAL B 168 21.80 8.17 -27.81
N TYR B 169 20.68 7.46 -27.80
CA TYR B 169 20.64 6.03 -27.54
C TYR B 169 20.56 5.24 -28.85
N GLU B 170 20.92 3.97 -28.77
CA GLU B 170 20.86 3.07 -29.92
C GLU B 170 20.92 1.64 -29.39
N TRP B 171 20.59 0.70 -30.27
CA TRP B 171 20.66 -0.73 -29.95
C TRP B 171 22.04 -1.27 -30.28
N THR B 172 22.52 -2.20 -29.46
CA THR B 172 23.88 -2.73 -29.66
C THR B 172 23.91 -3.76 -30.80
N ARG B 173 22.85 -4.56 -30.94
CA ARG B 173 22.69 -5.56 -31.99
C ARG B 173 21.59 -5.08 -32.92
N GLU B 174 21.17 -5.94 -33.84
CA GLU B 174 20.09 -5.59 -34.75
C GLU B 174 18.82 -5.33 -33.93
N PRO B 175 17.95 -4.37 -34.34
CA PRO B 175 16.76 -4.10 -33.53
C PRO B 175 15.83 -5.29 -33.36
N ALA B 176 15.73 -6.15 -34.37
CA ALA B 176 14.93 -7.36 -34.22
C ALA B 176 15.55 -8.36 -33.25
N ARG B 177 16.86 -8.24 -32.95
CA ARG B 177 17.58 -9.17 -32.06
C ARG B 177 18.26 -8.41 -30.93
N SER B 178 17.56 -7.46 -30.32
CA SER B 178 18.04 -6.68 -29.18
C SER B 178 17.25 -6.95 -27.91
N VAL B 179 15.93 -6.86 -27.96
CA VAL B 179 15.07 -7.23 -26.84
C VAL B 179 14.84 -8.73 -26.93
N VAL B 180 15.57 -9.48 -26.11
CA VAL B 180 15.54 -10.94 -26.12
C VAL B 180 14.73 -11.39 -24.91
N VAL B 181 13.77 -12.29 -25.14
CA VAL B 181 12.90 -12.82 -24.10
C VAL B 181 13.35 -14.24 -23.79
N ALA B 182 13.49 -14.54 -22.50
CA ALA B 182 13.98 -15.85 -22.09
C ALA B 182 12.97 -16.94 -22.45
N GLU B 183 13.47 -18.18 -22.52
CA GLU B 183 12.67 -19.28 -23.01
C GLU B 183 11.51 -19.62 -22.05
N ASP B 184 11.71 -19.42 -20.75
CA ASP B 184 10.74 -19.75 -19.70
C ASP B 184 10.43 -18.52 -18.83
N GLY B 185 10.50 -17.33 -19.43
CA GLY B 185 10.17 -16.10 -18.73
C GLY B 185 8.71 -15.73 -18.75
N SER B 186 7.86 -16.59 -19.30
CA SER B 186 6.44 -16.29 -19.45
C SER B 186 5.74 -16.52 -18.12
N ARG B 187 5.79 -15.51 -17.24
CA ARG B 187 4.99 -15.52 -16.03
C ARG B 187 3.54 -15.11 -16.26
N LEU B 188 3.12 -14.87 -17.49
CA LEU B 188 1.72 -14.57 -17.76
C LEU B 188 0.86 -15.81 -17.55
N ASN B 189 -0.20 -15.55 -16.81
CA ASN B 189 -1.17 -16.61 -16.51
C ASN B 189 -2.38 -16.35 -17.40
N GLN B 190 -2.70 -15.10 -17.67
CA GLN B 190 -3.94 -14.78 -18.44
C GLN B 190 -3.67 -14.24 -19.84
N TYR B 191 -2.43 -13.95 -20.17
CA TYR B 191 -2.12 -13.34 -21.47
C TYR B 191 -1.07 -14.21 -22.14
N ASP B 192 -1.03 -14.19 -23.44
CA ASP B 192 -0.10 -14.96 -24.25
C ASP B 192 0.81 -14.00 -25.01
N LEU B 193 2.11 -14.12 -24.82
CA LEU B 193 3.07 -13.23 -25.46
C LEU B 193 3.36 -13.70 -26.88
N LEU B 194 3.06 -12.86 -27.86
CA LEU B 194 3.24 -13.20 -29.27
C LEU B 194 4.60 -12.78 -29.81
N GLY B 195 5.10 -11.63 -29.39
CA GLY B 195 6.42 -11.21 -29.84
C GLY B 195 6.73 -9.82 -29.35
N GLN B 196 7.99 -9.43 -29.55
CA GLN B 196 8.51 -8.12 -29.17
C GLN B 196 8.58 -7.24 -30.41
N THR B 197 8.74 -5.94 -30.17
CA THR B 197 8.74 -4.96 -31.24
C THR B 197 9.42 -3.70 -30.72
N VAL B 198 10.60 -3.38 -31.25
CA VAL B 198 11.36 -2.20 -30.84
C VAL B 198 11.12 -1.07 -31.85
N ASP B 199 11.42 0.14 -31.42
CA ASP B 199 11.31 1.31 -32.27
C ASP B 199 12.06 2.41 -31.54
N SER B 200 12.55 3.39 -32.30
CA SER B 200 13.30 4.53 -31.79
C SER B 200 12.75 5.81 -32.39
N GLY B 201 12.80 6.88 -31.61
CA GLY B 201 12.24 8.14 -32.05
C GLY B 201 12.61 9.25 -31.10
N ILE B 202 12.05 10.43 -31.37
CA ILE B 202 12.32 11.66 -30.65
C ILE B 202 11.01 12.17 -30.07
N VAL B 203 11.06 12.65 -28.82
CA VAL B 203 9.96 13.39 -28.19
C VAL B 203 10.42 14.82 -27.95
N GLN B 204 9.48 15.64 -27.52
CA GLN B 204 9.69 17.03 -27.16
C GLN B 204 8.98 17.29 -25.84
N SER B 205 9.70 17.93 -24.90
CA SER B 205 9.13 18.32 -23.61
C SER B 205 9.43 19.80 -23.38
N SER B 206 9.11 20.29 -22.18
CA SER B 206 9.36 21.69 -21.86
C SER B 206 10.84 22.03 -21.82
N THR B 207 11.73 21.04 -21.60
CA THR B 207 13.16 21.27 -21.51
C THR B 207 13.87 21.15 -22.86
N GLY B 208 13.33 20.38 -23.80
CA GLY B 208 13.95 20.21 -25.10
C GLY B 208 13.55 18.93 -25.78
N GLU B 209 14.42 18.41 -26.63
CA GLU B 209 14.21 17.18 -27.40
C GLU B 209 15.09 16.09 -26.83
N TYR B 210 14.55 14.87 -26.78
CA TYR B 210 15.23 13.71 -26.20
C TYR B 210 15.04 12.52 -27.12
N VAL B 211 16.00 11.60 -27.06
CA VAL B 211 15.88 10.32 -27.74
C VAL B 211 15.08 9.38 -26.84
N VAL B 212 14.04 8.77 -27.42
CA VAL B 212 13.22 7.77 -26.74
C VAL B 212 13.42 6.46 -27.47
N MET B 213 13.63 5.38 -26.72
CA MET B 213 13.81 4.05 -27.27
C MET B 213 12.62 3.19 -26.84
N THR B 214 11.74 2.89 -27.79
CA THR B 214 10.47 2.27 -27.54
C THR B 214 10.55 0.77 -27.75
N THR B 215 9.87 0.02 -26.90
CA THR B 215 9.63 -1.41 -27.07
C THR B 215 8.14 -1.63 -26.94
N HIS B 216 7.64 -2.66 -27.62
CA HIS B 216 6.24 -3.06 -27.55
C HIS B 216 6.17 -4.57 -27.43
N PHE B 217 5.47 -5.04 -26.41
CA PHE B 217 5.19 -6.46 -26.21
C PHE B 217 3.75 -6.73 -26.62
N HIS B 218 3.58 -7.51 -27.69
CA HIS B 218 2.25 -7.79 -28.22
C HIS B 218 1.65 -8.95 -27.43
N LEU B 219 0.50 -8.70 -26.81
CA LEU B 219 -0.22 -9.67 -26.00
C LEU B 219 -1.59 -9.93 -26.61
N LYS B 220 -2.08 -11.15 -26.38
CA LYS B 220 -3.42 -11.56 -26.78
C LYS B 220 -4.02 -12.25 -25.56
N ARG B 221 -5.21 -11.87 -25.13
CA ARG B 221 -5.75 -12.52 -23.92
C ARG B 221 -6.16 -13.95 -24.26
N LYS B 222 -6.00 -14.87 -23.34
CA LYS B 222 -6.47 -16.24 -23.52
C LYS B 222 -7.98 -16.35 -23.23
N ILE B 223 -8.84 -16.75 -24.19
CA ILE B 223 -10.33 -16.80 -24.06
C ILE B 223 -10.81 -18.13 -23.48
N GLY B 224 -9.95 -18.90 -22.88
CA GLY B 224 -10.22 -20.28 -22.50
C GLY B 224 -10.93 -20.44 -21.17
N TYR B 225 -11.01 -19.37 -20.37
CA TYR B 225 -11.62 -19.39 -19.05
C TYR B 225 -12.97 -18.70 -19.00
N PHE B 226 -13.14 -17.64 -19.77
CA PHE B 226 -14.43 -16.95 -19.84
C PHE B 226 -15.46 -17.73 -20.63
N VAL B 227 -15.06 -18.73 -21.41
CA VAL B 227 -16.03 -19.62 -22.03
C VAL B 227 -16.74 -20.44 -20.96
N ILE B 228 -15.97 -21.02 -20.03
CA ILE B 228 -16.55 -21.90 -19.02
C ILE B 228 -17.14 -21.09 -17.87
N GLN B 229 -16.51 -19.96 -17.52
CA GLN B 229 -17.03 -19.14 -16.45
C GLN B 229 -18.37 -18.52 -16.81
N THR B 230 -18.47 -17.90 -17.99
CA THR B 230 -19.61 -17.10 -18.39
C THR B 230 -20.39 -17.70 -19.56
N TYR B 231 -19.75 -17.93 -20.71
CA TYR B 231 -20.50 -18.14 -21.94
C TYR B 231 -21.22 -19.49 -21.95
N LEU B 232 -20.55 -20.56 -21.53
CA LEU B 232 -21.21 -21.86 -21.53
C LEU B 232 -22.35 -21.94 -20.52
N PRO B 233 -22.17 -21.52 -19.24
CA PRO B 233 -23.35 -21.46 -18.34
C PRO B 233 -24.45 -20.57 -18.85
N CYS B 234 -24.09 -19.43 -19.47
CA CYS B 234 -25.09 -18.53 -20.01
C CYS B 234 -25.89 -19.19 -21.13
N ILE B 235 -25.21 -19.79 -22.11
CA ILE B 235 -25.88 -20.41 -23.25
C ILE B 235 -26.74 -21.57 -22.78
N MET B 236 -26.23 -22.37 -21.84
CA MET B 236 -27.02 -23.48 -21.30
C MET B 236 -28.25 -22.97 -20.58
N THR B 237 -28.16 -21.78 -19.95
CA THR B 237 -29.32 -21.26 -19.26
C THR B 237 -30.33 -20.64 -20.22
N VAL B 238 -29.88 -20.07 -21.34
CA VAL B 238 -30.85 -19.65 -22.36
C VAL B 238 -31.56 -20.86 -22.95
N ILE B 239 -30.84 -21.97 -23.11
CA ILE B 239 -31.51 -23.19 -23.57
C ILE B 239 -32.51 -23.68 -22.52
N LEU B 240 -32.15 -23.59 -21.24
CA LEU B 240 -33.06 -24.00 -20.18
C LEU B 240 -34.28 -23.08 -20.12
N SER B 241 -34.08 -21.79 -20.35
CA SER B 241 -35.22 -20.87 -20.50
C SER B 241 -36.07 -21.26 -21.70
N GLN B 242 -35.43 -21.75 -22.76
CA GLN B 242 -36.16 -22.19 -23.94
C GLN B 242 -36.86 -23.53 -23.75
N VAL B 243 -36.57 -24.26 -22.66
CA VAL B 243 -37.33 -25.48 -22.38
C VAL B 243 -38.78 -25.15 -21.99
N SER B 244 -39.05 -23.92 -21.51
CA SER B 244 -40.40 -23.53 -21.12
C SER B 244 -41.41 -23.62 -22.25
N PHE B 245 -41.00 -23.36 -23.50
CA PHE B 245 -41.95 -23.40 -24.60
C PHE B 245 -42.43 -24.81 -24.91
N TRP B 246 -41.72 -25.85 -24.46
CA TRP B 246 -42.15 -27.23 -24.63
C TRP B 246 -43.07 -27.72 -23.53
N LEU B 247 -43.30 -26.95 -22.46
CA LEU B 247 -44.18 -27.35 -21.37
C LEU B 247 -45.61 -26.91 -21.66
N ASN B 248 -46.57 -27.69 -21.16
CA ASN B 248 -47.97 -27.33 -21.28
C ASN B 248 -48.30 -26.16 -20.36
N ARG B 249 -49.28 -25.35 -20.77
CA ARG B 249 -49.62 -24.15 -20.03
C ARG B 249 -50.30 -24.44 -18.69
N GLU B 250 -50.81 -25.65 -18.48
CA GLU B 250 -51.56 -25.94 -17.27
C GLU B 250 -50.70 -25.88 -16.02
N SER B 251 -49.41 -26.17 -16.12
CA SER B 251 -48.50 -26.16 -14.97
C SER B 251 -47.97 -24.73 -14.81
N VAL B 252 -48.88 -23.83 -14.40
CA VAL B 252 -48.51 -22.44 -14.19
C VAL B 252 -47.47 -22.28 -13.08
N PRO B 253 -47.60 -22.92 -11.90
CA PRO B 253 -46.51 -22.85 -10.92
C PRO B 253 -45.17 -23.37 -11.44
N ALA B 254 -45.18 -24.44 -12.23
CA ALA B 254 -43.94 -24.97 -12.80
C ALA B 254 -43.29 -23.97 -13.73
N ARG B 255 -44.07 -23.42 -14.65
CA ARG B 255 -43.48 -22.51 -15.64
C ARG B 255 -43.06 -21.19 -15.00
N THR B 256 -43.79 -20.69 -14.01
CA THR B 256 -43.39 -19.42 -13.41
C THR B 256 -42.18 -19.59 -12.50
N VAL B 257 -42.05 -20.73 -11.81
CA VAL B 257 -40.83 -20.94 -11.03
C VAL B 257 -39.63 -21.09 -11.96
N PHE B 258 -39.85 -21.77 -13.11
CA PHE B 258 -38.83 -21.88 -14.16
C PHE B 258 -38.36 -20.50 -14.59
N GLY B 259 -39.33 -19.63 -14.88
CA GLY B 259 -39.00 -18.30 -15.39
C GLY B 259 -38.29 -17.44 -14.37
N VAL B 260 -38.82 -17.37 -13.13
CA VAL B 260 -38.23 -16.48 -12.13
C VAL B 260 -36.86 -16.97 -11.73
N THR B 261 -36.66 -18.30 -11.69
CA THR B 261 -35.32 -18.83 -11.45
C THR B 261 -34.36 -18.47 -12.58
N THR B 262 -34.85 -18.44 -13.83
CA THR B 262 -33.99 -18.05 -14.94
C THR B 262 -33.55 -16.60 -14.84
N VAL B 263 -34.48 -15.70 -14.49
CA VAL B 263 -34.08 -14.29 -14.33
C VAL B 263 -33.12 -14.15 -13.15
N LEU B 264 -33.38 -14.86 -12.05
CA LEU B 264 -32.54 -14.72 -10.87
C LEU B 264 -31.12 -15.24 -11.14
N THR B 265 -31.00 -16.37 -11.84
CA THR B 265 -29.67 -16.89 -12.10
C THR B 265 -28.94 -16.04 -13.15
N MET B 266 -29.69 -15.39 -14.07
CA MET B 266 -29.07 -14.36 -14.90
C MET B 266 -28.52 -13.21 -14.08
N THR B 267 -29.26 -12.76 -13.06
CA THR B 267 -28.72 -11.70 -12.20
C THR B 267 -27.45 -12.16 -11.48
N THR B 268 -27.44 -13.40 -10.98
CA THR B 268 -26.26 -13.89 -10.26
C THR B 268 -25.06 -14.01 -11.20
N LEU B 269 -25.25 -14.59 -12.38
CA LEU B 269 -24.13 -14.74 -13.30
C LEU B 269 -23.66 -13.40 -13.84
N SER B 270 -24.58 -12.44 -14.01
CA SER B 270 -24.17 -11.13 -14.49
C SER B 270 -23.35 -10.38 -13.46
N ILE B 271 -23.78 -10.39 -12.19
CA ILE B 271 -23.00 -9.69 -11.17
C ILE B 271 -21.69 -10.43 -10.92
N SER B 272 -21.70 -11.77 -11.04
CA SER B 272 -20.47 -12.53 -10.93
C SER B 272 -19.48 -12.18 -12.04
N ALA B 273 -19.94 -12.09 -13.28
CA ALA B 273 -19.07 -11.70 -14.39
C ALA B 273 -18.66 -10.24 -14.33
N ARG B 274 -19.44 -9.37 -13.69
CA ARG B 274 -19.11 -7.96 -13.69
C ARG B 274 -17.88 -7.66 -12.86
N ASN B 275 -17.64 -8.40 -11.78
CA ASN B 275 -16.40 -8.27 -11.04
C ASN B 275 -15.25 -8.99 -11.73
N SER B 276 -15.54 -10.06 -12.49
CA SER B 276 -14.49 -10.71 -13.26
C SER B 276 -13.92 -9.78 -14.32
N LEU B 277 -14.79 -9.07 -15.05
CA LEU B 277 -14.34 -8.07 -16.00
C LEU B 277 -13.94 -6.79 -15.27
N PRO B 278 -12.97 -6.01 -15.74
CA PRO B 278 -12.44 -4.94 -14.90
C PRO B 278 -13.30 -3.68 -14.89
N LYS B 279 -12.97 -2.81 -13.93
CA LYS B 279 -13.52 -1.46 -13.86
C LYS B 279 -13.31 -0.73 -15.18
N VAL B 280 -14.41 -0.35 -15.84
CA VAL B 280 -14.32 0.26 -17.16
C VAL B 280 -15.58 1.09 -17.46
N ALA B 281 -15.43 2.06 -18.37
CA ALA B 281 -16.42 3.10 -18.61
C ALA B 281 -17.28 2.89 -19.86
N TYR B 282 -17.09 1.80 -20.62
CA TYR B 282 -17.83 1.56 -21.85
C TYR B 282 -18.20 0.09 -21.96
N ALA B 283 -19.13 -0.21 -22.85
CA ALA B 283 -19.67 -1.55 -23.01
C ALA B 283 -18.67 -2.45 -23.74
N THR B 284 -18.47 -3.64 -23.18
CA THR B 284 -17.58 -4.65 -23.73
C THR B 284 -18.39 -5.75 -24.41
N ALA B 285 -17.66 -6.66 -25.06
CA ALA B 285 -18.29 -7.77 -25.75
C ALA B 285 -19.03 -8.68 -24.79
N MET B 286 -18.43 -8.95 -23.62
CA MET B 286 -19.10 -9.79 -22.64
C MET B 286 -20.35 -9.11 -22.09
N ASP B 287 -20.30 -7.79 -21.95
CA ASP B 287 -21.49 -7.07 -21.49
C ASP B 287 -22.59 -7.11 -22.54
N TRP B 288 -22.23 -7.02 -23.83
CA TRP B 288 -23.24 -7.17 -24.87
C TRP B 288 -23.83 -8.57 -24.87
N PHE B 289 -22.99 -9.58 -24.65
CA PHE B 289 -23.48 -10.96 -24.63
C PHE B 289 -24.40 -11.21 -23.45
N ILE B 290 -24.04 -10.73 -22.25
CA ILE B 290 -24.90 -10.94 -21.09
C ILE B 290 -26.20 -10.15 -21.25
N ALA B 291 -26.13 -8.97 -21.87
CA ALA B 291 -27.34 -8.20 -22.12
C ALA B 291 -28.27 -8.94 -23.08
N VAL B 292 -27.73 -9.53 -24.14
CA VAL B 292 -28.58 -10.23 -25.10
C VAL B 292 -29.17 -11.49 -24.48
N CYS B 293 -28.36 -12.21 -23.69
CA CYS B 293 -28.87 -13.43 -23.05
C CYS B 293 -29.98 -13.09 -22.05
N TYR B 294 -29.81 -12.03 -21.27
CA TYR B 294 -30.90 -11.62 -20.39
C TYR B 294 -32.11 -11.17 -21.20
N ALA B 295 -31.89 -10.50 -22.33
CA ALA B 295 -33.03 -10.04 -23.13
C ALA B 295 -33.83 -11.22 -23.64
N PHE B 296 -33.14 -12.30 -24.03
CA PHE B 296 -33.85 -13.50 -24.47
C PHE B 296 -34.58 -14.17 -23.32
N VAL B 297 -33.95 -14.21 -22.13
CA VAL B 297 -34.63 -14.83 -20.97
C VAL B 297 -35.87 -14.03 -20.58
N PHE B 298 -35.76 -12.70 -20.57
CA PHE B 298 -36.90 -11.86 -20.21
C PHE B 298 -37.98 -11.93 -21.28
N SER B 299 -37.58 -12.07 -22.55
CA SER B 299 -38.57 -12.24 -23.60
C SER B 299 -39.30 -13.57 -23.46
N ALA B 300 -38.59 -14.62 -23.05
CA ALA B 300 -39.25 -15.88 -22.74
C ALA B 300 -40.21 -15.72 -21.57
N LEU B 301 -39.81 -14.94 -20.56
CA LEU B 301 -40.68 -14.67 -19.41
C LEU B 301 -41.96 -13.96 -19.83
N ILE B 302 -41.84 -12.90 -20.62
CA ILE B 302 -43.03 -12.15 -21.01
C ILE B 302 -43.88 -12.97 -21.97
N GLU B 303 -43.26 -13.84 -22.79
CA GLU B 303 -44.05 -14.73 -23.64
C GLU B 303 -44.85 -15.73 -22.80
N PHE B 304 -44.23 -16.24 -21.72
CA PHE B 304 -44.98 -17.06 -20.76
C PHE B 304 -46.15 -16.27 -20.17
N ALA B 305 -45.92 -14.99 -19.88
CA ALA B 305 -46.99 -14.17 -19.32
C ALA B 305 -48.14 -14.00 -20.31
N THR B 306 -47.85 -13.74 -21.58
CA THR B 306 -48.93 -13.61 -22.57
C THR B 306 -49.69 -14.90 -22.76
N VAL B 307 -49.01 -16.05 -22.86
CA VAL B 307 -49.75 -17.30 -23.05
C VAL B 307 -50.56 -17.63 -21.81
N ASN B 308 -50.04 -17.32 -20.61
CA ASN B 308 -50.83 -17.55 -19.40
C ASN B 308 -52.06 -16.66 -19.35
N TYR B 309 -51.92 -15.40 -19.77
CA TYR B 309 -53.05 -14.49 -19.79
C TYR B 309 -54.09 -14.90 -20.82
N PHE B 310 -53.64 -15.36 -21.99
CA PHE B 310 -54.54 -15.75 -23.07
C PHE B 310 -55.11 -17.15 -22.90
N THR B 311 -54.55 -17.97 -22.00
CA THR B 311 -55.19 -19.22 -21.67
C THR B 311 -56.52 -18.96 -20.97
N LYS B 312 -57.40 -19.96 -21.02
CA LYS B 312 -58.78 -20.00 -20.52
C LYS B 312 -59.69 -18.87 -21.01
N SER B 313 -59.29 -18.10 -22.04
CA SER B 313 -60.16 -17.21 -22.80
C SER B 313 -60.09 -17.45 -24.30
N GLN B 314 -58.87 -17.48 -24.85
CA GLN B 314 -58.66 -17.74 -26.28
C GLN B 314 -57.60 -18.83 -26.38
N PRO B 315 -57.97 -20.10 -26.13
CA PRO B 315 -56.95 -21.15 -26.07
C PRO B 315 -56.27 -21.49 -27.40
N ALA B 316 -56.79 -21.02 -28.54
CA ALA B 316 -56.19 -21.32 -29.83
C ALA B 316 -54.96 -20.45 -30.10
N ARG B 317 -55.08 -19.13 -29.91
CA ARG B 317 -53.97 -18.24 -30.21
C ARG B 317 -52.80 -18.46 -29.26
N ALA B 318 -53.08 -18.85 -28.01
CA ALA B 318 -52.00 -19.15 -27.07
C ALA B 318 -51.15 -20.32 -27.56
N ALA B 319 -51.80 -21.39 -28.01
CA ALA B 319 -51.09 -22.52 -28.57
C ALA B 319 -50.34 -22.13 -29.84
N LYS B 320 -50.96 -21.27 -30.66
CA LYS B 320 -50.32 -20.86 -31.91
C LYS B 320 -49.04 -20.07 -31.66
N ILE B 321 -49.09 -19.10 -30.73
CA ILE B 321 -47.90 -18.31 -30.45
C ILE B 321 -46.85 -19.15 -29.73
N ASP B 322 -47.27 -20.10 -28.89
CA ASP B 322 -46.29 -21.00 -28.27
C ASP B 322 -45.58 -21.83 -29.32
N ARG B 323 -46.32 -22.38 -30.28
CA ARG B 323 -45.70 -23.16 -31.35
C ARG B 323 -44.79 -22.31 -32.20
N LEU B 324 -45.18 -21.06 -32.48
CA LEU B 324 -44.35 -20.18 -33.28
C LEU B 324 -43.06 -19.84 -32.54
N SER B 325 -43.17 -19.45 -31.28
CA SER B 325 -42.02 -19.07 -30.47
C SER B 325 -41.08 -20.25 -30.23
N ARG B 326 -41.63 -21.48 -30.16
CA ARG B 326 -40.82 -22.67 -29.93
C ARG B 326 -39.74 -22.87 -31.00
N ILE B 327 -40.00 -22.42 -32.23
CA ILE B 327 -39.05 -22.48 -33.33
C ILE B 327 -38.36 -21.14 -33.51
N ALA B 328 -39.04 -20.03 -33.16
CA ALA B 328 -38.46 -18.71 -33.40
C ALA B 328 -37.31 -18.42 -32.45
N PHE B 329 -37.40 -18.85 -31.19
CA PHE B 329 -36.35 -18.52 -30.24
C PHE B 329 -35.02 -19.22 -30.54
N PRO B 330 -34.98 -20.54 -30.81
CA PRO B 330 -33.69 -21.17 -31.16
C PRO B 330 -33.02 -20.58 -32.40
N LEU B 331 -33.77 -20.24 -33.44
CA LEU B 331 -33.12 -19.68 -34.63
C LEU B 331 -32.58 -18.29 -34.35
N LEU B 332 -33.29 -17.50 -33.54
CA LEU B 332 -32.80 -16.18 -33.20
C LEU B 332 -31.53 -16.25 -32.37
N PHE B 333 -31.48 -17.16 -31.38
CA PHE B 333 -30.24 -17.31 -30.63
C PHE B 333 -29.12 -17.88 -31.50
N GLY B 334 -29.47 -18.73 -32.46
CA GLY B 334 -28.44 -19.27 -33.35
C GLY B 334 -27.80 -18.20 -34.22
N ILE B 335 -28.63 -17.35 -34.86
CA ILE B 335 -28.05 -16.30 -35.71
C ILE B 335 -27.34 -15.26 -34.86
N PHE B 336 -27.84 -14.99 -33.63
CA PHE B 336 -27.11 -14.07 -32.75
C PHE B 336 -25.74 -14.60 -32.38
N ASN B 337 -25.66 -15.89 -32.02
CA ASN B 337 -24.36 -16.46 -31.69
C ASN B 337 -23.43 -16.46 -32.90
N LEU B 338 -23.97 -16.79 -34.08
CA LEU B 338 -23.13 -16.85 -35.27
C LEU B 338 -22.59 -15.47 -35.64
N VAL B 339 -23.46 -14.44 -35.63
CA VAL B 339 -22.99 -13.12 -36.02
C VAL B 339 -22.04 -12.55 -34.97
N TYR B 340 -22.32 -12.80 -33.67
CA TYR B 340 -21.47 -12.30 -32.60
C TYR B 340 -20.07 -12.89 -32.67
N TRP B 341 -19.99 -14.24 -32.72
CA TRP B 341 -18.69 -14.87 -32.81
C TRP B 341 -17.98 -14.52 -34.11
N ALA B 342 -18.73 -14.36 -35.21
CA ALA B 342 -18.12 -13.98 -36.48
C ALA B 342 -17.47 -12.61 -36.41
N THR B 343 -18.15 -11.62 -35.83
CA THR B 343 -17.53 -10.30 -35.78
C THR B 343 -16.38 -10.25 -34.79
N TYR B 344 -16.49 -10.97 -33.66
CA TYR B 344 -15.55 -10.80 -32.56
C TYR B 344 -14.35 -11.75 -32.60
N LEU B 345 -14.35 -12.78 -33.45
CA LEU B 345 -13.16 -13.61 -33.66
C LEU B 345 -12.31 -13.17 -34.85
N ASN B 346 -12.79 -12.24 -35.70
CA ASN B 346 -12.06 -11.79 -36.88
C ASN B 346 -11.33 -10.48 -36.69
N ARG B 347 -11.41 -9.86 -35.51
CA ARG B 347 -10.69 -8.62 -35.27
C ARG B 347 -9.34 -8.90 -34.63
N SER C 7 40.59 20.04 -23.97
CA SER C 7 40.59 21.52 -23.79
C SER C 7 39.29 21.97 -23.15
N ASN C 8 38.18 21.71 -23.83
CA ASN C 8 36.88 22.23 -23.35
C ASN C 8 36.42 21.39 -22.16
N MET C 9 37.20 20.39 -21.77
CA MET C 9 36.83 19.65 -20.54
C MET C 9 37.59 20.32 -19.41
N SER C 10 38.91 20.31 -19.48
CA SER C 10 39.72 21.04 -18.48
C SER C 10 39.08 22.39 -18.18
N LEU C 11 38.42 22.96 -19.17
CA LEU C 11 37.73 24.23 -18.95
C LEU C 11 36.45 24.05 -18.13
N VAL C 12 35.59 23.11 -18.52
CA VAL C 12 34.34 22.89 -17.78
C VAL C 12 34.65 22.33 -16.39
N LYS C 13 35.70 21.51 -16.27
CA LYS C 13 36.07 21.00 -14.96
C LYS C 13 36.49 22.12 -14.01
N GLU C 14 37.31 23.05 -14.49
CA GLU C 14 37.74 24.14 -13.61
C GLU C 14 36.57 25.08 -13.32
N THR C 15 35.65 25.23 -14.28
CA THR C 15 34.48 26.08 -14.04
C THR C 15 33.61 25.49 -12.93
N VAL C 16 33.33 24.18 -12.99
CA VAL C 16 32.48 23.57 -11.96
C VAL C 16 33.19 23.56 -10.62
N ASP C 17 34.53 23.51 -10.59
CA ASP C 17 35.30 23.42 -9.29
C ASP C 17 35.46 24.78 -8.59
N ARG C 18 35.85 25.82 -9.30
CA ARG C 18 35.91 27.17 -8.67
C ARG C 18 34.51 27.50 -8.18
N LEU C 19 33.50 27.13 -8.94
CA LEU C 19 32.11 27.37 -8.52
C LEU C 19 31.78 26.70 -7.22
N LEU C 20 31.71 25.39 -7.24
CA LEU C 20 31.36 24.66 -6.02
C LEU C 20 32.38 24.84 -4.90
N LYS C 21 33.54 25.42 -5.17
CA LYS C 21 34.51 25.73 -4.11
C LYS C 21 34.00 26.96 -3.37
N GLY C 22 34.00 26.90 -2.05
CA GLY C 22 33.44 27.97 -1.25
C GLY C 22 31.94 28.16 -1.38
N TYR C 23 31.23 27.16 -1.90
CA TYR C 23 29.78 27.22 -2.00
C TYR C 23 29.20 26.81 -0.65
N ASP C 24 28.33 27.67 -0.12
CA ASP C 24 27.72 27.46 1.21
C ASP C 24 26.30 27.01 0.91
N ILE C 25 26.07 25.71 1.06
CA ILE C 25 24.75 25.12 0.88
C ILE C 25 23.74 25.67 1.88
N ARG C 26 24.20 26.07 3.08
CA ARG C 26 23.27 26.42 4.15
C ARG C 26 22.45 27.68 3.84
N LEU C 27 22.96 28.57 2.99
CA LEU C 27 22.37 29.89 2.77
C LEU C 27 21.82 30.02 1.36
N ARG C 28 20.62 30.60 1.26
CA ARG C 28 19.96 30.81 -0.01
C ARG C 28 20.68 31.92 -0.79
N PRO C 29 20.39 32.05 -2.10
CA PRO C 29 20.90 33.24 -2.81
C PRO C 29 20.32 34.51 -2.23
N ASP C 30 21.18 35.52 -2.07
CA ASP C 30 20.81 36.80 -1.48
C ASP C 30 20.23 36.62 -0.08
N PHE C 31 21.08 36.10 0.82
CA PHE C 31 20.60 35.72 2.16
C PHE C 31 20.13 36.94 2.94
N GLY C 32 20.94 37.99 2.99
CA GLY C 32 20.54 39.25 3.59
C GLY C 32 19.90 40.21 2.61
N GLY C 33 19.50 39.71 1.44
CA GLY C 33 19.01 40.54 0.35
C GLY C 33 17.54 40.30 0.11
N PRO C 34 17.01 40.77 -1.02
CA PRO C 34 15.58 40.58 -1.31
C PRO C 34 15.29 39.11 -1.58
N PRO C 35 14.01 38.72 -1.60
CA PRO C 35 13.69 37.30 -1.76
C PRO C 35 14.03 36.80 -3.16
N VAL C 36 14.24 35.49 -3.26
CA VAL C 36 14.63 34.84 -4.51
C VAL C 36 13.37 34.30 -5.18
N ALA C 37 13.13 34.72 -6.42
CA ALA C 37 11.98 34.25 -7.17
C ALA C 37 12.25 32.85 -7.70
N VAL C 38 11.20 32.02 -7.72
CA VAL C 38 11.27 30.65 -8.21
C VAL C 38 10.07 30.42 -9.11
N GLY C 39 10.33 30.12 -10.36
CA GLY C 39 9.28 29.80 -11.33
C GLY C 39 9.10 28.29 -11.42
N MET C 40 7.85 27.87 -11.48
CA MET C 40 7.48 26.46 -11.52
C MET C 40 6.95 26.09 -12.90
N ASN C 41 7.14 24.83 -13.27
CA ASN C 41 6.48 24.22 -14.42
C ASN C 41 6.12 22.79 -14.04
N ILE C 42 4.94 22.36 -14.47
CA ILE C 42 4.44 21.01 -14.24
C ILE C 42 4.04 20.45 -15.59
N ASP C 43 4.47 19.23 -15.89
CA ASP C 43 4.04 18.46 -17.05
C ASP C 43 3.47 17.17 -16.49
N ILE C 44 2.14 17.07 -16.44
CA ILE C 44 1.51 15.95 -15.75
C ILE C 44 1.61 14.72 -16.65
N ALA C 45 2.15 13.64 -16.10
CA ALA C 45 2.28 12.38 -16.83
C ALA C 45 1.02 11.54 -16.76
N SER C 46 0.41 11.42 -15.57
CA SER C 46 -0.84 10.66 -15.44
C SER C 46 -1.44 10.93 -14.06
N ILE C 47 -2.75 10.75 -13.97
CA ILE C 47 -3.49 10.71 -12.71
C ILE C 47 -3.93 9.27 -12.56
N ASP C 48 -3.29 8.53 -11.66
CA ASP C 48 -3.36 7.07 -11.69
C ASP C 48 -4.72 6.57 -11.24
N MET C 49 -5.16 6.96 -10.05
CA MET C 49 -6.42 6.45 -9.49
C MET C 49 -6.97 7.46 -8.51
N VAL C 50 -8.14 8.01 -8.83
CA VAL C 50 -8.92 8.78 -7.88
C VAL C 50 -9.77 7.80 -7.09
N SER C 51 -9.54 7.73 -5.77
CA SER C 51 -10.12 6.73 -4.89
C SER C 51 -11.00 7.41 -3.86
N GLU C 52 -12.17 6.82 -3.60
CA GLU C 52 -13.15 7.34 -2.66
C GLU C 52 -13.11 6.63 -1.31
N VAL C 53 -12.64 5.38 -1.26
CA VAL C 53 -12.52 4.70 0.03
C VAL C 53 -11.47 5.37 0.91
N ASN C 54 -10.38 5.85 0.30
CA ASN C 54 -9.28 6.52 1.00
C ASN C 54 -9.28 8.03 0.85
N MET C 55 -10.09 8.59 -0.07
CA MET C 55 -10.19 10.04 -0.26
C MET C 55 -8.85 10.66 -0.67
N ASP C 56 -8.27 10.11 -1.75
CA ASP C 56 -7.01 10.60 -2.28
C ASP C 56 -6.99 10.36 -3.78
N TYR C 57 -6.00 10.96 -4.43
CA TYR C 57 -5.71 10.67 -5.83
C TYR C 57 -4.21 10.68 -6.05
N THR C 58 -3.73 9.65 -6.73
CA THR C 58 -2.32 9.49 -7.08
C THR C 58 -2.10 10.07 -8.46
N LEU C 59 -1.05 10.87 -8.61
CA LEU C 59 -0.71 11.51 -9.87
C LEU C 59 0.79 11.50 -10.05
N THR C 60 1.25 11.67 -11.29
CA THR C 60 2.65 11.77 -11.65
C THR C 60 2.87 13.03 -12.48
N MET C 61 4.03 13.65 -12.28
CA MET C 61 4.35 14.92 -12.92
C MET C 61 5.86 15.05 -13.08
N TYR C 62 6.26 15.93 -13.99
CA TYR C 62 7.63 16.42 -14.08
C TYR C 62 7.64 17.79 -13.40
N PHE C 63 7.92 17.78 -12.10
CA PHE C 63 7.96 19.01 -11.33
C PHE C 63 9.28 19.71 -11.58
N GLN C 64 9.21 20.93 -12.10
CA GLN C 64 10.38 21.75 -12.42
C GLN C 64 10.31 23.06 -11.67
N GLN C 65 11.49 23.56 -11.28
CA GLN C 65 11.66 24.81 -10.57
C GLN C 65 12.79 25.57 -11.24
N ALA C 66 12.71 26.90 -11.22
CA ALA C 66 13.72 27.73 -11.85
C ALA C 66 13.90 29.03 -11.07
N TRP C 67 15.10 29.23 -10.54
CA TRP C 67 15.47 30.42 -9.78
C TRP C 67 16.79 30.93 -10.33
N ARG C 68 17.39 31.89 -9.63
CA ARG C 68 18.59 32.58 -10.08
C ARG C 68 19.58 32.68 -8.93
N ASP C 69 20.61 31.82 -8.95
CA ASP C 69 21.68 31.81 -7.97
C ASP C 69 22.88 32.53 -8.56
N LYS C 70 23.24 33.67 -7.97
CA LYS C 70 24.34 34.46 -8.50
C LYS C 70 25.68 33.78 -8.29
N ARG C 71 25.80 32.94 -7.25
CA ARG C 71 27.06 32.25 -7.02
C ARG C 71 27.39 31.27 -8.13
N LEU C 72 26.39 30.75 -8.80
CA LEU C 72 26.72 29.74 -9.81
C LEU C 72 26.99 30.47 -11.13
N SER C 73 27.75 31.56 -11.11
CA SER C 73 27.93 32.36 -12.34
C SER C 73 29.28 32.05 -12.94
N TYR C 74 29.35 31.88 -14.26
CA TYR C 74 30.62 31.54 -14.96
C TYR C 74 30.74 32.38 -16.22
N ASN C 75 31.96 32.76 -16.57
CA ASN C 75 32.15 33.70 -17.70
C ASN C 75 33.33 33.27 -18.55
N VAL C 76 33.66 32.00 -18.47
CA VAL C 76 34.77 31.48 -19.30
C VAL C 76 34.17 30.60 -20.38
N ILE C 77 33.43 29.56 -20.00
CA ILE C 77 33.00 28.60 -21.01
C ILE C 77 31.66 29.07 -21.56
N PRO C 78 31.48 29.23 -22.91
CA PRO C 78 30.16 29.65 -23.44
C PRO C 78 29.24 28.49 -23.80
N LEU C 79 28.67 27.83 -22.77
CA LEU C 79 27.56 26.92 -23.04
C LEU C 79 26.81 26.68 -21.74
N ASN C 80 25.59 26.16 -21.88
CA ASN C 80 24.86 25.65 -20.72
C ASN C 80 25.30 24.23 -20.36
N LEU C 81 25.27 23.94 -19.13
CA LEU C 81 25.88 22.74 -18.57
C LEU C 81 24.79 21.93 -17.90
N THR C 82 24.44 20.79 -18.48
CA THR C 82 23.62 19.79 -17.81
C THR C 82 24.57 18.92 -16.99
N LEU C 83 24.74 19.26 -15.72
CA LEU C 83 25.56 18.47 -14.82
C LEU C 83 24.80 17.22 -14.40
N ASP C 84 25.56 16.24 -13.90
CA ASP C 84 24.96 15.01 -13.43
C ASP C 84 24.08 15.28 -12.22
N ASN C 85 23.05 14.46 -12.03
CA ASN C 85 22.05 14.72 -11.00
C ASN C 85 22.61 14.59 -9.59
N ARG C 86 23.77 13.96 -9.40
CA ARG C 86 24.36 13.86 -8.08
C ARG C 86 25.00 15.15 -7.59
N VAL C 87 25.12 16.18 -8.45
CA VAL C 87 25.55 17.49 -7.95
C VAL C 87 24.47 18.19 -7.16
N ALA C 88 23.19 17.82 -7.34
CA ALA C 88 22.08 18.57 -6.76
C ALA C 88 22.09 18.59 -5.24
N ASP C 89 22.62 17.55 -4.60
CA ASP C 89 22.78 17.57 -3.15
C ASP C 89 23.90 18.50 -2.67
N GLN C 90 24.74 19.00 -3.59
CA GLN C 90 25.76 20.01 -3.28
C GLN C 90 25.35 21.41 -3.76
N LEU C 91 24.07 21.64 -4.08
CA LEU C 91 23.57 22.92 -4.55
C LEU C 91 22.32 23.29 -3.75
N TRP C 92 22.16 24.58 -3.50
CA TRP C 92 20.97 25.07 -2.84
C TRP C 92 19.78 24.87 -3.75
N VAL C 93 18.78 24.13 -3.27
CA VAL C 93 17.51 23.91 -3.95
C VAL C 93 16.44 24.39 -2.96
N PRO C 94 15.35 25.03 -3.38
CA PRO C 94 14.39 25.52 -2.39
C PRO C 94 13.66 24.36 -1.72
N ASP C 95 13.13 24.62 -0.53
CA ASP C 95 12.53 23.59 0.31
C ASP C 95 11.04 23.47 -0.01
N THR C 96 10.78 23.16 -1.28
CA THR C 96 9.41 23.01 -1.74
C THR C 96 8.83 21.70 -1.24
N TYR C 97 7.64 21.82 -0.61
CA TYR C 97 6.84 20.67 -0.13
C TYR C 97 5.38 20.77 -0.59
N PHE C 98 4.62 19.67 -0.67
CA PHE C 98 3.19 19.64 -0.94
C PHE C 98 2.48 19.33 0.36
N LEU C 99 1.63 20.26 0.79
CA LEU C 99 0.99 20.15 2.10
C LEU C 99 0.07 18.94 2.20
N ASN C 100 -0.69 18.64 1.16
CA ASN C 100 -1.75 17.64 1.22
C ASN C 100 -1.34 16.29 0.63
N ASP C 101 -0.04 16.01 0.58
CA ASP C 101 0.43 14.68 0.19
C ASP C 101 0.41 13.73 1.39
N LYS C 102 0.17 12.46 1.09
CA LYS C 102 0.11 11.38 2.08
C LYS C 102 1.26 10.41 1.94
N LYS C 103 1.65 10.08 0.71
CA LYS C 103 2.84 9.28 0.43
C LYS C 103 3.35 9.72 -0.93
N SER C 104 4.64 10.05 -1.00
CA SER C 104 5.27 10.59 -2.20
C SER C 104 6.68 10.06 -2.34
N PHE C 105 7.19 10.09 -3.57
CA PHE C 105 8.52 9.58 -3.87
C PHE C 105 9.05 10.21 -5.14
N VAL C 106 10.37 10.36 -5.20
CA VAL C 106 11.08 10.63 -6.45
C VAL C 106 11.54 9.29 -7.00
N HIS C 107 11.30 9.07 -8.29
CA HIS C 107 11.66 7.80 -8.90
C HIS C 107 13.17 7.59 -8.87
N GLY C 108 13.57 6.36 -8.56
CA GLY C 108 14.95 6.00 -8.32
C GLY C 108 15.48 4.93 -9.24
N VAL C 109 15.10 4.99 -10.52
CA VAL C 109 15.52 4.04 -11.55
C VAL C 109 15.66 4.81 -12.85
N THR C 110 16.72 4.54 -13.63
CA THR C 110 17.95 3.76 -13.43
C THR C 110 18.83 4.45 -12.40
N VAL C 111 18.70 5.77 -12.31
CA VAL C 111 19.24 6.57 -11.22
C VAL C 111 18.11 7.44 -10.70
N LYS C 112 18.43 8.33 -9.76
CA LYS C 112 17.44 9.26 -9.23
C LYS C 112 16.93 10.17 -10.34
N ASN C 113 15.64 10.06 -10.66
CA ASN C 113 15.05 10.82 -11.76
C ASN C 113 14.95 12.28 -11.32
N ARG C 114 16.06 13.00 -11.53
CA ARG C 114 16.17 14.39 -11.14
C ARG C 114 17.10 15.09 -12.12
N MET C 115 16.86 16.39 -12.32
CA MET C 115 17.53 17.19 -13.34
C MET C 115 18.19 18.39 -12.67
N ILE C 116 19.33 18.81 -13.21
CA ILE C 116 20.05 20.00 -12.77
C ILE C 116 20.72 20.60 -13.99
N ARG C 117 20.57 21.90 -14.19
CA ARG C 117 21.00 22.55 -15.42
C ARG C 117 21.27 24.02 -15.14
N LEU C 118 22.51 24.44 -15.37
CA LEU C 118 22.98 25.80 -15.14
C LEU C 118 23.04 26.57 -16.45
N HIS C 119 23.05 27.89 -16.33
CA HIS C 119 23.08 28.83 -17.44
C HIS C 119 24.18 29.85 -17.17
N PRO C 120 24.69 30.54 -18.20
CA PRO C 120 25.74 31.54 -17.95
C PRO C 120 25.30 32.71 -17.09
N ASP C 121 24.03 33.12 -17.19
CA ASP C 121 23.54 34.24 -16.38
C ASP C 121 23.40 33.91 -14.91
N GLY C 122 23.43 32.63 -14.53
CA GLY C 122 23.23 32.18 -13.16
C GLY C 122 21.94 31.43 -12.92
N THR C 123 21.06 31.33 -13.92
CA THR C 123 19.82 30.60 -13.75
C THR C 123 20.10 29.12 -13.52
N VAL C 124 19.22 28.48 -12.75
CA VAL C 124 19.23 27.05 -12.51
C VAL C 124 17.86 26.52 -12.91
N LEU C 125 17.82 25.28 -13.40
CA LEU C 125 16.58 24.57 -13.69
C LEU C 125 16.67 23.20 -13.04
N TYR C 126 15.82 22.96 -12.04
CA TYR C 126 15.85 21.77 -11.20
C TYR C 126 14.56 21.00 -11.42
N GLY C 127 14.66 19.85 -12.09
CA GLY C 127 13.51 19.06 -12.45
C GLY C 127 13.46 17.78 -11.65
N LEU C 128 12.23 17.29 -11.42
CA LEU C 128 12.00 16.05 -10.70
C LEU C 128 10.78 15.37 -11.28
N ARG C 129 10.88 14.04 -11.43
CA ARG C 129 9.73 13.19 -11.75
C ARG C 129 9.19 12.66 -10.44
N ILE C 130 8.15 13.32 -9.94
CA ILE C 130 7.56 13.04 -8.62
C ILE C 130 6.22 12.38 -8.87
N THR C 131 5.81 11.52 -7.93
CA THR C 131 4.46 10.96 -7.89
C THR C 131 3.97 11.04 -6.44
N THR C 132 2.90 11.81 -6.23
CA THR C 132 2.33 12.07 -4.92
C THR C 132 0.92 11.50 -4.82
N THR C 133 0.58 11.05 -3.61
CA THR C 133 -0.77 10.61 -3.27
C THR C 133 -1.45 11.76 -2.52
N ALA C 134 -1.91 12.75 -3.28
CA ALA C 134 -2.52 13.93 -2.67
C ALA C 134 -3.88 13.58 -2.09
N ALA C 135 -4.26 14.31 -1.04
CA ALA C 135 -5.52 14.11 -0.34
C ALA C 135 -6.59 15.00 -0.95
N CYS C 136 -7.73 14.41 -1.27
CA CYS C 136 -8.88 15.14 -1.83
C CYS C 136 -10.14 14.71 -1.08
N MET C 137 -10.70 15.63 -0.30
CA MET C 137 -11.99 15.40 0.32
C MET C 137 -13.09 15.65 -0.70
N MET C 138 -13.99 14.68 -0.83
CA MET C 138 -15.03 14.66 -1.86
C MET C 138 -16.41 14.70 -1.21
N ASP C 139 -17.23 15.65 -1.64
CA ASP C 139 -18.59 15.82 -1.14
C ASP C 139 -19.52 14.93 -1.98
N LEU C 140 -19.86 13.77 -1.44
CA LEU C 140 -20.66 12.78 -2.15
C LEU C 140 -22.16 12.95 -1.95
N ARG C 141 -22.61 14.16 -1.63
CA ARG C 141 -24.04 14.39 -1.43
C ARG C 141 -24.82 14.22 -2.73
N ARG C 142 -24.30 14.79 -3.83
CA ARG C 142 -24.89 14.65 -5.15
C ARG C 142 -24.30 13.47 -5.93
N TYR C 143 -23.76 12.48 -5.24
CA TYR C 143 -23.19 11.32 -5.91
C TYR C 143 -24.29 10.56 -6.65
N PRO C 144 -24.02 10.02 -7.87
CA PRO C 144 -22.82 10.05 -8.71
C PRO C 144 -22.78 11.23 -9.68
N LEU C 145 -23.83 12.05 -9.77
CA LEU C 145 -23.80 13.27 -10.59
C LEU C 145 -23.22 14.43 -9.78
N ASP C 146 -21.89 14.42 -9.68
CA ASP C 146 -21.16 15.38 -8.86
C ASP C 146 -19.84 15.68 -9.55
N GLU C 147 -19.33 16.88 -9.28
CA GLU C 147 -18.06 17.37 -9.80
C GLU C 147 -17.14 17.70 -8.63
N GLN C 148 -16.14 16.87 -8.41
CA GLN C 148 -15.26 17.03 -7.26
C GLN C 148 -14.13 17.96 -7.68
N ASN C 149 -13.48 18.56 -6.69
CA ASN C 149 -12.44 19.57 -6.88
C ASN C 149 -11.24 19.26 -6.01
N CYS C 150 -10.24 18.61 -6.62
CA CYS C 150 -9.07 18.06 -5.94
C CYS C 150 -7.84 18.87 -6.31
N THR C 151 -7.00 19.16 -5.32
CA THR C 151 -5.94 20.16 -5.42
C THR C 151 -4.59 19.54 -5.07
N LEU C 152 -3.54 20.30 -5.40
CA LEU C 152 -2.16 20.01 -4.98
C LEU C 152 -1.56 21.35 -4.56
N GLU C 153 -1.36 21.51 -3.26
CA GLU C 153 -0.99 22.80 -2.68
C GLU C 153 0.52 22.87 -2.49
N ILE C 154 1.18 23.71 -3.29
CA ILE C 154 2.64 23.82 -3.32
C ILE C 154 3.03 24.98 -2.42
N GLU C 155 3.96 24.74 -1.47
CA GLU C 155 4.36 25.75 -0.43
C GLU C 155 5.81 25.62 0.06
N SER C 156 6.43 26.67 0.60
CA SER C 156 7.79 26.66 1.19
C SER C 156 7.73 26.24 2.65
N TYR C 157 8.68 25.44 3.09
CA TYR C 157 8.55 25.00 4.49
C TYR C 157 9.35 25.92 5.37
N GLY C 158 10.63 26.00 5.08
CA GLY C 158 11.49 26.69 6.03
C GLY C 158 11.57 28.19 5.86
N TYR C 159 11.29 28.69 4.66
CA TYR C 159 11.55 30.07 4.28
C TYR C 159 10.23 30.81 4.13
N THR C 160 10.16 32.00 4.71
CA THR C 160 8.94 32.78 4.72
C THR C 160 8.77 33.48 3.38
N THR C 161 7.69 34.26 3.27
CA THR C 161 7.40 35.00 2.04
C THR C 161 8.30 36.22 1.83
N ASP C 162 9.19 36.53 2.78
CA ASP C 162 10.27 37.49 2.60
C ASP C 162 11.61 36.84 2.30
N ASP C 163 11.63 35.55 1.92
CA ASP C 163 12.84 34.83 1.54
C ASP C 163 12.73 34.13 0.19
N ILE C 164 11.58 33.55 -0.14
CA ILE C 164 11.36 32.91 -1.43
C ILE C 164 9.99 33.35 -1.94
N GLU C 165 9.95 33.83 -3.18
CA GLU C 165 8.72 34.11 -3.91
C GLU C 165 8.50 32.99 -4.91
N PHE C 166 7.28 32.49 -4.98
CA PHE C 166 6.85 31.50 -5.97
C PHE C 166 5.97 32.18 -7.01
N TYR C 167 6.14 31.78 -8.27
CA TYR C 167 5.28 32.21 -9.35
C TYR C 167 5.20 31.07 -10.35
N TRP C 168 4.18 31.14 -11.22
CA TRP C 168 3.99 30.15 -12.26
C TRP C 168 4.81 30.57 -13.48
N ARG C 169 5.76 29.72 -13.88
CA ARG C 169 6.64 30.00 -15.02
C ARG C 169 5.87 29.64 -16.29
N GLY C 170 5.51 30.66 -17.07
CA GLY C 170 4.71 30.49 -18.26
C GLY C 170 3.23 30.77 -18.10
N ASP C 171 2.78 31.24 -16.92
CA ASP C 171 1.39 31.59 -16.66
C ASP C 171 0.48 30.38 -16.86
N ASP C 172 -0.62 30.48 -17.61
CA ASP C 172 -1.49 29.32 -17.80
C ASP C 172 -0.82 28.22 -18.63
N ASN C 173 0.20 28.55 -19.42
CA ASN C 173 1.01 27.54 -20.08
C ASN C 173 2.01 26.87 -19.15
N ALA C 174 2.08 27.26 -17.87
CA ALA C 174 3.01 26.61 -16.94
C ALA C 174 2.67 25.15 -16.75
N VAL C 175 1.38 24.80 -16.71
CA VAL C 175 0.91 23.43 -16.55
C VAL C 175 0.54 22.91 -17.94
N THR C 176 1.07 21.74 -18.29
CA THR C 176 0.85 21.11 -19.58
C THR C 176 0.56 19.63 -19.37
N GLY C 177 -0.09 19.03 -20.36
CA GLY C 177 -0.43 17.63 -20.32
C GLY C 177 -1.71 17.29 -19.58
N VAL C 178 -2.50 18.29 -19.18
CA VAL C 178 -3.76 18.01 -18.51
C VAL C 178 -4.75 17.37 -19.48
N THR C 179 -4.74 17.79 -20.74
CA THR C 179 -5.73 17.38 -21.73
C THR C 179 -5.42 16.03 -22.39
N LYS C 180 -4.56 15.19 -21.79
CA LYS C 180 -4.31 13.84 -22.26
C LYS C 180 -4.43 12.81 -21.14
N ILE C 181 -5.16 13.12 -20.07
CA ILE C 181 -5.36 12.22 -18.94
C ILE C 181 -6.79 11.70 -19.01
N GLU C 182 -6.92 10.40 -19.24
CA GLU C 182 -8.21 9.71 -19.34
C GLU C 182 -8.35 8.79 -18.14
N LEU C 183 -9.42 8.98 -17.36
CA LEU C 183 -9.73 8.22 -16.17
C LEU C 183 -10.94 7.32 -16.45
N PRO C 184 -11.04 6.13 -15.86
CA PRO C 184 -12.24 5.32 -16.13
C PRO C 184 -13.50 5.83 -15.46
N GLN C 185 -13.38 6.71 -14.45
CA GLN C 185 -14.51 7.09 -13.60
C GLN C 185 -14.84 8.58 -13.64
N PHE C 186 -13.88 9.44 -14.02
CA PHE C 186 -14.07 10.89 -14.04
C PHE C 186 -13.58 11.44 -15.37
N SER C 187 -13.84 12.73 -15.58
CA SER C 187 -13.43 13.46 -16.77
C SER C 187 -12.98 14.84 -16.34
N ILE C 188 -11.72 15.18 -16.62
CA ILE C 188 -11.15 16.45 -16.18
C ILE C 188 -11.83 17.56 -16.97
N VAL C 189 -12.69 18.33 -16.31
CA VAL C 189 -13.42 19.39 -16.99
C VAL C 189 -12.52 20.60 -17.24
N ASP C 190 -11.75 21.02 -16.24
CA ASP C 190 -10.84 22.16 -16.40
C ASP C 190 -9.86 22.14 -15.22
N TYR C 191 -8.97 23.12 -15.21
CA TYR C 191 -7.99 23.29 -14.14
C TYR C 191 -7.72 24.76 -13.97
N LYS C 192 -7.29 25.16 -12.77
CA LYS C 192 -6.98 26.54 -12.44
C LYS C 192 -5.65 26.60 -11.69
N LEU C 193 -4.89 27.66 -11.96
CA LEU C 193 -3.60 27.92 -11.33
C LEU C 193 -3.74 29.20 -10.51
N ILE C 194 -3.73 29.05 -9.18
CA ILE C 194 -3.95 30.14 -8.25
C ILE C 194 -2.66 30.39 -7.48
N THR C 195 -2.25 31.66 -7.42
CA THR C 195 -1.16 32.11 -6.57
C THR C 195 -1.75 32.71 -5.29
N LYS C 196 -1.10 32.42 -4.16
CA LYS C 196 -1.65 32.79 -2.87
C LYS C 196 -0.53 32.94 -1.86
N LYS C 197 -0.86 33.55 -0.72
CA LYS C 197 0.04 33.72 0.41
C LYS C 197 -0.71 33.29 1.66
N VAL C 198 -0.18 32.26 2.33
CA VAL C 198 -0.77 31.72 3.56
C VAL C 198 0.01 32.27 4.74
N VAL C 199 -0.65 32.28 5.90
CA VAL C 199 -0.08 32.77 7.15
C VAL C 199 -0.25 31.68 8.20
N PHE C 200 0.83 31.39 8.92
CA PHE C 200 0.81 30.47 10.05
C PHE C 200 1.41 31.18 11.25
N SER C 201 1.61 30.47 12.36
CA SER C 201 2.14 31.10 13.56
C SER C 201 3.55 31.64 13.36
N THR C 202 4.40 30.90 12.63
CA THR C 202 5.84 31.23 12.47
C THR C 202 6.09 32.34 11.45
N GLY C 203 5.17 32.48 10.53
CA GLY C 203 5.35 33.50 9.52
C GLY C 203 4.43 33.26 8.35
N SER C 204 4.54 34.15 7.36
CA SER C 204 3.84 34.04 6.09
C SER C 204 4.74 33.32 5.10
N TYR C 205 4.14 32.62 4.16
CA TYR C 205 4.93 31.84 3.19
C TYR C 205 4.21 31.88 1.84
N PRO C 206 4.87 31.71 0.67
CA PRO C 206 4.20 31.69 -0.63
C PRO C 206 3.43 30.40 -0.81
N ARG C 207 2.39 30.47 -1.65
CA ARG C 207 1.58 29.31 -1.99
C ARG C 207 1.16 29.41 -3.44
N LEU C 208 1.21 28.28 -4.15
CA LEU C 208 0.60 28.11 -5.45
C LEU C 208 -0.26 26.86 -5.39
N SER C 209 -1.36 26.87 -6.14
CA SER C 209 -2.34 25.80 -6.13
C SER C 209 -2.62 25.35 -7.56
N LEU C 210 -2.68 24.03 -7.72
CA LEU C 210 -3.11 23.39 -8.97
C LEU C 210 -4.29 22.50 -8.61
N SER C 211 -5.42 22.70 -9.30
CA SER C 211 -6.67 22.04 -8.96
C SER C 211 -7.36 21.55 -10.23
N PHE C 212 -8.23 20.56 -10.06
CA PHE C 212 -8.91 19.89 -11.16
C PHE C 212 -10.37 19.69 -10.79
N LYS C 213 -11.29 20.06 -11.69
CA LYS C 213 -12.71 19.79 -11.52
C LYS C 213 -13.03 18.46 -12.18
N LEU C 214 -13.29 17.44 -11.38
CA LEU C 214 -13.48 16.06 -11.87
C LEU C 214 -14.97 15.73 -11.88
N LYS C 215 -15.61 15.98 -13.02
CA LYS C 215 -16.96 15.48 -13.24
C LYS C 215 -16.93 13.98 -13.43
N ARG C 216 -17.96 13.31 -12.92
CA ARG C 216 -18.01 11.85 -12.93
C ARG C 216 -18.63 11.36 -14.23
N ASN C 217 -17.97 10.41 -14.89
CA ASN C 217 -18.49 9.86 -16.13
C ASN C 217 -19.70 9.00 -15.85
N ILE C 218 -20.74 9.20 -16.67
CA ILE C 218 -22.04 8.57 -16.47
C ILE C 218 -22.18 7.43 -17.47
N GLY C 219 -23.11 6.52 -17.18
CA GLY C 219 -23.46 5.40 -18.04
C GLY C 219 -23.04 4.08 -17.44
N TYR C 220 -21.82 4.04 -16.90
CA TYR C 220 -21.39 2.84 -16.20
C TYR C 220 -22.26 2.68 -14.96
N PHE C 221 -22.48 3.77 -14.23
CA PHE C 221 -23.24 3.66 -13.01
C PHE C 221 -24.70 3.38 -13.31
N ILE C 222 -25.19 3.88 -14.45
CA ILE C 222 -26.52 3.50 -14.95
C ILE C 222 -26.62 1.99 -15.07
N LEU C 223 -25.71 1.38 -15.84
CA LEU C 223 -25.82 -0.06 -16.05
C LEU C 223 -25.50 -0.86 -14.79
N GLN C 224 -24.63 -0.35 -13.90
CA GLN C 224 -24.27 -1.14 -12.72
C GLN C 224 -25.39 -1.15 -11.68
N THR C 225 -26.04 0.00 -11.39
CA THR C 225 -27.03 0.07 -10.31
C THR C 225 -28.42 0.47 -10.78
N TYR C 226 -28.56 1.47 -11.65
CA TYR C 226 -29.90 1.93 -11.95
C TYR C 226 -30.61 0.94 -12.85
N MET C 227 -29.87 0.25 -13.73
CA MET C 227 -30.49 -0.82 -14.50
C MET C 227 -30.94 -1.98 -13.60
N PRO C 228 -30.09 -2.54 -12.70
CA PRO C 228 -30.62 -3.53 -11.75
C PRO C 228 -31.77 -3.07 -10.88
N SER C 229 -31.75 -1.84 -10.39
CA SER C 229 -32.83 -1.38 -9.53
C SER C 229 -34.17 -1.36 -10.27
N ILE C 230 -34.15 -0.85 -11.52
CA ILE C 230 -35.39 -0.82 -12.28
C ILE C 230 -35.83 -2.23 -12.66
N LEU C 231 -34.88 -3.13 -13.01
CA LEU C 231 -35.35 -4.42 -13.50
C LEU C 231 -35.89 -5.26 -12.34
N ILE C 232 -35.33 -5.12 -11.12
CA ILE C 232 -35.91 -5.75 -9.94
C ILE C 232 -37.31 -5.20 -9.68
N THR C 233 -37.49 -3.89 -9.74
CA THR C 233 -38.83 -3.38 -9.45
C THR C 233 -39.84 -3.76 -10.54
N ILE C 234 -39.38 -3.89 -11.78
CA ILE C 234 -40.27 -4.31 -12.86
C ILE C 234 -40.67 -5.78 -12.68
N LEU C 235 -39.72 -6.66 -12.33
CA LEU C 235 -40.11 -8.07 -12.17
C LEU C 235 -40.93 -8.26 -10.90
N SER C 236 -40.86 -7.31 -9.95
CA SER C 236 -41.75 -7.35 -8.80
C SER C 236 -43.22 -7.22 -9.16
N TRP C 237 -43.55 -6.48 -10.21
CA TRP C 237 -44.94 -6.12 -10.52
C TRP C 237 -45.68 -7.18 -11.33
N VAL C 238 -45.03 -8.30 -11.69
CA VAL C 238 -45.76 -9.43 -12.26
C VAL C 238 -46.53 -10.22 -11.21
N SER C 239 -46.34 -9.93 -9.91
CA SER C 239 -47.11 -10.60 -8.86
C SER C 239 -48.59 -10.34 -9.01
N PHE C 240 -48.98 -9.13 -9.43
CA PHE C 240 -50.40 -8.83 -9.57
C PHE C 240 -50.96 -9.44 -10.84
N TRP C 241 -50.13 -9.57 -11.88
CA TRP C 241 -50.54 -10.33 -13.06
C TRP C 241 -50.77 -11.79 -12.70
N ILE C 242 -49.95 -12.35 -11.81
CA ILE C 242 -50.23 -13.67 -11.26
C ILE C 242 -51.51 -13.60 -10.45
N ASN C 243 -52.38 -14.59 -10.65
CA ASN C 243 -53.68 -14.59 -9.98
C ASN C 243 -53.52 -14.74 -8.47
N TYR C 244 -54.41 -14.08 -7.73
CA TYR C 244 -54.32 -14.09 -6.27
C TYR C 244 -54.68 -15.44 -5.65
N ASP C 245 -55.24 -16.39 -6.41
CA ASP C 245 -55.55 -17.70 -5.85
C ASP C 245 -54.28 -18.45 -5.44
N ALA C 246 -53.24 -18.39 -6.27
CA ALA C 246 -51.96 -19.02 -5.97
C ALA C 246 -51.13 -18.07 -5.13
N SER C 247 -51.05 -18.35 -3.83
CA SER C 247 -50.38 -17.46 -2.88
C SER C 247 -48.89 -17.74 -2.74
N ALA C 248 -48.48 -19.01 -2.81
CA ALA C 248 -47.09 -19.37 -2.56
C ALA C 248 -46.16 -18.79 -3.62
N ALA C 249 -46.59 -18.83 -4.89
CA ALA C 249 -45.77 -18.27 -5.96
C ALA C 249 -45.61 -16.76 -5.80
N ARG C 250 -46.69 -16.07 -5.43
CA ARG C 250 -46.61 -14.62 -5.23
C ARG C 250 -45.70 -14.27 -4.05
N VAL C 251 -45.79 -15.05 -2.96
CA VAL C 251 -44.93 -14.78 -1.81
C VAL C 251 -43.47 -15.02 -2.17
N ALA C 252 -43.18 -16.11 -2.89
CA ALA C 252 -41.81 -16.40 -3.28
C ALA C 252 -41.27 -15.33 -4.21
N LEU C 253 -42.10 -14.85 -5.14
CA LEU C 253 -41.70 -13.79 -6.06
C LEU C 253 -41.37 -12.50 -5.32
N GLY C 254 -42.26 -12.08 -4.41
CA GLY C 254 -42.04 -10.86 -3.68
C GLY C 254 -40.83 -10.92 -2.76
N ILE C 255 -40.68 -12.03 -2.04
CA ILE C 255 -39.56 -12.13 -1.12
C ILE C 255 -38.25 -12.30 -1.88
N THR C 256 -38.30 -12.91 -3.06
CA THR C 256 -37.10 -12.97 -3.89
C THR C 256 -36.68 -11.57 -4.32
N THR C 257 -37.66 -10.71 -4.65
CA THR C 257 -37.34 -9.31 -4.95
C THR C 257 -36.68 -8.63 -3.75
N VAL C 258 -37.25 -8.83 -2.56
CA VAL C 258 -36.76 -8.14 -1.36
C VAL C 258 -35.35 -8.61 -1.01
N LEU C 259 -35.09 -9.92 -1.08
CA LEU C 259 -33.77 -10.41 -0.71
C LEU C 259 -32.72 -10.06 -1.76
N THR C 260 -33.11 -10.09 -3.05
CA THR C 260 -32.20 -9.65 -4.11
C THR C 260 -31.81 -8.20 -3.92
N MET C 261 -32.77 -7.37 -3.50
CA MET C 261 -32.49 -5.95 -3.35
C MET C 261 -31.65 -5.69 -2.10
N THR C 262 -31.88 -6.47 -1.02
CA THR C 262 -30.99 -6.33 0.13
C THR C 262 -29.58 -6.76 -0.23
N THR C 263 -29.44 -7.81 -1.04
CA THR C 263 -28.12 -8.28 -1.44
C THR C 263 -27.39 -7.25 -2.30
N ILE C 264 -28.06 -6.65 -3.28
CA ILE C 264 -27.39 -5.67 -4.14
C ILE C 264 -27.07 -4.41 -3.35
N ASN C 265 -27.96 -4.00 -2.42
CA ASN C 265 -27.68 -2.86 -1.56
C ASN C 265 -26.44 -3.10 -0.70
N THR C 266 -26.36 -4.28 -0.07
CA THR C 266 -25.20 -4.60 0.75
C THR C 266 -23.94 -4.73 -0.10
N HIS C 267 -24.09 -5.23 -1.33
CA HIS C 267 -22.95 -5.40 -2.21
C HIS C 267 -22.34 -4.05 -2.60
N LEU C 268 -23.19 -3.07 -2.94
CA LEU C 268 -22.70 -1.78 -3.42
C LEU C 268 -22.43 -0.77 -2.32
N ARG C 269 -22.97 -0.96 -1.11
CA ARG C 269 -22.67 -0.02 -0.03
C ARG C 269 -21.22 -0.10 0.41
N GLU C 270 -20.61 -1.30 0.35
CA GLU C 270 -19.25 -1.50 0.83
C GLU C 270 -18.19 -0.87 -0.07
N THR C 271 -18.54 -0.42 -1.27
CA THR C 271 -17.53 0.14 -2.18
C THR C 271 -16.97 1.44 -1.65
N LEU C 272 -17.84 2.30 -1.11
CA LEU C 272 -17.55 3.68 -0.75
C LEU C 272 -17.52 3.83 0.77
N PRO C 273 -16.86 4.89 1.29
CA PRO C 273 -16.51 4.89 2.72
C PRO C 273 -17.72 5.12 3.62
N LYS C 274 -17.47 5.27 4.91
CA LYS C 274 -18.50 5.15 5.95
C LYS C 274 -19.19 6.49 6.18
N ILE C 275 -19.68 7.08 5.09
CA ILE C 275 -20.15 8.47 5.18
C ILE C 275 -21.50 8.52 5.88
N PRO C 276 -21.81 9.55 6.70
CA PRO C 276 -23.14 9.57 7.33
C PRO C 276 -24.25 10.01 6.40
N TYR C 277 -24.03 11.08 5.63
CA TYR C 277 -25.08 11.68 4.82
C TYR C 277 -25.55 10.72 3.73
N VAL C 278 -26.84 10.78 3.43
CA VAL C 278 -27.45 9.82 2.53
C VAL C 278 -27.24 10.28 1.09
N LYS C 279 -26.82 9.36 0.23
CA LYS C 279 -26.49 9.68 -1.15
C LYS C 279 -27.72 9.55 -2.04
N ALA C 280 -27.57 9.98 -3.30
CA ALA C 280 -28.66 9.80 -4.26
C ALA C 280 -28.89 8.33 -4.55
N ILE C 281 -27.81 7.56 -4.63
CA ILE C 281 -27.92 6.11 -4.78
C ILE C 281 -28.71 5.51 -3.62
N ASP C 282 -28.48 6.00 -2.40
CA ASP C 282 -29.18 5.47 -1.24
C ASP C 282 -30.63 5.92 -1.22
N MET C 283 -30.91 7.14 -1.67
CA MET C 283 -32.30 7.56 -1.90
C MET C 283 -33.01 6.63 -2.87
N TYR C 284 -32.36 6.29 -3.98
CA TYR C 284 -33.02 5.43 -4.97
C TYR C 284 -33.23 4.02 -4.42
N LEU C 285 -32.22 3.49 -3.71
CA LEU C 285 -32.33 2.16 -3.14
C LEU C 285 -33.42 2.11 -2.07
N MET C 286 -33.48 3.13 -1.20
CA MET C 286 -34.52 3.18 -0.18
C MET C 286 -35.90 3.36 -0.81
N GLY C 287 -36.00 4.16 -1.87
CA GLY C 287 -37.28 4.33 -2.55
C GLY C 287 -37.80 3.04 -3.14
N CYS C 288 -36.93 2.31 -3.83
CA CYS C 288 -37.34 1.03 -4.38
C CYS C 288 -37.61 0.03 -3.25
N PHE C 289 -36.94 0.19 -2.10
CA PHE C 289 -37.21 -0.69 -0.97
C PHE C 289 -38.60 -0.47 -0.42
N VAL C 290 -39.00 0.78 -0.21
CA VAL C 290 -40.35 1.03 0.29
C VAL C 290 -41.39 0.66 -0.77
N PHE C 291 -41.04 0.78 -2.06
CA PHE C 291 -41.99 0.38 -3.10
C PHE C 291 -42.21 -1.14 -3.11
N VAL C 292 -41.14 -1.93 -3.07
CA VAL C 292 -41.34 -3.39 -3.09
C VAL C 292 -41.98 -3.85 -1.78
N PHE C 293 -41.60 -3.23 -0.66
CA PHE C 293 -42.24 -3.52 0.62
C PHE C 293 -43.73 -3.22 0.58
N MET C 294 -44.10 -2.11 -0.05
CA MET C 294 -45.50 -1.73 -0.11
C MET C 294 -46.26 -2.61 -1.09
N ALA C 295 -45.59 -3.10 -2.14
CA ALA C 295 -46.21 -4.08 -3.02
C ALA C 295 -46.50 -5.38 -2.28
N LEU C 296 -45.53 -5.85 -1.48
CA LEU C 296 -45.77 -7.05 -0.68
C LEU C 296 -46.84 -6.82 0.37
N LEU C 297 -46.88 -5.60 0.93
CA LEU C 297 -47.94 -5.25 1.88
C LEU C 297 -49.31 -5.26 1.21
N GLU C 298 -49.41 -4.76 -0.02
CA GLU C 298 -50.68 -4.74 -0.71
C GLU C 298 -51.11 -6.16 -1.08
N TYR C 299 -50.14 -7.02 -1.42
CA TYR C 299 -50.46 -8.43 -1.62
C TYR C 299 -50.97 -9.06 -0.33
N ALA C 300 -50.36 -8.71 0.80
CA ALA C 300 -50.82 -9.23 2.09
C ALA C 300 -52.23 -8.76 2.39
N LEU C 301 -52.54 -7.50 2.05
CA LEU C 301 -53.90 -7.00 2.22
C LEU C 301 -54.87 -7.76 1.33
N VAL C 302 -54.46 -8.07 0.10
CA VAL C 302 -55.30 -8.83 -0.82
C VAL C 302 -55.58 -10.22 -0.25
N ASN C 303 -54.54 -10.88 0.28
CA ASN C 303 -54.71 -12.20 0.86
C ASN C 303 -55.57 -12.14 2.12
N TYR C 304 -55.45 -11.06 2.89
CA TYR C 304 -56.30 -10.87 4.05
C TYR C 304 -57.76 -10.76 3.66
N ILE C 305 -58.05 -9.99 2.61
CA ILE C 305 -59.42 -9.75 2.14
C ILE C 305 -59.78 -10.68 0.97
N PHE C 306 -59.05 -11.79 0.81
CA PHE C 306 -59.32 -12.71 -0.30
C PHE C 306 -60.59 -13.52 -0.03
N PHE C 307 -60.62 -14.25 1.08
CA PHE C 307 -61.77 -15.12 1.37
C PHE C 307 -63.06 -14.32 1.58
N SER C 308 -62.98 -13.12 2.15
CA SER C 308 -64.20 -12.41 2.54
C SER C 308 -64.95 -11.89 1.32
N GLN C 309 -64.23 -11.40 0.32
CA GLN C 309 -64.82 -10.93 -0.92
C GLN C 309 -63.71 -10.94 -1.98
N PRO C 310 -63.86 -11.67 -3.12
CA PRO C 310 -62.85 -11.53 -4.18
C PRO C 310 -63.01 -10.29 -5.03
N ALA C 311 -64.16 -9.60 -4.97
CA ALA C 311 -64.37 -8.41 -5.77
C ALA C 311 -63.41 -7.30 -5.35
N ARG C 312 -63.28 -7.07 -4.04
CA ARG C 312 -62.35 -6.05 -3.57
C ARG C 312 -60.90 -6.45 -3.87
N ALA C 313 -60.60 -7.75 -3.79
CA ALA C 313 -59.25 -8.21 -4.12
C ALA C 313 -58.90 -7.93 -5.58
N ALA C 314 -59.81 -8.28 -6.50
CA ALA C 314 -59.57 -8.03 -7.91
C ALA C 314 -59.51 -6.54 -8.21
N ALA C 315 -60.37 -5.74 -7.55
CA ALA C 315 -60.35 -4.30 -7.77
C ALA C 315 -59.04 -3.69 -7.29
N ILE C 316 -58.58 -4.08 -6.10
CA ILE C 316 -57.32 -3.58 -5.56
C ILE C 316 -56.16 -4.00 -6.47
N ASP C 317 -56.21 -5.23 -6.98
CA ASP C 317 -55.19 -5.72 -7.89
C ASP C 317 -55.13 -4.87 -9.17
N ARG C 318 -56.28 -4.57 -9.76
CA ARG C 318 -56.29 -3.81 -11.00
C ARG C 318 -55.88 -2.36 -10.76
N TRP C 319 -56.33 -1.76 -9.65
CA TRP C 319 -55.92 -0.41 -9.33
C TRP C 319 -54.41 -0.33 -9.11
N SER C 320 -53.84 -1.31 -8.41
CA SER C 320 -52.39 -1.31 -8.20
C SER C 320 -51.65 -1.52 -9.52
N ARG C 321 -52.16 -2.40 -10.38
CA ARG C 321 -51.57 -2.61 -11.70
C ARG C 321 -51.55 -1.34 -12.53
N ILE C 322 -52.58 -0.49 -12.39
CA ILE C 322 -52.62 0.78 -13.13
C ILE C 322 -51.81 1.89 -12.44
N PHE C 323 -51.70 1.87 -11.10
CA PHE C 323 -51.16 3.00 -10.34
C PHE C 323 -49.72 2.82 -9.84
N PHE C 324 -49.14 1.62 -9.93
CA PHE C 324 -47.76 1.44 -9.48
C PHE C 324 -46.74 1.92 -10.52
N PRO C 325 -46.90 1.57 -11.81
CA PRO C 325 -46.01 2.17 -12.83
C PRO C 325 -46.02 3.69 -12.87
N VAL C 326 -47.19 4.32 -12.73
CA VAL C 326 -47.23 5.78 -12.79
C VAL C 326 -46.57 6.39 -11.56
N VAL C 327 -46.70 5.72 -10.40
CA VAL C 327 -46.08 6.25 -9.19
C VAL C 327 -44.56 6.15 -9.27
N PHE C 328 -44.04 5.02 -9.78
CA PHE C 328 -42.59 4.94 -9.97
C PHE C 328 -42.15 5.95 -11.03
N SER C 329 -42.92 6.11 -12.11
CA SER C 329 -42.53 7.06 -13.15
C SER C 329 -42.48 8.49 -12.60
N PHE C 330 -43.44 8.85 -11.75
CA PHE C 330 -43.39 10.14 -11.07
C PHE C 330 -42.18 10.26 -10.16
N PHE C 331 -41.89 9.23 -9.36
CA PHE C 331 -40.77 9.32 -8.43
C PHE C 331 -39.44 9.36 -9.18
N ASN C 332 -39.33 8.57 -10.25
CA ASN C 332 -38.11 8.52 -11.06
C ASN C 332 -37.86 9.85 -11.73
N ILE C 333 -38.91 10.46 -12.29
CA ILE C 333 -38.75 11.76 -12.94
C ILE C 333 -38.43 12.82 -11.89
N VAL C 334 -39.01 12.70 -10.69
CA VAL C 334 -38.71 13.63 -9.60
C VAL C 334 -37.23 13.54 -9.22
N TYR C 335 -36.73 12.31 -9.07
CA TYR C 335 -35.32 12.12 -8.74
C TYR C 335 -34.42 12.69 -9.82
N TRP C 336 -34.70 12.37 -11.08
CA TRP C 336 -33.81 12.75 -12.16
C TRP C 336 -33.91 14.22 -12.52
N LEU C 337 -34.99 14.92 -12.11
CA LEU C 337 -35.04 16.37 -12.26
C LEU C 337 -34.45 17.11 -11.06
N TYR C 338 -34.47 16.53 -9.85
CA TYR C 338 -33.94 17.22 -8.68
C TYR C 338 -32.43 17.03 -8.52
N TYR C 339 -31.90 15.82 -8.74
CA TYR C 339 -30.47 15.59 -8.56
C TYR C 339 -29.62 16.05 -9.73
N VAL C 340 -30.22 16.47 -10.84
CA VAL C 340 -29.43 17.05 -11.93
C VAL C 340 -29.49 18.57 -11.84
N ASP D 10 29.47 38.92 -3.29
CA ASP D 10 29.85 37.93 -2.23
C ASP D 10 29.66 38.53 -0.84
N ASN D 11 28.46 39.05 -0.58
CA ASN D 11 28.10 39.56 0.73
C ASN D 11 27.81 38.45 1.75
N THR D 12 27.72 37.20 1.32
CA THR D 12 27.41 36.07 2.20
C THR D 12 28.63 35.60 3.01
N THR D 13 29.83 36.14 2.72
CA THR D 13 31.04 35.75 3.43
C THR D 13 30.94 36.01 4.93
N VAL D 14 30.25 37.09 5.32
CA VAL D 14 30.07 37.39 6.74
C VAL D 14 29.22 36.32 7.41
N PHE D 15 28.14 35.90 6.73
CA PHE D 15 27.24 34.93 7.34
C PHE D 15 27.89 33.55 7.44
N THR D 16 28.63 33.12 6.40
CA THR D 16 29.28 31.82 6.52
C THR D 16 30.38 31.86 7.57
N ARG D 17 31.03 33.03 7.74
CA ARG D 17 31.98 33.17 8.85
C ARG D 17 31.27 33.03 10.20
N ILE D 18 30.08 33.62 10.33
CA ILE D 18 29.32 33.53 11.57
C ILE D 18 28.93 32.08 11.86
N LEU D 19 28.45 31.38 10.84
CA LEU D 19 28.03 29.98 11.03
C LEU D 19 29.22 29.09 11.37
N ASP D 20 30.36 29.30 10.70
CA ASP D 20 31.55 28.52 11.00
C ASP D 20 32.04 28.80 12.41
N ARG D 21 31.93 30.06 12.86
CA ARG D 21 32.28 30.38 14.23
C ARG D 21 31.34 29.68 15.21
N LEU D 22 30.05 29.63 14.88
CA LEU D 22 29.08 29.00 15.77
C LEU D 22 29.34 27.51 15.91
N LEU D 23 29.63 26.84 14.80
CA LEU D 23 29.86 25.39 14.83
C LEU D 23 31.28 25.00 15.20
N ASP D 24 32.21 25.95 15.33
CA ASP D 24 33.57 25.63 15.74
C ASP D 24 33.56 25.25 17.21
N GLY D 25 33.92 24.00 17.50
CA GLY D 25 33.92 23.51 18.86
C GLY D 25 32.56 23.17 19.43
N TYR D 26 31.49 23.31 18.65
CA TYR D 26 30.16 22.91 19.12
C TYR D 26 30.12 21.40 19.25
N ASP D 27 29.48 20.93 20.33
CA ASP D 27 29.25 19.52 20.58
C ASP D 27 27.74 19.30 20.63
N ASN D 28 27.20 18.73 19.55
CA ASN D 28 25.78 18.42 19.48
C ASN D 28 25.39 17.19 20.30
N ARG D 29 26.34 16.52 20.94
CA ARG D 29 26.06 15.34 21.75
C ARG D 29 25.67 15.69 23.18
N LEU D 30 26.03 16.88 23.66
CA LEU D 30 25.69 17.36 24.99
C LEU D 30 24.52 18.33 24.89
N ARG D 31 23.53 18.15 25.76
CA ARG D 31 22.40 19.06 25.80
C ARG D 31 22.87 20.46 26.23
N PRO D 32 22.15 21.52 25.87
CA PRO D 32 22.58 22.85 26.31
C PRO D 32 22.46 23.00 27.82
N GLY D 33 23.47 23.64 28.41
CA GLY D 33 23.50 23.81 29.85
C GLY D 33 23.55 22.48 30.57
N LEU D 34 24.51 21.64 30.21
CA LEU D 34 24.55 20.28 30.75
C LEU D 34 24.80 20.28 32.25
N GLY D 35 25.83 20.99 32.70
CA GLY D 35 26.22 21.04 34.10
C GLY D 35 25.73 22.23 34.89
N GLU D 36 24.80 23.02 34.35
CA GLU D 36 24.37 24.29 34.92
C GLU D 36 22.90 24.31 35.29
N ARG D 37 22.03 23.84 34.41
CA ARG D 37 20.59 24.01 34.57
C ARG D 37 19.88 22.83 33.91
N VAL D 38 18.56 22.94 33.79
CA VAL D 38 17.70 21.95 33.16
C VAL D 38 17.25 22.52 31.83
N THR D 39 17.31 21.71 30.77
CA THR D 39 16.89 22.18 29.44
C THR D 39 15.38 22.25 29.37
N GLU D 40 14.85 23.44 29.05
CA GLU D 40 13.42 23.70 28.99
C GLU D 40 13.04 23.78 27.52
N VAL D 41 12.17 22.87 27.08
CA VAL D 41 11.76 22.75 25.69
C VAL D 41 10.31 23.20 25.59
N LYS D 42 10.07 24.28 24.85
CA LYS D 42 8.73 24.80 24.60
C LYS D 42 8.18 24.17 23.34
N THR D 43 7.14 23.34 23.50
CA THR D 43 6.59 22.53 22.43
C THR D 43 5.26 23.11 21.96
N ASP D 44 4.94 22.87 20.69
CA ASP D 44 3.69 23.30 20.09
C ASP D 44 3.32 22.30 19.00
N ILE D 45 2.01 22.24 18.71
CA ILE D 45 1.48 21.38 17.65
C ILE D 45 0.43 22.18 16.90
N PHE D 46 0.43 22.05 15.58
CA PHE D 46 -0.56 22.65 14.69
C PHE D 46 -1.08 21.57 13.76
N VAL D 47 -2.30 21.11 13.99
CA VAL D 47 -2.87 19.99 13.24
C VAL D 47 -3.35 20.54 11.89
N THR D 48 -2.63 20.20 10.83
CA THR D 48 -3.06 20.62 9.49
C THR D 48 -4.24 19.80 9.01
N SER D 49 -4.31 18.52 9.38
CA SER D 49 -5.45 17.69 9.02
C SER D 49 -5.56 16.47 9.93
N PHE D 50 -6.70 16.33 10.61
CA PHE D 50 -6.94 15.19 11.49
C PHE D 50 -7.36 14.01 10.61
N GLY D 51 -6.50 13.01 10.52
CA GLY D 51 -6.69 11.92 9.59
C GLY D 51 -7.82 11.00 10.01
N PRO D 52 -8.13 10.02 9.16
CA PRO D 52 -9.24 9.11 9.49
C PRO D 52 -8.88 8.19 10.64
N VAL D 53 -9.88 7.89 11.45
CA VAL D 53 -9.72 7.03 12.62
C VAL D 53 -10.03 5.60 12.20
N SER D 54 -9.00 4.77 12.13
CA SER D 54 -9.17 3.36 11.79
C SER D 54 -9.73 2.66 13.02
N ASP D 55 -11.04 2.43 13.00
CA ASP D 55 -11.68 1.75 14.12
C ASP D 55 -11.24 0.30 14.23
N HIS D 56 -10.93 -0.33 13.09
CA HIS D 56 -10.61 -1.75 13.11
C HIS D 56 -9.30 -2.03 13.83
N ASP D 57 -8.34 -1.10 13.74
CA ASP D 57 -7.03 -1.23 14.37
C ASP D 57 -6.87 -0.42 15.65
N MET D 58 -7.88 0.36 16.05
CA MET D 58 -7.82 1.19 17.26
C MET D 58 -6.69 2.20 17.18
N GLU D 59 -6.53 2.80 16.01
CA GLU D 59 -5.51 3.82 15.76
C GLU D 59 -6.18 4.98 15.04
N TYR D 60 -5.44 6.08 14.91
CA TYR D 60 -5.92 7.23 14.17
C TYR D 60 -4.72 7.96 13.60
N THR D 61 -4.96 8.70 12.52
CA THR D 61 -3.93 9.41 11.77
C THR D 61 -4.13 10.90 11.97
N ILE D 62 -3.02 11.63 11.97
CA ILE D 62 -3.02 13.07 12.21
C ILE D 62 -1.75 13.65 11.62
N ASP D 63 -1.89 14.80 10.95
CA ASP D 63 -0.78 15.52 10.32
C ASP D 63 -0.55 16.81 11.08
N VAL D 64 0.69 17.05 11.51
CA VAL D 64 1.03 18.12 12.44
C VAL D 64 2.33 18.78 12.01
N PHE D 65 2.47 20.07 12.34
CA PHE D 65 3.73 20.83 12.16
C PHE D 65 4.39 20.87 13.53
N PHE D 66 4.84 19.73 14.03
CA PHE D 66 5.36 19.60 15.38
C PHE D 66 6.45 20.62 15.63
N ARG D 67 6.12 21.66 16.40
CA ARG D 67 7.01 22.82 16.65
C ARG D 67 7.60 22.83 18.03
N GLN D 68 8.86 23.17 18.13
CA GLN D 68 9.58 23.13 19.40
C GLN D 68 10.40 24.41 19.51
N SER D 69 10.88 24.67 20.72
CA SER D 69 11.82 25.77 20.92
C SER D 69 12.51 25.58 22.26
N TRP D 70 13.79 25.93 22.30
CA TRP D 70 14.58 25.90 23.52
C TRP D 70 15.62 27.00 23.39
N LYS D 71 16.63 26.97 24.27
CA LYS D 71 17.66 28.00 24.31
C LYS D 71 19.02 27.33 24.46
N ASP D 72 19.88 27.52 23.45
CA ASP D 72 21.28 27.08 23.47
C ASP D 72 22.13 28.33 23.49
N GLU D 73 22.87 28.52 24.58
CA GLU D 73 23.72 29.70 24.72
C GLU D 73 24.97 29.63 23.84
N ARG D 74 25.37 28.42 23.41
CA ARG D 74 26.51 28.30 22.52
C ARG D 74 26.28 28.92 21.15
N LEU D 75 25.02 29.05 20.70
CA LEU D 75 24.67 29.49 19.37
C LEU D 75 24.23 30.96 19.33
N LYS D 76 24.81 31.79 20.19
CA LYS D 76 24.62 33.23 20.09
C LYS D 76 25.50 33.79 18.99
N PHE D 77 25.04 34.89 18.39
CA PHE D 77 25.76 35.53 17.29
C PHE D 77 25.47 37.02 17.31
N LYS D 78 26.31 37.77 16.59
CA LYS D 78 26.13 39.20 16.38
C LYS D 78 26.35 39.43 14.88
N GLY D 79 25.28 39.81 14.18
CA GLY D 79 25.35 40.04 12.76
C GLY D 79 24.31 41.05 12.31
N PRO D 80 24.33 41.40 11.02
CA PRO D 80 23.37 42.41 10.54
C PRO D 80 21.93 41.97 10.61
N MET D 81 21.64 40.68 10.42
CA MET D 81 20.28 40.15 10.48
C MET D 81 20.08 39.49 11.83
N THR D 82 18.86 39.61 12.36
CA THR D 82 18.56 39.20 13.72
C THR D 82 17.98 37.80 13.84
N VAL D 83 17.54 37.18 12.73
CA VAL D 83 17.02 35.81 12.72
C VAL D 83 17.63 35.10 11.51
N LEU D 84 18.32 33.99 11.76
CA LEU D 84 18.91 33.17 10.71
C LEU D 84 17.94 32.06 10.35
N ARG D 85 17.33 32.17 9.16
CA ARG D 85 16.46 31.14 8.59
C ARG D 85 17.33 30.24 7.73
N LEU D 86 17.29 28.93 7.98
CA LEU D 86 18.37 28.02 7.65
C LEU D 86 17.84 26.81 6.89
N ASN D 87 18.75 26.14 6.17
CA ASN D 87 18.39 25.16 5.14
C ASN D 87 17.85 23.83 5.69
N ASN D 88 17.78 23.65 7.01
CA ASN D 88 17.23 22.53 7.80
C ASN D 88 18.14 21.30 7.84
N LEU D 89 19.27 21.30 7.13
CA LEU D 89 20.30 20.28 7.32
C LEU D 89 21.25 20.61 8.47
N MET D 90 21.24 21.84 8.99
CA MET D 90 22.02 22.14 10.18
C MET D 90 21.40 21.55 11.44
N ALA D 91 20.12 21.16 11.40
CA ALA D 91 19.50 20.50 12.55
C ALA D 91 20.22 19.20 12.91
N SER D 92 20.72 18.48 11.90
CA SER D 92 21.59 17.35 12.16
C SER D 92 22.91 17.77 12.79
N LYS D 93 23.39 18.98 12.51
CA LYS D 93 24.68 19.46 13.01
C LYS D 93 24.62 20.06 14.40
N ILE D 94 23.43 20.25 14.99
CA ILE D 94 23.29 20.84 16.32
C ILE D 94 22.32 20.00 17.15
N TRP D 95 22.36 20.23 18.46
CA TRP D 95 21.53 19.46 19.38
C TRP D 95 20.05 19.78 19.15
N THR D 96 19.25 18.73 19.09
CA THR D 96 17.79 18.82 19.10
C THR D 96 17.27 17.77 20.08
N PRO D 97 16.16 18.01 20.76
CA PRO D 97 15.68 17.02 21.73
C PRO D 97 15.09 15.82 21.01
N ASP D 98 15.26 14.65 21.63
CA ASP D 98 14.83 13.39 21.03
C ASP D 98 13.41 13.04 21.50
N THR D 99 12.49 13.93 21.15
CA THR D 99 11.09 13.71 21.46
C THR D 99 10.57 12.53 20.64
N PHE D 100 9.81 11.66 21.30
CA PHE D 100 9.14 10.55 20.65
C PHE D 100 7.74 10.43 21.20
N PHE D 101 6.86 9.85 20.39
CA PHE D 101 5.45 9.69 20.74
C PHE D 101 5.29 8.37 21.48
N HIS D 102 4.81 8.43 22.72
CA HIS D 102 4.67 7.24 23.64
C HIS D 102 3.71 6.20 23.06
N ASN D 103 2.63 6.62 22.43
CA ASN D 103 1.67 5.73 21.80
C ASN D 103 1.77 5.72 20.28
N GLY D 104 2.80 6.33 19.70
CA GLY D 104 2.94 6.32 18.25
C GLY D 104 3.22 4.92 17.73
N LYS D 105 2.35 4.46 16.83
CA LYS D 105 2.54 3.16 16.19
C LYS D 105 3.60 3.23 15.09
N LYS D 106 3.27 3.91 13.98
CA LYS D 106 4.21 4.07 12.86
C LYS D 106 3.98 5.44 12.23
N SER D 107 4.91 6.35 12.48
CA SER D 107 4.88 7.72 11.98
C SER D 107 6.01 7.92 10.98
N VAL D 108 5.81 8.89 10.08
CA VAL D 108 6.72 9.18 8.99
C VAL D 108 6.96 10.68 8.92
N ALA D 109 8.23 11.06 8.82
CA ALA D 109 8.63 12.44 8.56
C ALA D 109 8.75 12.61 7.05
N HIS D 110 7.87 13.43 6.48
CA HIS D 110 7.78 13.54 5.03
C HIS D 110 9.03 14.23 4.49
N ASN D 111 9.68 13.57 3.51
CA ASN D 111 10.96 14.01 2.98
C ASN D 111 10.81 14.64 1.59
N MET D 112 9.59 15.03 1.21
CA MET D 112 9.26 15.47 -0.14
C MET D 112 9.20 17.00 -0.16
N THR D 113 9.94 17.66 -1.08
CA THR D 113 11.00 17.25 -2.00
C THR D 113 12.29 17.09 -1.20
N MET D 114 12.50 18.03 -0.30
CA MET D 114 13.57 18.02 0.69
C MET D 114 12.99 17.62 2.04
N PRO D 115 13.83 17.44 3.08
CA PRO D 115 13.29 17.18 4.42
C PRO D 115 12.39 18.30 4.90
N ASN D 116 11.13 17.96 5.19
CA ASN D 116 10.16 18.95 5.66
C ASN D 116 10.54 19.30 7.10
N LYS D 117 11.52 20.18 7.23
CA LYS D 117 12.06 20.62 8.50
C LYS D 117 12.37 22.09 8.41
N LEU D 118 12.44 22.75 9.57
CA LEU D 118 12.59 24.23 9.66
C LEU D 118 13.38 24.56 10.91
N LEU D 119 14.42 25.33 10.77
CA LEU D 119 15.33 25.69 11.85
C LEU D 119 15.58 27.18 11.77
N ARG D 120 15.30 27.89 12.87
CA ARG D 120 15.56 29.32 13.00
C ARG D 120 16.30 29.57 14.30
N ILE D 121 17.32 30.43 14.23
CA ILE D 121 18.17 30.78 15.36
C ILE D 121 18.07 32.29 15.53
N THR D 122 17.52 32.72 16.66
CA THR D 122 17.39 34.12 16.99
C THR D 122 18.71 34.64 17.57
N GLU D 123 18.80 35.97 17.71
CA GLU D 123 20.03 36.62 18.19
C GLU D 123 20.41 36.15 19.58
N ASP D 124 19.42 36.02 20.47
CA ASP D 124 19.71 35.66 21.85
C ASP D 124 20.13 34.20 22.03
N GLY D 125 20.02 33.36 21.00
CA GLY D 125 20.28 31.93 21.09
C GLY D 125 19.05 31.06 21.14
N THR D 126 17.84 31.64 21.12
CA THR D 126 16.63 30.83 21.04
C THR D 126 16.57 30.09 19.71
N LEU D 127 16.09 28.86 19.77
CA LEU D 127 15.91 28.00 18.60
C LEU D 127 14.42 27.75 18.37
N LEU D 128 14.08 27.47 17.13
CA LEU D 128 12.70 27.17 16.72
C LEU D 128 12.77 26.08 15.66
N TYR D 129 12.69 24.83 16.10
CA TYR D 129 12.85 23.65 15.26
C TYR D 129 11.47 23.03 15.04
N THR D 130 10.91 23.28 13.87
CA THR D 130 9.61 22.71 13.49
C THR D 130 9.79 21.59 12.48
N MET D 131 8.92 20.60 12.47
CA MET D 131 8.93 19.47 11.55
C MET D 131 7.50 19.09 11.21
N ARG D 132 7.30 18.68 9.96
CA ARG D 132 6.03 18.15 9.48
C ARG D 132 6.12 16.64 9.50
N LEU D 133 5.04 15.99 9.91
CA LEU D 133 5.03 14.53 10.00
C LEU D 133 3.60 14.08 10.22
N THR D 134 3.34 12.83 9.87
CA THR D 134 2.04 12.17 10.05
C THR D 134 2.18 11.14 11.16
N VAL D 135 1.52 11.40 12.29
CA VAL D 135 1.55 10.49 13.43
C VAL D 135 0.45 9.46 13.26
N ARG D 136 0.75 8.23 13.63
CA ARG D 136 -0.20 7.13 13.66
C ARG D 136 -0.10 6.56 15.08
N ALA D 137 -1.08 6.91 15.91
CA ALA D 137 -1.08 6.63 17.34
C ALA D 137 -2.25 5.72 17.70
N GLU D 138 -2.03 4.87 18.69
CA GLU D 138 -3.04 3.91 19.12
C GLU D 138 -4.03 4.60 20.05
N CYS D 139 -5.32 4.42 19.77
CA CYS D 139 -6.42 5.00 20.52
C CYS D 139 -7.20 3.87 21.18
N PRO D 140 -6.95 3.52 22.45
CA PRO D 140 -7.72 2.42 23.05
C PRO D 140 -9.18 2.82 23.25
N MET D 141 -10.07 2.06 22.63
CA MET D 141 -11.50 2.36 22.58
C MET D 141 -12.27 1.38 23.44
N HIS D 142 -13.34 1.88 24.06
CA HIS D 142 -14.31 1.08 24.81
C HIS D 142 -15.60 1.08 24.02
N LEU D 143 -15.78 0.06 23.18
CA LEU D 143 -16.92 -0.03 22.27
C LEU D 143 -18.10 -0.78 22.88
N GLU D 144 -18.48 -0.40 24.10
CA GLU D 144 -19.71 -0.88 24.70
C GLU D 144 -20.93 -0.16 24.16
N ASP D 145 -20.81 1.14 23.88
CA ASP D 145 -21.90 1.98 23.41
C ASP D 145 -21.89 2.17 21.89
N PHE D 146 -21.35 1.21 21.15
CA PHE D 146 -21.29 1.36 19.70
C PHE D 146 -22.71 1.33 19.13
N PRO D 147 -23.04 2.16 18.13
CA PRO D 147 -22.36 3.31 17.52
C PRO D 147 -22.76 4.64 18.15
N MET D 148 -23.15 4.65 19.43
CA MET D 148 -23.46 5.85 20.19
C MET D 148 -22.30 6.20 21.14
N ASP D 149 -21.09 5.79 20.79
CA ASP D 149 -19.93 5.86 21.69
C ASP D 149 -19.17 7.16 21.46
N ALA D 150 -18.29 7.46 22.41
CA ALA D 150 -17.38 8.60 22.33
C ALA D 150 -16.03 8.19 22.90
N HIS D 151 -14.96 8.78 22.35
CA HIS D 151 -13.59 8.43 22.67
C HIS D 151 -12.76 9.67 22.88
N ALA D 152 -11.77 9.55 23.76
CA ALA D 152 -10.73 10.55 23.99
C ALA D 152 -9.43 9.89 23.56
N CYS D 153 -9.09 10.02 22.29
CA CYS D 153 -7.91 9.35 21.75
C CYS D 153 -6.67 10.14 22.17
N PRO D 154 -5.72 9.57 22.92
CA PRO D 154 -4.61 10.39 23.40
C PRO D 154 -3.52 10.60 22.35
N LEU D 155 -2.60 11.52 22.67
CA LEU D 155 -1.36 11.70 21.93
C LEU D 155 -0.31 12.11 22.96
N LYS D 156 0.42 11.12 23.47
CA LYS D 156 1.41 11.32 24.53
C LYS D 156 2.79 11.27 23.92
N PHE D 157 3.65 12.23 24.30
CA PHE D 157 5.02 12.29 23.82
C PHE D 157 5.94 12.81 24.92
N GLY D 158 7.22 12.51 24.76
CA GLY D 158 8.22 12.93 25.72
C GLY D 158 9.59 12.50 25.24
N SER D 159 10.60 12.85 26.01
CA SER D 159 11.99 12.59 25.63
C SER D 159 12.37 11.16 25.96
N TYR D 160 13.09 10.54 25.04
CA TYR D 160 13.76 9.27 25.26
C TYR D 160 15.14 9.56 25.83
N ALA D 161 15.53 8.83 26.86
CA ALA D 161 16.88 8.77 27.43
C ALA D 161 17.27 9.99 28.28
N TYR D 162 16.46 11.06 28.34
CA TYR D 162 16.70 12.22 29.20
C TYR D 162 15.59 12.32 30.22
N THR D 163 15.96 12.40 31.49
CA THR D 163 14.99 12.31 32.59
C THR D 163 14.41 13.69 32.87
N ARG D 164 13.52 13.75 33.87
CA ARG D 164 12.90 14.99 34.30
C ARG D 164 13.91 16.00 34.82
N ALA D 165 15.04 15.56 35.36
CA ALA D 165 16.03 16.47 35.89
C ALA D 165 16.88 17.15 34.82
N GLU D 166 16.70 16.80 33.54
CA GLU D 166 17.62 17.15 32.46
C GLU D 166 16.92 17.76 31.26
N VAL D 167 15.72 17.28 30.92
CA VAL D 167 14.92 17.82 29.84
C VAL D 167 13.48 17.85 30.32
N VAL D 168 12.93 19.06 30.44
CA VAL D 168 11.54 19.29 30.87
C VAL D 168 10.81 19.99 29.74
N TYR D 169 9.66 19.45 29.36
CA TYR D 169 8.85 19.97 28.28
C TYR D 169 7.80 20.93 28.82
N GLU D 170 7.40 21.87 27.99
CA GLU D 170 6.43 22.89 28.36
C GLU D 170 5.70 23.33 27.10
N TRP D 171 4.54 23.94 27.28
CA TRP D 171 3.80 24.51 26.17
C TRP D 171 4.25 25.94 25.90
N THR D 172 4.29 26.31 24.62
CA THR D 172 4.78 27.63 24.26
C THR D 172 3.77 28.74 24.55
N ARG D 173 2.49 28.47 24.35
CA ARG D 173 1.39 29.41 24.57
C ARG D 173 0.57 28.88 25.74
N GLU D 174 -0.57 29.52 26.01
CA GLU D 174 -1.50 29.03 27.02
C GLU D 174 -1.92 27.61 26.64
N PRO D 175 -2.00 26.67 27.60
CA PRO D 175 -2.31 25.27 27.20
C PRO D 175 -3.65 25.10 26.51
N ALA D 176 -4.64 25.95 26.80
CA ALA D 176 -5.87 25.91 26.05
C ALA D 176 -5.67 26.27 24.58
N ARG D 177 -4.67 27.11 24.27
CA ARG D 177 -4.45 27.64 22.92
C ARG D 177 -3.17 27.11 22.28
N SER D 178 -2.61 26.01 22.78
CA SER D 178 -1.36 25.48 22.24
C SER D 178 -1.60 24.55 21.05
N VAL D 179 -2.31 23.44 21.28
CA VAL D 179 -2.59 22.50 20.21
C VAL D 179 -3.76 23.06 19.40
N VAL D 180 -3.46 23.59 18.22
CA VAL D 180 -4.41 24.28 17.36
C VAL D 180 -4.71 23.39 16.17
N VAL D 181 -5.99 23.32 15.79
CA VAL D 181 -6.47 22.53 14.67
C VAL D 181 -6.91 23.48 13.57
N ALA D 182 -6.53 23.16 12.33
CA ALA D 182 -6.91 23.98 11.19
C ALA D 182 -8.41 23.88 10.96
N GLU D 183 -8.94 24.86 10.20
CA GLU D 183 -10.38 24.97 10.05
C GLU D 183 -10.93 23.85 9.17
N ASP D 184 -10.36 23.68 7.98
CA ASP D 184 -10.74 22.62 7.06
C ASP D 184 -9.94 21.33 7.28
N GLY D 185 -9.10 21.27 8.30
CA GLY D 185 -8.26 20.10 8.53
C GLY D 185 -8.99 18.99 9.25
N SER D 186 -10.02 18.43 8.62
CA SER D 186 -10.81 17.33 9.18
C SER D 186 -11.05 16.33 8.06
N ARG D 187 -10.17 15.34 7.96
CA ARG D 187 -10.34 14.23 7.02
C ARG D 187 -11.28 13.14 7.54
N LEU D 188 -11.88 13.32 8.71
CA LEU D 188 -12.76 12.31 9.27
C LEU D 188 -14.03 12.19 8.45
N ASN D 189 -14.61 10.99 8.44
CA ASN D 189 -15.88 10.71 7.80
C ASN D 189 -16.87 9.99 8.69
N GLN D 190 -16.42 9.29 9.72
CA GLN D 190 -17.27 8.56 10.66
C GLN D 190 -17.51 9.34 11.94
N TYR D 191 -16.46 9.93 12.50
CA TYR D 191 -16.49 10.63 13.76
C TYR D 191 -16.68 12.13 13.50
N ASP D 192 -16.72 12.92 14.57
CA ASP D 192 -16.58 14.37 14.48
C ASP D 192 -15.68 14.84 15.61
N LEU D 193 -14.89 15.89 15.35
CA LEU D 193 -13.95 16.41 16.33
C LEU D 193 -14.63 17.49 17.16
N LEU D 194 -14.80 17.22 18.45
CA LEU D 194 -15.47 18.14 19.36
C LEU D 194 -14.52 19.13 20.01
N GLY D 195 -13.36 18.68 20.47
CA GLY D 195 -12.44 19.60 21.13
C GLY D 195 -11.14 18.93 21.47
N GLN D 196 -10.21 19.74 21.96
CA GLN D 196 -8.87 19.32 22.31
C GLN D 196 -8.72 19.38 23.82
N THR D 197 -7.70 18.71 24.33
CA THR D 197 -7.46 18.66 25.77
C THR D 197 -6.00 18.30 25.98
N VAL D 198 -5.18 19.27 26.39
CA VAL D 198 -3.77 19.05 26.69
C VAL D 198 -3.61 18.77 28.17
N ASP D 199 -2.53 18.08 28.51
CA ASP D 199 -2.17 17.83 29.90
C ASP D 199 -0.69 17.52 29.93
N SER D 200 -0.02 17.98 31.00
CA SER D 200 1.40 17.75 31.24
C SER D 200 1.55 16.97 32.52
N GLY D 201 2.34 15.91 32.48
CA GLY D 201 2.52 15.02 33.62
C GLY D 201 3.86 14.34 33.62
N ILE D 202 4.06 13.42 34.57
CA ILE D 202 5.31 12.72 34.78
C ILE D 202 5.02 11.23 34.83
N VAL D 203 5.93 10.46 34.22
CA VAL D 203 5.86 8.98 34.20
C VAL D 203 7.11 8.43 34.88
N GLN D 204 6.94 7.58 35.87
CA GLN D 204 8.07 6.93 36.58
C GLN D 204 8.42 5.62 35.89
N SER D 205 9.71 5.30 35.79
CA SER D 205 10.18 4.07 35.11
C SER D 205 11.49 3.58 35.73
N SER D 206 11.93 2.37 35.37
CA SER D 206 13.14 1.80 35.98
C SER D 206 14.34 2.71 35.70
N THR D 207 14.32 3.43 34.57
CA THR D 207 15.49 4.27 34.35
C THR D 207 15.39 5.64 35.01
N GLY D 208 14.20 6.08 35.41
CA GLY D 208 14.01 7.33 36.11
C GLY D 208 12.67 7.92 35.79
N GLU D 209 12.55 9.23 36.05
CA GLU D 209 11.35 10.00 35.78
C GLU D 209 11.48 10.70 34.43
N TYR D 210 10.35 10.87 33.75
CA TYR D 210 10.29 11.55 32.46
C TYR D 210 9.05 12.41 32.38
N VAL D 211 9.19 13.58 31.77
CA VAL D 211 8.06 14.45 31.51
C VAL D 211 7.26 13.88 30.34
N VAL D 212 5.94 13.91 30.46
CA VAL D 212 5.02 13.44 29.42
C VAL D 212 3.96 14.52 29.24
N MET D 213 3.78 14.96 28.00
CA MET D 213 2.70 15.86 27.61
C MET D 213 1.66 15.05 26.84
N THR D 214 0.44 15.02 27.36
CA THR D 214 -0.68 14.30 26.77
C THR D 214 -1.60 15.29 26.08
N THR D 215 -2.10 14.89 24.92
CA THR D 215 -3.17 15.59 24.21
C THR D 215 -4.26 14.60 23.88
N HIS D 216 -5.47 14.88 24.35
CA HIS D 216 -6.65 14.08 24.09
C HIS D 216 -7.53 14.80 23.08
N PHE D 217 -7.94 14.09 22.03
CA PHE D 217 -8.92 14.57 21.06
C PHE D 217 -10.23 13.85 21.32
N HIS D 218 -11.28 14.61 21.64
CA HIS D 218 -12.57 14.05 21.96
C HIS D 218 -13.38 13.85 20.69
N LEU D 219 -13.87 12.63 20.50
CA LEU D 219 -14.60 12.22 19.30
C LEU D 219 -15.94 11.64 19.69
N LYS D 220 -16.96 11.92 18.87
CA LYS D 220 -18.29 11.33 19.00
C LYS D 220 -18.66 10.73 17.66
N ARG D 221 -19.01 9.45 17.66
CA ARG D 221 -19.36 8.79 16.42
C ARG D 221 -20.69 9.31 15.88
N LYS D 222 -20.79 9.35 14.56
CA LYS D 222 -22.00 9.78 13.88
C LYS D 222 -22.92 8.58 13.67
N ILE D 223 -24.17 8.71 14.10
CA ILE D 223 -25.14 7.63 14.02
C ILE D 223 -25.88 7.57 12.69
N GLY D 224 -25.63 8.51 11.77
CA GLY D 224 -26.52 8.67 10.63
C GLY D 224 -26.49 7.48 9.68
N TYR D 225 -25.33 6.87 9.51
CA TYR D 225 -25.22 5.76 8.57
C TYR D 225 -25.67 4.46 9.24
N PHE D 226 -25.38 4.30 10.53
CA PHE D 226 -25.82 3.10 11.24
C PHE D 226 -27.31 3.07 11.48
N VAL D 227 -27.98 4.22 11.45
CA VAL D 227 -29.45 4.21 11.46
C VAL D 227 -29.97 3.58 10.18
N ILE D 228 -29.32 3.86 9.06
CA ILE D 228 -29.80 3.37 7.76
C ILE D 228 -29.39 1.91 7.55
N GLN D 229 -28.20 1.54 8.03
CA GLN D 229 -27.67 0.22 7.66
C GLN D 229 -28.32 -0.89 8.46
N THR D 230 -28.42 -0.73 9.78
CA THR D 230 -28.88 -1.76 10.70
C THR D 230 -30.27 -1.49 11.28
N TYR D 231 -30.46 -0.33 11.90
CA TYR D 231 -31.66 -0.13 12.72
C TYR D 231 -32.92 -0.04 11.86
N LEU D 232 -32.88 0.73 10.77
CA LEU D 232 -34.08 0.83 9.93
C LEU D 232 -34.42 -0.50 9.24
N PRO D 233 -33.48 -1.21 8.60
CA PRO D 233 -33.82 -2.53 8.08
C PRO D 233 -34.29 -3.50 9.13
N CYS D 234 -33.75 -3.39 10.34
CA CYS D 234 -34.13 -4.31 11.40
C CYS D 234 -35.54 -4.03 11.90
N ILE D 235 -35.91 -2.76 12.03
CA ILE D 235 -37.28 -2.39 12.39
C ILE D 235 -38.25 -2.83 11.31
N MET D 236 -37.91 -2.59 10.04
CA MET D 236 -38.78 -3.03 8.95
C MET D 236 -38.93 -4.54 8.93
N THR D 237 -37.87 -5.27 9.27
CA THR D 237 -37.96 -6.72 9.29
C THR D 237 -38.83 -7.21 10.46
N VAL D 238 -38.77 -6.52 11.60
CA VAL D 238 -39.67 -6.87 12.70
C VAL D 238 -41.11 -6.61 12.30
N ILE D 239 -41.36 -5.50 11.59
CA ILE D 239 -42.71 -5.25 11.08
C ILE D 239 -43.11 -6.33 10.06
N LEU D 240 -42.14 -6.83 9.30
CA LEU D 240 -42.45 -7.85 8.30
C LEU D 240 -42.79 -9.18 8.98
N SER D 241 -42.14 -9.48 10.10
CA SER D 241 -42.64 -10.56 10.95
C SER D 241 -44.05 -10.26 11.41
N GLN D 242 -44.33 -9.01 11.75
CA GLN D 242 -45.55 -8.71 12.46
C GLN D 242 -46.78 -8.81 11.57
N VAL D 243 -46.64 -8.47 10.28
CA VAL D 243 -47.79 -8.53 9.39
C VAL D 243 -48.19 -9.97 9.04
N SER D 244 -47.38 -10.97 9.42
CA SER D 244 -47.84 -12.35 9.39
C SER D 244 -49.10 -12.57 10.20
N PHE D 245 -49.23 -11.88 11.33
CA PHE D 245 -50.34 -12.21 12.23
C PHE D 245 -51.67 -11.72 11.67
N TRP D 246 -51.66 -10.67 10.85
CA TRP D 246 -52.85 -10.31 10.12
C TRP D 246 -53.22 -11.36 9.07
N LEU D 247 -52.25 -12.12 8.57
CA LEU D 247 -52.57 -13.18 7.63
C LEU D 247 -53.30 -14.30 8.35
N ASN D 248 -54.04 -15.09 7.58
CA ASN D 248 -55.01 -16.02 8.14
C ASN D 248 -54.32 -17.32 8.57
N ARG D 249 -55.09 -18.16 9.25
CA ARG D 249 -54.61 -19.45 9.74
C ARG D 249 -54.79 -20.56 8.70
N GLU D 250 -55.61 -20.36 7.67
CA GLU D 250 -55.81 -21.38 6.66
C GLU D 250 -54.63 -21.47 5.69
N SER D 251 -54.01 -20.33 5.36
CA SER D 251 -52.93 -20.27 4.39
C SER D 251 -51.60 -20.44 5.13
N VAL D 252 -51.44 -21.61 5.73
CA VAL D 252 -50.22 -21.97 6.44
C VAL D 252 -48.94 -21.88 5.60
N PRO D 253 -48.90 -22.27 4.29
CA PRO D 253 -47.61 -22.18 3.58
C PRO D 253 -47.10 -20.77 3.44
N ALA D 254 -47.99 -19.80 3.20
CA ALA D 254 -47.59 -18.41 3.07
C ALA D 254 -46.99 -17.89 4.38
N ARG D 255 -47.64 -18.19 5.51
CA ARG D 255 -47.13 -17.68 6.78
C ARG D 255 -45.81 -18.34 7.15
N THR D 256 -45.67 -19.66 6.93
CA THR D 256 -44.40 -20.30 7.33
C THR D 256 -43.25 -19.86 6.42
N VAL D 257 -43.51 -19.68 5.11
CA VAL D 257 -42.42 -19.20 4.26
C VAL D 257 -42.08 -17.76 4.61
N PHE D 258 -43.08 -16.95 5.01
CA PHE D 258 -42.78 -15.58 5.43
C PHE D 258 -41.90 -15.59 6.67
N GLY D 259 -42.20 -16.48 7.61
CA GLY D 259 -41.39 -16.59 8.83
C GLY D 259 -39.96 -17.05 8.55
N VAL D 260 -39.80 -18.10 7.74
CA VAL D 260 -38.45 -18.62 7.51
C VAL D 260 -37.64 -17.64 6.67
N THR D 261 -38.30 -16.91 5.76
CA THR D 261 -37.60 -15.86 5.05
C THR D 261 -37.20 -14.75 6.01
N THR D 262 -38.04 -14.46 6.99
CA THR D 262 -37.72 -13.41 7.96
C THR D 262 -36.50 -13.76 8.78
N VAL D 263 -36.43 -15.00 9.29
CA VAL D 263 -35.26 -15.37 10.09
C VAL D 263 -34.03 -15.45 9.21
N LEU D 264 -34.21 -15.80 7.92
CA LEU D 264 -33.08 -15.75 6.99
C LEU D 264 -32.53 -14.33 6.84
N THR D 265 -33.41 -13.34 6.62
CA THR D 265 -32.89 -11.98 6.43
C THR D 265 -32.34 -11.43 7.74
N MET D 266 -32.91 -11.85 8.88
CA MET D 266 -32.31 -11.47 10.16
C MET D 266 -30.91 -12.03 10.30
N THR D 267 -30.68 -13.27 9.88
CA THR D 267 -29.33 -13.83 9.98
C THR D 267 -28.36 -13.09 9.08
N THR D 268 -28.75 -12.81 7.83
CA THR D 268 -27.80 -12.15 6.93
C THR D 268 -27.55 -10.70 7.36
N LEU D 269 -28.59 -10.01 7.86
CA LEU D 269 -28.40 -8.66 8.40
C LEU D 269 -27.50 -8.70 9.63
N SER D 270 -27.63 -9.72 10.46
CA SER D 270 -26.83 -9.80 11.67
C SER D 270 -25.35 -9.96 11.34
N ILE D 271 -25.01 -10.89 10.45
CA ILE D 271 -23.59 -11.09 10.13
C ILE D 271 -23.07 -9.90 9.34
N SER D 272 -23.94 -9.27 8.52
CA SER D 272 -23.52 -8.09 7.78
C SER D 272 -23.20 -6.93 8.72
N ALA D 273 -24.02 -6.74 9.75
CA ALA D 273 -23.73 -5.72 10.75
C ALA D 273 -22.47 -6.05 11.53
N ARG D 274 -22.28 -7.33 11.86
CA ARG D 274 -21.15 -7.69 12.71
C ARG D 274 -19.83 -7.62 11.96
N ASN D 275 -19.85 -7.79 10.63
CA ASN D 275 -18.60 -7.68 9.86
C ASN D 275 -18.02 -6.27 9.91
N SER D 276 -18.88 -5.25 9.99
CA SER D 276 -18.42 -3.87 9.95
C SER D 276 -17.57 -3.53 11.18
N LEU D 277 -18.00 -3.97 12.36
CA LEU D 277 -17.33 -3.58 13.58
C LEU D 277 -15.97 -4.26 13.68
N PRO D 278 -15.02 -3.71 14.44
CA PRO D 278 -13.89 -4.53 14.89
C PRO D 278 -14.38 -5.71 15.70
N LYS D 279 -13.62 -6.80 15.65
CA LYS D 279 -13.91 -7.93 16.52
C LYS D 279 -13.60 -7.46 17.94
N VAL D 280 -14.58 -7.65 18.83
CA VAL D 280 -14.44 -7.34 20.24
C VAL D 280 -14.95 -8.51 21.06
N ALA D 281 -14.56 -8.58 22.33
CA ALA D 281 -14.87 -9.70 23.21
C ALA D 281 -16.15 -9.49 24.03
N TYR D 282 -16.90 -8.42 23.77
CA TYR D 282 -18.11 -8.10 24.54
C TYR D 282 -19.22 -7.64 23.60
N ALA D 283 -20.45 -7.61 24.10
CA ALA D 283 -21.62 -7.27 23.32
C ALA D 283 -21.85 -5.77 23.35
N THR D 284 -22.09 -5.19 22.18
CA THR D 284 -22.34 -3.76 22.01
C THR D 284 -23.83 -3.48 21.95
N ALA D 285 -24.18 -2.20 21.87
CA ALA D 285 -25.58 -1.80 21.84
C ALA D 285 -26.26 -2.27 20.56
N MET D 286 -25.56 -2.18 19.43
CA MET D 286 -26.11 -2.71 18.18
C MET D 286 -26.30 -4.22 18.26
N ASP D 287 -25.37 -4.91 18.92
CA ASP D 287 -25.50 -6.35 19.09
C ASP D 287 -26.72 -6.69 19.95
N TRP D 288 -26.95 -5.92 21.00
CA TRP D 288 -28.14 -6.16 21.82
C TRP D 288 -29.42 -5.87 21.04
N PHE D 289 -29.40 -4.81 20.21
CA PHE D 289 -30.56 -4.50 19.39
C PHE D 289 -30.86 -5.63 18.40
N ILE D 290 -29.82 -6.14 17.75
CA ILE D 290 -29.99 -7.23 16.79
C ILE D 290 -30.49 -8.48 17.52
N ALA D 291 -29.93 -8.77 18.69
CA ALA D 291 -30.35 -9.97 19.43
C ALA D 291 -31.79 -9.87 19.90
N VAL D 292 -32.21 -8.72 20.45
CA VAL D 292 -33.57 -8.58 20.93
C VAL D 292 -34.56 -8.64 19.76
N CYS D 293 -34.25 -7.91 18.69
CA CYS D 293 -35.18 -7.88 17.56
C CYS D 293 -35.27 -9.24 16.90
N TYR D 294 -34.16 -10.00 16.88
CA TYR D 294 -34.21 -11.35 16.35
C TYR D 294 -35.02 -12.25 17.26
N ALA D 295 -34.93 -12.03 18.57
CA ALA D 295 -35.75 -12.80 19.49
C ALA D 295 -37.22 -12.55 19.25
N PHE D 296 -37.58 -11.31 18.89
CA PHE D 296 -38.95 -11.01 18.53
C PHE D 296 -39.35 -11.74 17.25
N VAL D 297 -38.44 -11.81 16.28
CA VAL D 297 -38.72 -12.53 15.03
C VAL D 297 -38.98 -14.00 15.32
N PHE D 298 -38.10 -14.61 16.12
CA PHE D 298 -38.26 -16.03 16.45
C PHE D 298 -39.50 -16.27 17.30
N SER D 299 -39.82 -15.33 18.20
CA SER D 299 -41.02 -15.46 19.00
C SER D 299 -42.26 -15.41 18.13
N ALA D 300 -42.28 -14.53 17.13
CA ALA D 300 -43.39 -14.49 16.20
C ALA D 300 -43.51 -15.80 15.43
N LEU D 301 -42.38 -16.36 14.99
CA LEU D 301 -42.42 -17.60 14.23
C LEU D 301 -42.95 -18.76 15.08
N ILE D 302 -42.46 -18.89 16.32
CA ILE D 302 -42.91 -20.01 17.14
C ILE D 302 -44.35 -19.82 17.60
N GLU D 303 -44.79 -18.57 17.79
CA GLU D 303 -46.21 -18.34 18.07
C GLU D 303 -47.08 -18.73 16.89
N PHE D 304 -46.63 -18.45 15.66
CA PHE D 304 -47.36 -18.93 14.50
C PHE D 304 -47.36 -20.46 14.45
N ALA D 305 -46.24 -21.08 14.85
CA ALA D 305 -46.15 -22.53 14.82
C ALA D 305 -47.14 -23.18 15.80
N THR D 306 -47.21 -22.66 17.02
CA THR D 306 -48.14 -23.24 17.99
C THR D 306 -49.58 -22.87 17.66
N VAL D 307 -49.80 -21.73 17.00
CA VAL D 307 -51.13 -21.42 16.48
C VAL D 307 -51.54 -22.45 15.44
N ASN D 308 -50.63 -22.79 14.54
CA ASN D 308 -50.89 -23.83 13.54
C ASN D 308 -51.14 -25.17 14.21
N TYR D 309 -50.42 -25.45 15.30
CA TYR D 309 -50.65 -26.68 16.05
C TYR D 309 -52.05 -26.71 16.64
N PHE D 310 -52.52 -25.57 17.16
CA PHE D 310 -53.85 -25.48 17.73
C PHE D 310 -54.95 -25.36 16.69
N THR D 311 -54.62 -25.14 15.42
CA THR D 311 -55.63 -25.24 14.38
C THR D 311 -56.13 -26.68 14.29
N LYS D 312 -57.43 -26.82 14.00
CA LYS D 312 -58.15 -28.08 13.81
C LYS D 312 -58.38 -28.88 15.10
N SER D 313 -57.90 -28.37 16.26
CA SER D 313 -58.14 -28.97 17.56
C SER D 313 -58.80 -28.00 18.52
N GLN D 314 -58.28 -26.78 18.65
CA GLN D 314 -58.86 -25.72 19.47
C GLN D 314 -58.84 -24.43 18.64
N PRO D 315 -59.72 -24.31 17.64
CA PRO D 315 -59.73 -23.08 16.83
C PRO D 315 -60.07 -21.83 17.62
N ALA D 316 -60.94 -21.95 18.63
CA ALA D 316 -61.24 -20.79 19.48
C ALA D 316 -60.00 -20.33 20.25
N ARG D 317 -59.24 -21.28 20.80
CA ARG D 317 -58.01 -20.93 21.50
C ARG D 317 -57.00 -20.32 20.55
N ALA D 318 -56.89 -20.86 19.34
CA ALA D 318 -55.98 -20.30 18.36
C ALA D 318 -56.36 -18.88 17.98
N ALA D 319 -57.66 -18.64 17.78
CA ALA D 319 -58.13 -17.29 17.47
C ALA D 319 -57.85 -16.34 18.63
N LYS D 320 -58.08 -16.79 19.86
CA LYS D 320 -57.84 -15.94 21.03
C LYS D 320 -56.37 -15.58 21.16
N ILE D 321 -55.47 -16.56 21.05
CA ILE D 321 -54.05 -16.28 21.23
C ILE D 321 -53.51 -15.43 20.09
N ASP D 322 -54.01 -15.65 18.86
CA ASP D 322 -53.59 -14.82 17.75
C ASP D 322 -54.05 -13.37 17.92
N ARG D 323 -55.31 -13.17 18.33
CA ARG D 323 -55.82 -11.82 18.52
C ARG D 323 -55.12 -11.12 19.67
N LEU D 324 -54.79 -11.86 20.73
CA LEU D 324 -54.03 -11.28 21.84
C LEU D 324 -52.64 -10.85 21.39
N SER D 325 -51.89 -11.76 20.77
CA SER D 325 -50.51 -11.46 20.43
C SER D 325 -50.38 -10.44 19.31
N ARG D 326 -51.41 -10.32 18.45
CA ARG D 326 -51.44 -9.32 17.38
C ARG D 326 -51.28 -7.91 17.91
N ILE D 327 -51.99 -7.55 18.98
CA ILE D 327 -51.86 -6.25 19.62
C ILE D 327 -50.83 -6.27 20.74
N ALA D 328 -50.42 -7.45 21.24
CA ALA D 328 -49.36 -7.48 22.24
C ALA D 328 -48.03 -7.04 21.63
N PHE D 329 -47.57 -7.75 20.59
CA PHE D 329 -46.21 -7.59 20.07
C PHE D 329 -45.79 -6.17 19.68
N PRO D 330 -46.61 -5.35 18.98
CA PRO D 330 -46.17 -3.96 18.73
C PRO D 330 -45.94 -3.17 20.00
N LEU D 331 -46.67 -3.48 21.07
CA LEU D 331 -46.48 -2.76 22.33
C LEU D 331 -45.13 -3.09 22.96
N LEU D 332 -44.78 -4.39 23.05
CA LEU D 332 -43.46 -4.76 23.56
C LEU D 332 -42.35 -4.21 22.68
N PHE D 333 -42.55 -4.22 21.35
CA PHE D 333 -41.53 -3.65 20.47
C PHE D 333 -41.37 -2.16 20.69
N GLY D 334 -42.48 -1.45 20.89
CA GLY D 334 -42.40 -0.01 21.13
C GLY D 334 -41.69 0.32 22.44
N ILE D 335 -42.03 -0.40 23.52
CA ILE D 335 -41.41 -0.06 24.80
C ILE D 335 -39.93 -0.45 24.80
N PHE D 336 -39.57 -1.55 24.14
CA PHE D 336 -38.16 -1.91 24.00
C PHE D 336 -37.42 -0.84 23.21
N ASN D 337 -38.02 -0.36 22.12
CA ASN D 337 -37.39 0.66 21.30
C ASN D 337 -37.17 1.94 22.10
N LEU D 338 -38.18 2.33 22.88
CA LEU D 338 -38.11 3.56 23.66
C LEU D 338 -37.05 3.47 24.75
N VAL D 339 -37.03 2.37 25.51
CA VAL D 339 -36.09 2.27 26.62
C VAL D 339 -34.67 2.15 26.08
N TYR D 340 -34.48 1.43 24.97
CA TYR D 340 -33.16 1.30 24.37
C TYR D 340 -32.64 2.66 23.90
N TRP D 341 -33.47 3.42 23.18
CA TRP D 341 -33.01 4.70 22.66
C TRP D 341 -32.79 5.69 23.79
N ALA D 342 -33.62 5.64 24.83
CA ALA D 342 -33.40 6.54 25.96
C ALA D 342 -32.08 6.23 26.67
N THR D 343 -31.84 4.95 26.98
CA THR D 343 -30.65 4.62 27.76
C THR D 343 -29.37 4.63 26.93
N TYR D 344 -29.46 4.76 25.59
CA TYR D 344 -28.28 4.91 24.73
C TYR D 344 -28.21 6.24 23.97
N LEU D 345 -29.11 7.20 24.24
CA LEU D 345 -28.90 8.60 23.87
C LEU D 345 -28.67 9.51 25.06
N ASN D 346 -29.28 9.24 26.21
CA ASN D 346 -29.08 10.05 27.41
C ASN D 346 -27.86 9.62 28.21
N ARG D 347 -26.92 8.91 27.60
CA ARG D 347 -25.74 8.41 28.30
C ARG D 347 -24.54 9.32 28.06
N GLY E 62 33.46 22.12 27.14
CA GLY E 62 33.48 21.78 28.59
C GLY E 62 34.42 20.62 28.89
N ASP E 63 34.10 19.88 29.96
CA ASP E 63 34.88 18.72 30.39
C ASP E 63 34.29 17.40 29.92
N VAL E 64 32.97 17.35 29.70
CA VAL E 64 32.36 16.11 29.20
C VAL E 64 32.84 15.84 27.77
N THR E 65 33.00 16.90 26.97
CA THR E 65 33.56 16.74 25.64
C THR E 65 34.98 16.20 25.70
N VAL E 66 35.77 16.68 26.65
CA VAL E 66 37.14 16.19 26.81
C VAL E 66 37.11 14.72 27.21
N ILE E 67 36.19 14.34 28.10
CA ILE E 67 36.08 12.95 28.54
C ILE E 67 35.72 12.05 27.36
N LEU E 68 34.79 12.49 26.52
CA LEU E 68 34.36 11.65 25.40
C LEU E 68 35.46 11.55 24.35
N ASN E 69 36.14 12.67 24.06
CA ASN E 69 37.23 12.64 23.09
C ASN E 69 38.37 11.77 23.58
N ASN E 70 38.59 11.72 24.90
CA ASN E 70 39.57 10.79 25.43
C ASN E 70 39.07 9.34 25.32
N LEU E 71 37.78 9.12 25.52
CA LEU E 71 37.25 7.75 25.50
C LEU E 71 37.34 7.15 24.11
N LEU E 72 36.84 7.85 23.10
CA LEU E 72 36.83 7.30 21.75
C LEU E 72 38.19 7.30 21.08
N GLU E 73 39.19 7.97 21.65
CA GLU E 73 40.55 7.89 21.12
C GLU E 73 41.07 6.46 21.23
N GLY E 74 41.61 5.94 20.14
CA GLY E 74 42.13 4.58 20.14
C GLY E 74 41.09 3.51 20.34
N TYR E 75 39.82 3.82 20.05
CA TYR E 75 38.71 2.90 20.21
C TYR E 75 38.37 2.29 18.86
N ASP E 76 38.26 0.97 18.83
CA ASP E 76 37.70 0.23 17.70
C ASP E 76 36.32 -0.26 18.14
N ASN E 77 35.31 0.03 17.32
CA ASN E 77 33.98 -0.52 17.52
C ASN E 77 33.81 -1.89 16.87
N LYS E 78 34.94 -2.43 16.44
CA LYS E 78 34.89 -3.71 15.72
C LYS E 78 35.24 -4.86 16.67
N LEU E 79 36.05 -4.59 17.67
CA LEU E 79 36.51 -5.64 18.60
C LEU E 79 35.68 -5.48 19.86
N ARG E 80 34.86 -6.48 20.19
CA ARG E 80 34.05 -6.45 21.43
C ARG E 80 35.03 -6.37 22.58
N PRO E 81 34.56 -6.17 23.80
CA PRO E 81 35.52 -6.15 24.91
C PRO E 81 35.89 -7.55 25.33
N ASP E 82 37.12 -7.71 25.82
CA ASP E 82 37.66 -9.00 26.21
C ASP E 82 37.67 -9.96 25.02
N ILE E 83 38.19 -9.46 23.89
CA ILE E 83 38.08 -10.14 22.60
C ILE E 83 38.80 -11.49 22.64
N GLY E 84 39.91 -11.57 23.35
CA GLY E 84 40.68 -12.80 23.49
C GLY E 84 41.00 -13.11 24.94
N VAL E 85 40.06 -12.79 25.84
CA VAL E 85 40.25 -12.95 27.28
C VAL E 85 39.10 -13.77 27.86
N LYS E 86 37.87 -13.35 27.63
CA LYS E 86 36.71 -13.99 28.23
C LYS E 86 35.46 -13.61 27.44
N PRO E 87 34.34 -14.31 27.63
CA PRO E 87 33.08 -13.83 27.07
C PRO E 87 32.57 -12.61 27.80
N THR E 88 31.71 -11.84 27.12
CA THR E 88 31.13 -10.61 27.66
C THR E 88 29.73 -10.93 28.16
N LEU E 89 29.57 -10.94 29.49
CA LEU E 89 28.26 -11.16 30.07
C LEU E 89 27.36 -9.97 29.78
N ILE E 90 26.17 -10.24 29.24
CA ILE E 90 25.18 -9.22 28.89
C ILE E 90 23.90 -9.52 29.67
N HIS E 91 23.51 -8.60 30.54
CA HIS E 91 22.24 -8.67 31.25
C HIS E 91 21.18 -7.92 30.46
N THR E 92 20.01 -8.55 30.35
CA THR E 92 18.92 -8.02 29.51
C THR E 92 17.59 -7.83 30.23
N ASP E 93 16.94 -6.68 30.06
CA ASP E 93 15.59 -6.43 30.65
C ASP E 93 14.64 -5.94 29.55
N MET E 94 13.34 -6.12 29.74
CA MET E 94 12.37 -5.74 28.68
C MET E 94 11.06 -5.32 29.33
N TYR E 95 10.69 -4.05 29.19
CA TYR E 95 9.36 -3.55 29.62
C TYR E 95 8.38 -3.68 28.46
N VAL E 96 7.22 -4.30 28.68
CA VAL E 96 6.28 -4.57 27.56
C VAL E 96 5.26 -3.44 27.52
N ASN E 97 5.39 -2.51 26.58
CA ASN E 97 4.43 -1.40 26.42
C ASN E 97 3.12 -1.97 25.93
N SER E 98 3.17 -3.05 25.16
CA SER E 98 1.93 -3.71 24.72
C SER E 98 2.18 -4.95 23.87
N ILE E 99 1.23 -5.86 23.82
CA ILE E 99 1.18 -7.01 22.93
C ILE E 99 0.03 -6.76 21.97
N GLY E 100 0.34 -6.69 20.69
CA GLY E 100 -0.63 -6.39 19.68
C GLY E 100 -1.53 -7.59 19.40
N PRO E 101 -2.32 -7.54 18.33
CA PRO E 101 -3.26 -8.63 18.06
C PRO E 101 -2.54 -9.95 17.75
N VAL E 102 -3.09 -11.03 18.29
CA VAL E 102 -2.56 -12.38 18.12
C VAL E 102 -3.48 -13.07 17.13
N ASN E 103 -3.16 -12.97 15.85
CA ASN E 103 -3.96 -13.57 14.78
C ASN E 103 -3.43 -14.96 14.47
N ALA E 104 -4.36 -15.90 14.28
CA ALA E 104 -4.02 -17.29 13.94
C ALA E 104 -3.97 -17.56 12.44
N ILE E 105 -4.29 -16.57 11.59
CA ILE E 105 -4.24 -16.80 10.16
C ILE E 105 -2.78 -16.87 9.70
N ASN E 106 -1.93 -15.99 10.25
CA ASN E 106 -0.50 -15.94 9.96
C ASN E 106 0.36 -16.56 11.05
N MET E 107 -0.22 -17.01 12.16
CA MET E 107 0.52 -17.70 13.23
C MET E 107 1.58 -16.78 13.83
N GLU E 108 1.19 -15.54 14.09
CA GLU E 108 2.09 -14.46 14.53
C GLU E 108 1.36 -13.57 15.52
N TYR E 109 2.14 -12.72 16.19
CA TYR E 109 1.63 -11.72 17.10
C TYR E 109 2.59 -10.54 17.13
N THR E 110 2.05 -9.33 17.22
CA THR E 110 2.84 -8.12 17.34
C THR E 110 3.07 -7.81 18.82
N ILE E 111 4.23 -7.26 19.12
CA ILE E 111 4.53 -6.88 20.53
C ILE E 111 5.21 -5.52 20.46
N ASP E 112 5.24 -4.76 21.54
CA ASP E 112 5.90 -3.45 21.58
C ASP E 112 6.65 -3.41 22.90
N ILE E 113 7.96 -3.21 22.86
CA ILE E 113 8.73 -3.31 24.11
C ILE E 113 9.84 -2.28 24.17
N PHE E 114 10.39 -2.05 25.34
CA PHE E 114 11.60 -1.22 25.46
C PHE E 114 12.70 -2.23 25.76
N PHE E 115 13.40 -2.69 24.73
CA PHE E 115 14.43 -3.71 25.01
C PHE E 115 15.60 -3.01 25.65
N ALA E 116 16.26 -3.70 26.56
CA ALA E 116 17.38 -3.12 27.30
C ALA E 116 18.48 -4.16 27.44
N GLN E 117 19.72 -3.70 27.32
CA GLN E 117 20.91 -4.52 27.44
C GLN E 117 21.97 -3.74 28.21
N THR E 118 22.79 -4.45 28.97
CA THR E 118 23.89 -3.83 29.68
C THR E 118 25.00 -4.85 29.88
N TRP E 119 26.24 -4.37 29.81
CA TRP E 119 27.43 -5.20 29.89
C TRP E 119 28.55 -4.36 30.46
N TYR E 120 29.76 -4.92 30.48
CA TYR E 120 30.96 -4.26 31.00
C TYR E 120 31.98 -4.17 29.87
N ASP E 121 32.60 -3.00 29.76
CA ASP E 121 33.52 -2.68 28.66
C ASP E 121 34.62 -1.77 29.21
N ARG E 122 35.81 -2.35 29.40
CA ARG E 122 36.87 -1.63 30.11
C ARG E 122 37.41 -0.45 29.31
N ARG E 123 37.19 -0.41 28.00
CA ARG E 123 37.70 0.70 27.19
C ARG E 123 37.07 2.02 27.57
N LEU E 124 35.77 2.03 27.86
CA LEU E 124 35.05 3.26 28.20
C LEU E 124 35.10 3.53 29.71
N LYS E 125 36.32 3.61 30.23
CA LYS E 125 36.59 3.86 31.65
C LYS E 125 37.22 5.23 31.78
N PHE E 126 36.78 5.99 32.78
CA PHE E 126 37.17 7.38 32.96
C PHE E 126 37.25 7.71 34.44
N ASN E 127 37.97 8.79 34.76
CA ASN E 127 38.10 9.31 36.11
C ASN E 127 37.72 10.78 36.09
N SER E 128 36.61 11.11 36.74
CA SER E 128 36.10 12.47 36.78
C SER E 128 35.08 12.57 37.92
N THR E 129 34.53 13.78 38.09
CA THR E 129 33.53 14.03 39.13
C THR E 129 32.12 13.64 38.72
N ILE E 130 31.84 13.43 37.42
CA ILE E 130 30.55 12.94 36.93
C ILE E 130 30.62 11.42 36.95
N LYS E 131 29.48 10.82 37.29
CA LYS E 131 29.46 9.35 37.42
C LYS E 131 28.71 8.64 36.28
N VAL E 132 27.70 9.25 35.69
CA VAL E 132 26.95 8.72 34.56
C VAL E 132 26.86 9.80 33.49
N LEU E 133 27.21 9.44 32.25
CA LEU E 133 27.02 10.29 31.08
C LEU E 133 25.84 9.75 30.30
N ARG E 134 24.90 10.62 29.99
CA ARG E 134 23.61 10.26 29.40
C ARG E 134 23.54 10.91 28.02
N LEU E 135 23.40 10.08 26.99
CA LEU E 135 23.69 10.45 25.62
C LEU E 135 22.55 10.03 24.72
N ASN E 136 22.55 10.60 23.51
CA ASN E 136 21.50 10.37 22.53
C ASN E 136 21.81 9.06 21.80
N SER E 137 21.13 8.85 20.69
CA SER E 137 21.49 7.81 19.74
C SER E 137 22.66 8.20 18.84
N ASN E 138 23.29 9.36 19.05
CA ASN E 138 24.36 9.80 18.17
C ASN E 138 25.60 8.91 18.31
N MET E 139 25.84 8.35 19.50
CA MET E 139 26.97 7.45 19.74
C MET E 139 26.63 5.97 19.63
N VAL E 140 25.39 5.60 19.30
CA VAL E 140 25.05 4.19 19.22
C VAL E 140 25.79 3.52 18.07
N GLY E 141 26.11 4.28 17.02
CA GLY E 141 26.99 3.80 15.99
C GLY E 141 28.47 3.85 16.32
N LYS E 142 28.89 4.69 17.26
CA LYS E 142 30.30 4.95 17.52
C LYS E 142 30.92 4.05 18.57
N ILE E 143 30.15 3.18 19.23
CA ILE E 143 30.63 2.31 20.29
C ILE E 143 30.13 0.89 20.02
N TRP E 144 30.77 -0.08 20.65
CA TRP E 144 30.43 -1.48 20.41
C TRP E 144 29.04 -1.77 20.98
N ILE E 145 28.15 -2.25 20.10
CA ILE E 145 26.80 -2.63 20.46
C ILE E 145 26.69 -4.12 20.18
N PRO E 146 26.13 -4.96 21.08
CA PRO E 146 25.97 -6.37 20.73
C PRO E 146 24.94 -6.56 19.63
N ASP E 147 25.15 -7.61 18.85
CA ASP E 147 24.32 -7.89 17.66
C ASP E 147 23.12 -8.75 18.01
N THR E 148 22.34 -8.32 19.01
CA THR E 148 21.17 -9.07 19.41
C THR E 148 20.13 -9.06 18.31
N PHE E 149 19.49 -10.21 18.10
CA PHE E 149 18.43 -10.35 17.12
C PHE E 149 17.43 -11.37 17.62
N PHE E 150 16.20 -11.23 17.16
CA PHE E 150 15.08 -12.01 17.64
C PHE E 150 14.85 -13.17 16.66
N ARG E 151 15.17 -14.39 17.12
CA ARG E 151 15.27 -15.54 16.23
C ARG E 151 13.95 -15.91 15.55
N ASN E 152 12.81 -15.53 16.12
CA ASN E 152 11.48 -15.88 15.62
C ASN E 152 10.70 -14.63 15.24
N SER E 153 11.37 -13.68 14.59
CA SER E 153 10.77 -12.43 14.14
C SER E 153 10.51 -12.49 12.64
N LYS E 154 9.24 -12.48 12.26
CA LYS E 154 8.92 -12.31 10.84
C LYS E 154 9.28 -10.92 10.36
N LYS E 155 9.12 -9.92 11.22
CA LYS E 155 9.43 -8.54 10.90
C LYS E 155 9.72 -7.81 12.20
N ALA E 156 10.57 -6.80 12.15
CA ALA E 156 10.93 -6.04 13.33
C ALA E 156 11.72 -4.81 12.92
N ASP E 157 11.32 -3.65 13.46
CA ASP E 157 11.99 -2.39 13.18
C ASP E 157 11.94 -1.49 14.40
N ALA E 158 13.00 -0.72 14.61
CA ALA E 158 13.01 0.26 15.68
C ALA E 158 12.21 1.49 15.25
N HIS E 159 12.06 2.44 16.17
CA HIS E 159 11.28 3.65 15.97
C HIS E 159 12.23 4.82 15.76
N TRP E 160 11.88 5.69 14.81
CA TRP E 160 12.76 6.73 14.29
C TRP E 160 12.15 8.12 14.24
N ILE E 161 11.02 8.36 14.92
CA ILE E 161 10.33 9.65 14.96
C ILE E 161 10.24 10.08 16.41
N THR E 162 10.67 11.30 16.76
CA THR E 162 11.33 12.42 16.05
C THR E 162 12.85 12.26 15.96
N THR E 163 13.41 11.18 16.51
CA THR E 163 14.82 10.92 16.60
C THR E 163 14.92 9.41 16.79
N PRO E 164 16.06 8.76 16.46
CA PRO E 164 16.17 7.32 16.75
C PRO E 164 15.98 6.98 18.22
N ASN E 165 14.92 6.22 18.52
CA ASN E 165 14.55 5.92 19.90
C ASN E 165 15.56 4.92 20.46
N ARG E 166 16.68 5.47 20.92
CA ARG E 166 17.76 4.71 21.51
C ARG E 166 18.33 5.49 22.68
N MET E 167 18.82 4.74 23.67
CA MET E 167 19.38 5.26 24.92
C MET E 167 20.76 4.65 25.10
N LEU E 168 21.67 5.45 25.66
CA LEU E 168 23.02 4.99 25.97
C LEU E 168 23.47 5.71 27.24
N ARG E 169 23.95 4.94 28.22
CA ARG E 169 24.44 5.49 29.47
C ARG E 169 25.67 4.71 29.92
N ILE E 170 26.68 5.44 30.40
CA ILE E 170 28.01 4.91 30.65
C ILE E 170 28.40 5.31 32.07
N TRP E 171 28.70 4.31 32.91
CA TRP E 171 29.01 4.51 34.32
C TRP E 171 30.51 4.68 34.51
N ASN E 172 30.90 5.03 35.75
CA ASN E 172 32.30 5.25 36.08
C ASN E 172 33.13 3.99 35.95
N ASP E 173 32.57 2.83 36.28
CA ASP E 173 33.29 1.57 36.22
C ASP E 173 33.35 0.96 34.81
N GLY E 174 32.88 1.67 33.79
CA GLY E 174 32.87 1.17 32.43
C GLY E 174 31.62 0.43 32.03
N ARG E 175 30.68 0.23 32.94
CA ARG E 175 29.41 -0.40 32.58
C ARG E 175 28.67 0.47 31.57
N VAL E 176 27.94 -0.19 30.68
CA VAL E 176 27.17 0.45 29.61
C VAL E 176 25.74 -0.06 29.73
N LEU E 177 24.79 0.79 29.33
CA LEU E 177 23.37 0.46 29.30
C LEU E 177 22.81 1.00 28.00
N TYR E 178 22.62 0.10 27.03
CA TYR E 178 22.04 0.43 25.73
C TYR E 178 20.61 -0.06 25.74
N THR E 179 19.68 0.76 25.24
CA THR E 179 18.26 0.46 25.32
C THR E 179 17.57 1.15 24.16
N LEU E 180 16.60 0.46 23.57
CA LEU E 180 15.92 0.94 22.38
C LEU E 180 14.49 0.41 22.36
N ARG E 181 13.62 1.11 21.64
CA ARG E 181 12.19 0.74 21.46
C ARG E 181 12.03 0.02 20.14
N LEU E 182 11.32 -1.09 20.15
CA LEU E 182 11.11 -1.97 19.00
C LEU E 182 9.64 -2.32 18.93
N THR E 183 9.14 -2.54 17.71
CA THR E 183 7.95 -3.34 17.48
C THR E 183 8.47 -4.59 16.81
N ILE E 184 8.15 -5.74 17.39
CA ILE E 184 8.56 -7.04 16.88
C ILE E 184 7.32 -7.79 16.44
N ASP E 185 7.36 -8.30 15.22
CA ASP E 185 6.27 -9.07 14.63
C ASP E 185 6.70 -10.52 14.68
N ALA E 186 6.51 -11.14 15.84
CA ALA E 186 7.05 -12.45 16.11
C ALA E 186 6.09 -13.55 15.65
N GLU E 187 6.67 -14.66 15.22
CA GLU E 187 5.94 -15.83 14.78
C GLU E 187 5.75 -16.74 15.97
N CYS E 188 4.55 -17.31 16.11
CA CYS E 188 4.45 -18.53 16.89
C CYS E 188 3.32 -19.41 16.41
N GLN E 189 3.62 -20.69 16.34
CA GLN E 189 2.64 -21.72 16.09
C GLN E 189 1.60 -21.75 17.21
N LEU E 190 0.33 -21.93 16.83
CA LEU E 190 -0.78 -22.07 17.75
C LEU E 190 -1.44 -23.40 17.43
N GLN E 191 -1.36 -24.34 18.38
CA GLN E 191 -1.96 -25.65 18.19
C GLN E 191 -3.46 -25.46 18.32
N LEU E 192 -4.13 -25.32 17.16
CA LEU E 192 -5.53 -24.93 17.14
C LEU E 192 -6.39 -26.20 17.17
N HIS E 193 -6.25 -26.93 18.26
CA HIS E 193 -7.19 -27.95 18.70
C HIS E 193 -7.92 -27.38 19.89
N ASN E 194 -9.06 -27.97 20.24
CA ASN E 194 -9.91 -27.55 21.35
C ASN E 194 -10.42 -26.11 21.21
N PHE E 195 -10.39 -25.52 20.01
CA PHE E 195 -10.75 -24.12 19.84
C PHE E 195 -12.26 -24.00 20.06
N PRO E 196 -12.76 -22.90 20.68
CA PRO E 196 -12.15 -21.71 21.29
C PRO E 196 -11.92 -21.81 22.79
N MET E 197 -11.91 -23.02 23.38
CA MET E 197 -11.35 -23.24 24.71
C MET E 197 -9.96 -23.86 24.50
N ASP E 198 -9.01 -22.98 24.20
CA ASP E 198 -7.63 -23.33 23.96
C ASP E 198 -6.74 -22.35 24.70
N GLU E 199 -5.56 -22.83 25.06
CA GLU E 199 -4.54 -22.05 25.76
C GLU E 199 -3.26 -22.11 24.96
N HIS E 200 -2.61 -20.96 24.82
CA HIS E 200 -1.35 -20.84 24.10
C HIS E 200 -0.37 -20.03 24.93
N SER E 201 0.90 -20.45 24.87
CA SER E 201 1.98 -19.83 25.63
C SER E 201 3.23 -19.96 24.77
N CYS E 202 3.53 -18.91 23.99
CA CYS E 202 4.50 -19.01 22.91
C CYS E 202 5.51 -17.86 22.97
N PRO E 203 6.75 -18.07 22.45
CA PRO E 203 7.88 -17.26 22.92
C PRO E 203 8.19 -16.02 22.12
N LEU E 204 9.16 -15.25 22.62
CA LEU E 204 9.88 -14.22 21.89
C LEU E 204 11.36 -14.52 22.14
N GLU E 205 11.95 -15.34 21.27
CA GLU E 205 13.32 -15.78 21.43
C GLU E 205 14.30 -14.74 20.92
N PHE E 206 15.52 -14.76 21.45
CA PHE E 206 16.58 -13.92 20.90
C PHE E 206 17.93 -14.47 21.31
N SER E 207 18.95 -14.02 20.58
CA SER E 207 20.34 -14.42 20.81
C SER E 207 21.21 -13.52 19.94
N SER E 208 22.52 -13.71 20.05
CA SER E 208 23.46 -13.02 19.19
C SER E 208 23.64 -13.77 17.88
N TYR E 209 23.86 -13.02 16.81
CA TYR E 209 23.94 -13.63 15.49
C TYR E 209 25.28 -14.32 15.26
N GLY E 210 26.37 -13.55 15.31
CA GLY E 210 27.68 -14.06 14.96
C GLY E 210 28.49 -14.56 16.14
N TYR E 211 28.28 -13.95 17.30
CA TYR E 211 29.12 -14.24 18.46
C TYR E 211 28.66 -15.53 19.12
N PRO E 212 29.50 -16.60 19.20
CA PRO E 212 29.02 -17.83 19.84
C PRO E 212 28.95 -17.71 21.36
N ARG E 213 28.66 -18.83 22.04
CA ARG E 213 28.62 -18.86 23.50
C ARG E 213 29.96 -18.43 24.10
N GLU E 214 31.07 -18.74 23.45
CA GLU E 214 32.38 -18.41 24.01
C GLU E 214 32.74 -16.94 23.93
N GLU E 215 31.94 -16.11 23.25
CA GLU E 215 32.24 -14.70 22.99
C GLU E 215 31.22 -13.76 23.60
N ILE E 216 29.94 -14.05 23.47
CA ILE E 216 28.86 -13.36 24.16
C ILE E 216 28.03 -14.40 24.88
N VAL E 217 27.85 -14.20 26.19
CA VAL E 217 26.94 -14.99 27.02
C VAL E 217 25.86 -14.04 27.54
N TYR E 218 24.61 -14.42 27.39
CA TYR E 218 23.47 -13.65 27.87
C TYR E 218 22.96 -14.20 29.19
N GLN E 219 22.24 -13.36 29.93
CA GLN E 219 21.69 -13.75 31.22
C GLN E 219 20.56 -12.80 31.57
N TRP E 220 19.64 -13.27 32.41
CA TRP E 220 18.49 -12.49 32.85
C TRP E 220 18.76 -11.85 34.21
N LYS E 221 18.19 -10.66 34.41
CA LYS E 221 18.16 -10.03 35.73
C LYS E 221 17.04 -10.65 36.54
N ARG E 222 16.97 -10.49 37.85
CA ARG E 222 15.80 -11.14 38.50
C ARG E 222 14.52 -10.39 38.12
N SER E 223 14.56 -9.06 38.05
CA SER E 223 13.34 -8.34 37.71
C SER E 223 13.34 -7.97 36.23
N SER E 224 13.73 -8.94 35.39
CA SER E 224 13.99 -8.66 33.98
C SER E 224 12.72 -8.23 33.24
N VAL E 225 11.78 -9.15 33.01
CA VAL E 225 10.60 -8.75 32.19
C VAL E 225 9.58 -8.08 33.11
N GLU E 226 8.93 -7.00 32.64
CA GLU E 226 7.94 -6.20 33.40
C GLU E 226 6.69 -5.87 32.55
N VAL E 227 5.53 -6.51 32.76
CA VAL E 227 4.34 -6.14 31.93
C VAL E 227 3.74 -4.83 32.46
N GLY E 228 3.03 -4.10 31.61
CA GLY E 228 2.46 -2.79 31.99
C GLY E 228 1.06 -2.88 32.56
N ASP E 229 0.14 -2.03 32.12
CA ASP E 229 -1.25 -1.99 32.66
C ASP E 229 -2.02 -3.22 32.23
N THR E 230 -1.67 -3.80 31.10
CA THR E 230 -2.34 -4.99 30.56
C THR E 230 -3.81 -4.75 30.21
N ARG E 231 -4.33 -3.53 30.40
CA ARG E 231 -5.69 -3.14 30.01
C ARG E 231 -5.75 -2.42 28.67
N SER E 232 -4.73 -1.64 28.33
CA SER E 232 -4.61 -1.05 27.00
C SER E 232 -4.11 -2.04 25.96
N TRP E 233 -3.72 -3.23 26.38
CA TRP E 233 -3.13 -4.20 25.44
C TRP E 233 -4.20 -4.66 24.45
N ARG E 234 -3.83 -4.98 23.21
CA ARG E 234 -4.74 -5.35 22.13
C ARG E 234 -5.01 -6.87 22.09
N LEU E 235 -4.85 -7.57 23.22
CA LEU E 235 -5.22 -8.98 23.30
C LEU E 235 -6.73 -9.08 23.44
N TYR E 236 -7.40 -9.06 22.29
CA TYR E 236 -8.87 -9.14 22.28
C TYR E 236 -9.33 -10.55 22.58
N GLN E 237 -8.90 -11.52 21.76
CA GLN E 237 -9.31 -12.91 21.94
C GLN E 237 -8.73 -13.55 23.19
N PHE E 238 -7.61 -13.04 23.71
CA PHE E 238 -6.84 -13.67 24.77
C PHE E 238 -6.76 -12.76 25.99
N SER E 239 -6.41 -13.38 27.12
CA SER E 239 -6.18 -12.68 28.38
C SER E 239 -4.80 -13.08 28.89
N PHE E 240 -4.00 -12.08 29.21
CA PHE E 240 -2.66 -12.33 29.73
C PHE E 240 -2.75 -12.90 31.15
N VAL E 241 -2.16 -14.08 31.35
CA VAL E 241 -2.18 -14.76 32.64
C VAL E 241 -0.81 -14.87 33.29
N GLY E 242 0.28 -14.64 32.57
CA GLY E 242 1.59 -14.67 33.20
C GLY E 242 2.68 -14.71 32.15
N LEU E 243 3.92 -14.70 32.65
CA LEU E 243 5.08 -14.83 31.79
C LEU E 243 6.14 -15.65 32.52
N ARG E 244 7.08 -16.17 31.73
CA ARG E 244 8.25 -16.84 32.27
C ARG E 244 9.39 -16.65 31.29
N ASN E 245 10.62 -16.71 31.82
CA ASN E 245 11.89 -16.54 31.05
C ASN E 245 12.78 -17.80 31.09
N THR E 246 13.30 -18.32 29.95
CA THR E 246 14.21 -19.47 29.96
C THR E 246 15.51 -19.09 29.25
N THR E 247 16.51 -19.95 29.45
CA THR E 247 17.82 -19.83 28.82
C THR E 247 18.32 -21.22 28.47
N GLU E 248 18.95 -21.34 27.32
CA GLU E 248 19.52 -22.61 26.89
C GLU E 248 20.48 -22.35 25.75
N VAL E 249 21.28 -23.38 25.44
CA VAL E 249 22.28 -23.36 24.37
C VAL E 249 21.72 -24.16 23.20
N VAL E 250 21.73 -23.56 22.01
CA VAL E 250 21.26 -24.20 20.78
C VAL E 250 22.47 -24.48 19.89
N LYS E 251 22.45 -25.64 19.24
CA LYS E 251 23.44 -25.95 18.24
C LYS E 251 23.09 -25.28 16.93
N THR E 252 24.08 -24.65 16.30
CA THR E 252 23.94 -24.03 14.99
C THR E 252 25.18 -24.37 14.18
N THR E 253 25.04 -24.31 12.85
CA THR E 253 26.14 -24.66 11.96
C THR E 253 27.35 -23.76 12.16
N SER E 254 27.13 -22.49 12.53
CA SER E 254 28.21 -21.56 12.80
C SER E 254 28.79 -21.72 14.20
N GLY E 255 28.12 -22.41 15.11
CA GLY E 255 28.63 -22.65 16.45
C GLY E 255 27.48 -22.82 17.42
N ASP E 256 27.83 -22.73 18.71
CA ASP E 256 26.85 -22.74 19.79
C ASP E 256 26.51 -21.31 20.18
N TYR E 257 25.27 -21.09 20.61
CA TYR E 257 24.75 -19.77 20.92
C TYR E 257 23.84 -19.85 22.13
N VAL E 258 23.97 -18.86 23.01
CA VAL E 258 23.06 -18.74 24.15
C VAL E 258 21.77 -18.12 23.66
N VAL E 259 20.66 -18.83 23.86
CA VAL E 259 19.33 -18.38 23.47
C VAL E 259 18.54 -18.10 24.73
N MET E 260 17.86 -16.96 24.74
CA MET E 260 16.92 -16.58 25.78
C MET E 260 15.52 -16.54 25.18
N SER E 261 14.54 -17.07 25.90
CA SER E 261 13.15 -17.12 25.47
C SER E 261 12.29 -16.51 26.57
N VAL E 262 11.22 -15.83 26.14
CA VAL E 262 10.23 -15.23 27.04
C VAL E 262 8.86 -15.69 26.56
N TYR E 263 8.27 -16.63 27.29
CA TYR E 263 6.96 -17.17 26.96
C TYR E 263 5.90 -16.31 27.61
N PHE E 264 4.97 -15.80 26.80
CA PHE E 264 3.80 -15.08 27.28
C PHE E 264 2.62 -16.05 27.33
N ASP E 265 2.21 -16.43 28.53
CA ASP E 265 1.09 -17.33 28.70
C ASP E 265 -0.19 -16.58 28.33
N LEU E 266 -0.91 -17.10 27.33
CA LEU E 266 -2.11 -16.46 26.79
C LEU E 266 -3.22 -17.50 26.70
N SER E 267 -3.98 -17.64 27.78
CA SER E 267 -5.21 -18.42 27.73
C SER E 267 -6.27 -17.65 26.96
N ARG E 268 -6.87 -18.30 25.98
CA ARG E 268 -7.98 -17.69 25.27
C ARG E 268 -9.18 -17.61 26.19
N ARG E 269 -9.95 -16.52 26.05
CA ARG E 269 -11.11 -16.24 26.89
C ARG E 269 -12.34 -16.57 26.05
N MET E 270 -13.19 -17.46 26.56
CA MET E 270 -14.28 -18.03 25.77
C MET E 270 -15.57 -17.30 26.12
N GLY E 271 -16.38 -17.04 25.09
CA GLY E 271 -17.68 -16.41 25.25
C GLY E 271 -18.02 -15.47 24.10
N TYR E 272 -17.02 -14.92 23.42
CA TYR E 272 -17.30 -14.15 22.21
C TYR E 272 -17.93 -15.06 21.18
N PHE E 273 -17.35 -16.24 20.98
CA PHE E 273 -17.80 -17.07 19.87
C PHE E 273 -19.16 -17.70 20.13
N THR E 274 -19.67 -17.64 21.37
CA THR E 274 -21.05 -17.98 21.67
C THR E 274 -22.01 -17.18 20.78
N ILE E 275 -22.05 -15.86 20.95
CA ILE E 275 -22.97 -15.03 20.17
C ILE E 275 -22.60 -15.05 18.69
N GLN E 276 -21.32 -15.23 18.36
CA GLN E 276 -20.89 -15.21 16.97
C GLN E 276 -21.46 -16.41 16.20
N THR E 277 -21.28 -17.63 16.74
CA THR E 277 -21.52 -18.87 15.99
C THR E 277 -22.45 -19.86 16.69
N TYR E 278 -22.36 -20.01 18.01
CA TYR E 278 -23.15 -21.06 18.67
C TYR E 278 -24.61 -20.66 18.74
N ILE E 279 -24.88 -19.37 19.00
CA ILE E 279 -26.26 -18.89 19.07
C ILE E 279 -26.99 -19.04 17.74
N PRO E 280 -26.49 -18.49 16.61
CA PRO E 280 -27.22 -18.71 15.35
C PRO E 280 -27.24 -20.17 14.89
N CYS E 281 -26.20 -20.95 15.16
CA CYS E 281 -26.21 -22.35 14.74
C CYS E 281 -27.24 -23.15 15.54
N THR E 282 -27.21 -23.01 16.87
CA THR E 282 -28.24 -23.60 17.71
C THR E 282 -29.64 -23.14 17.33
N LEU E 283 -29.77 -21.89 16.93
CA LEU E 283 -31.10 -21.37 16.64
C LEU E 283 -31.62 -21.87 15.29
N ILE E 284 -30.75 -22.02 14.29
CA ILE E 284 -31.18 -22.67 13.06
C ILE E 284 -31.50 -24.14 13.31
N VAL E 285 -30.83 -24.75 14.30
CA VAL E 285 -31.19 -26.12 14.66
C VAL E 285 -32.62 -26.18 15.21
N VAL E 286 -33.00 -25.24 16.09
CA VAL E 286 -34.40 -25.27 16.56
C VAL E 286 -35.36 -24.90 15.42
N LEU E 287 -34.92 -24.04 14.48
CA LEU E 287 -35.74 -23.75 13.30
C LEU E 287 -35.97 -25.01 12.48
N SER E 288 -34.97 -25.88 12.40
CA SER E 288 -35.19 -27.18 11.79
C SER E 288 -36.15 -28.02 12.63
N TRP E 289 -36.13 -27.86 13.96
CA TRP E 289 -36.94 -28.71 14.81
C TRP E 289 -38.42 -28.38 14.65
N VAL E 290 -38.76 -27.10 14.47
CA VAL E 290 -40.18 -26.74 14.39
C VAL E 290 -40.84 -27.25 13.12
N SER E 291 -40.06 -27.68 12.10
CA SER E 291 -40.63 -28.30 10.92
C SER E 291 -41.39 -29.57 11.24
N PHE E 292 -40.99 -30.29 12.31
CA PHE E 292 -41.71 -31.48 12.72
C PHE E 292 -43.12 -31.15 13.16
N TRP E 293 -43.30 -30.05 13.89
CA TRP E 293 -44.62 -29.66 14.36
C TRP E 293 -45.53 -29.19 13.22
N ILE E 294 -44.97 -28.80 12.07
CA ILE E 294 -45.79 -28.47 10.91
C ILE E 294 -46.48 -29.74 10.43
N ASN E 295 -47.70 -29.58 9.92
CA ASN E 295 -48.47 -30.73 9.44
C ASN E 295 -47.78 -31.36 8.24
N LYS E 296 -47.76 -32.70 8.23
CA LYS E 296 -47.04 -33.44 7.21
C LYS E 296 -47.63 -33.27 5.81
N ASP E 297 -48.90 -32.87 5.70
CA ASP E 297 -49.50 -32.67 4.38
C ASP E 297 -48.90 -31.48 3.64
N ALA E 298 -48.30 -30.52 4.34
CA ALA E 298 -47.73 -29.33 3.70
C ALA E 298 -46.35 -29.67 3.14
N VAL E 299 -46.39 -30.44 2.04
CA VAL E 299 -45.16 -30.94 1.43
C VAL E 299 -44.26 -29.83 0.90
N PRO E 300 -44.76 -28.87 0.08
CA PRO E 300 -43.88 -27.76 -0.33
C PRO E 300 -43.39 -26.92 0.83
N ALA E 301 -44.20 -26.75 1.88
CA ALA E 301 -43.77 -25.97 3.03
C ALA E 301 -42.60 -26.64 3.76
N ARG E 302 -42.70 -27.95 3.98
CA ARG E 302 -41.63 -28.65 4.70
C ARG E 302 -40.37 -28.75 3.85
N THR E 303 -40.52 -28.92 2.53
CA THR E 303 -39.33 -28.88 1.67
C THR E 303 -38.68 -27.50 1.66
N SER E 304 -39.50 -26.44 1.68
CA SER E 304 -38.98 -25.09 1.75
C SER E 304 -38.22 -24.85 3.05
N LEU E 305 -38.76 -25.36 4.16
CA LEU E 305 -38.07 -25.28 5.44
C LEU E 305 -36.73 -25.99 5.39
N GLY E 306 -36.70 -27.17 4.75
CA GLY E 306 -35.45 -27.91 4.63
C GLY E 306 -34.40 -27.18 3.81
N ILE E 307 -34.79 -26.67 2.64
CA ILE E 307 -33.80 -26.03 1.76
C ILE E 307 -33.33 -24.71 2.38
N THR E 308 -34.22 -23.97 3.04
CA THR E 308 -33.81 -22.73 3.69
C THR E 308 -32.87 -23.02 4.85
N THR E 309 -33.16 -24.07 5.63
CA THR E 309 -32.31 -24.39 6.78
C THR E 309 -30.91 -24.83 6.34
N VAL E 310 -30.82 -25.69 5.31
CA VAL E 310 -29.50 -26.13 4.87
C VAL E 310 -28.73 -24.99 4.22
N LEU E 311 -29.42 -24.11 3.49
CA LEU E 311 -28.73 -22.97 2.89
C LEU E 311 -28.19 -22.02 3.96
N THR E 312 -28.99 -21.78 5.01
CA THR E 312 -28.53 -20.92 6.09
C THR E 312 -27.39 -21.57 6.86
N MET E 313 -27.44 -22.89 7.06
CA MET E 313 -26.31 -23.60 7.65
C MET E 313 -25.05 -23.50 6.80
N THR E 314 -25.18 -23.60 5.47
CA THR E 314 -24.00 -23.47 4.62
C THR E 314 -23.42 -22.07 4.72
N THR E 315 -24.28 -21.05 4.73
CA THR E 315 -23.80 -19.67 4.89
C THR E 315 -23.13 -19.46 6.24
N LEU E 316 -23.73 -20.00 7.32
CA LEU E 316 -23.16 -19.82 8.65
C LEU E 316 -21.83 -20.55 8.78
N SER E 317 -21.74 -21.77 8.24
CA SER E 317 -20.48 -22.51 8.28
C SER E 317 -19.41 -21.79 7.46
N THR E 318 -19.79 -21.23 6.31
CA THR E 318 -18.83 -20.50 5.49
C THR E 318 -18.31 -19.26 6.22
N ILE E 319 -19.20 -18.45 6.76
CA ILE E 319 -18.77 -17.21 7.41
C ILE E 319 -18.04 -17.50 8.71
N ALA E 320 -18.37 -18.62 9.38
CA ALA E 320 -17.58 -19.06 10.52
C ALA E 320 -16.19 -19.49 10.10
N ARG E 321 -16.06 -20.17 8.95
CA ARG E 321 -14.75 -20.61 8.46
C ARG E 321 -13.81 -19.46 8.13
N LYS E 322 -14.33 -18.25 7.95
CA LYS E 322 -13.51 -17.03 7.91
C LYS E 322 -13.34 -16.40 9.29
N SER E 323 -14.25 -16.68 10.22
CA SER E 323 -14.07 -16.25 11.61
C SER E 323 -12.88 -16.92 12.26
N LEU E 324 -12.57 -18.16 11.86
CA LEU E 324 -11.39 -18.93 12.29
C LEU E 324 -10.49 -19.18 11.10
N PRO E 325 -9.23 -19.66 11.30
CA PRO E 325 -8.40 -20.02 10.13
C PRO E 325 -8.70 -21.43 9.62
N LYS E 326 -7.91 -21.88 8.63
CA LYS E 326 -8.28 -22.92 7.67
C LYS E 326 -7.87 -24.32 8.17
N VAL E 327 -7.27 -24.41 9.37
CA VAL E 327 -6.36 -25.49 9.81
C VAL E 327 -6.90 -26.90 9.60
N SER E 328 -6.05 -27.77 9.04
CA SER E 328 -6.50 -29.06 8.52
C SER E 328 -7.01 -29.98 9.62
N TYR E 329 -6.26 -30.09 10.71
CA TYR E 329 -6.74 -30.79 11.91
C TYR E 329 -8.05 -30.15 12.40
N VAL E 330 -9.06 -31.00 12.60
CA VAL E 330 -10.41 -30.49 12.83
C VAL E 330 -10.50 -29.88 14.22
N THR E 331 -11.07 -28.68 14.29
CA THR E 331 -11.27 -27.95 15.53
C THR E 331 -12.62 -28.34 16.14
N ALA E 332 -12.82 -27.90 17.38
CA ALA E 332 -14.09 -28.20 18.06
C ALA E 332 -15.23 -27.40 17.50
N MET E 333 -14.98 -26.17 17.03
CA MET E 333 -16.06 -25.38 16.46
C MET E 333 -16.45 -26.00 15.13
N ASP E 334 -15.44 -26.43 14.36
CA ASP E 334 -15.69 -27.07 13.07
C ASP E 334 -16.45 -28.37 13.27
N LEU E 335 -16.15 -29.09 14.35
CA LEU E 335 -16.93 -30.27 14.69
C LEU E 335 -18.36 -29.88 15.01
N PHE E 336 -18.56 -28.72 15.64
CA PHE E 336 -19.91 -28.30 16.00
C PHE E 336 -20.74 -27.98 14.75
N VAL E 337 -20.18 -27.20 13.82
CA VAL E 337 -20.95 -26.88 12.61
C VAL E 337 -21.13 -28.12 11.75
N SER E 338 -20.13 -29.02 11.74
CA SER E 338 -20.29 -30.28 11.01
C SER E 338 -21.42 -31.11 11.59
N VAL E 339 -21.50 -31.20 12.92
CA VAL E 339 -22.55 -31.97 13.56
C VAL E 339 -23.90 -31.31 13.34
N CYS E 340 -23.95 -29.98 13.36
CA CYS E 340 -25.22 -29.29 13.13
C CYS E 340 -25.71 -29.49 11.70
N PHE E 341 -24.81 -29.39 10.72
CA PHE E 341 -25.18 -29.61 9.33
C PHE E 341 -25.63 -31.06 9.13
N ILE E 342 -24.93 -32.00 9.77
CA ILE E 342 -25.35 -33.40 9.71
C ILE E 342 -26.71 -33.59 10.38
N PHE E 343 -26.98 -32.83 11.46
CA PHE E 343 -28.26 -32.99 12.15
C PHE E 343 -29.40 -32.49 11.28
N VAL E 344 -29.21 -31.35 10.63
CA VAL E 344 -30.23 -30.82 9.73
C VAL E 344 -30.43 -31.74 8.53
N PHE E 345 -29.33 -32.29 8.00
CA PHE E 345 -29.46 -33.23 6.90
C PHE E 345 -30.15 -34.52 7.34
N SER E 346 -29.90 -34.94 8.59
CA SER E 346 -30.62 -36.08 9.16
C SER E 346 -32.12 -35.79 9.24
N ALA E 347 -32.47 -34.58 9.65
CA ALA E 347 -33.88 -34.18 9.67
C ALA E 347 -34.47 -34.20 8.26
N LEU E 348 -33.72 -33.70 7.28
CA LEU E 348 -34.25 -33.60 5.92
C LEU E 348 -34.45 -34.99 5.30
N VAL E 349 -33.46 -35.86 5.45
CA VAL E 349 -33.61 -37.21 4.90
C VAL E 349 -34.62 -38.01 5.70
N GLU E 350 -34.79 -37.72 7.00
CA GLU E 350 -35.85 -38.35 7.77
C GLU E 350 -37.22 -37.95 7.23
N TYR E 351 -37.39 -36.67 6.92
CA TYR E 351 -38.64 -36.21 6.33
C TYR E 351 -38.84 -36.81 4.94
N GLY E 352 -37.77 -36.95 4.17
CA GLY E 352 -37.88 -37.57 2.86
C GLY E 352 -38.29 -39.03 2.95
N THR E 353 -37.72 -39.77 3.89
CA THR E 353 -38.12 -41.15 4.12
C THR E 353 -39.57 -41.21 4.62
N LEU E 354 -39.99 -40.23 5.42
CA LEU E 354 -41.37 -40.18 5.86
C LEU E 354 -42.33 -39.98 4.68
N HIS E 355 -41.98 -39.07 3.77
CA HIS E 355 -42.82 -38.82 2.62
C HIS E 355 -42.81 -40.00 1.65
N TYR E 356 -41.72 -40.77 1.62
CA TYR E 356 -41.69 -41.98 0.81
C TYR E 356 -42.50 -43.10 1.45
N PHE E 357 -42.44 -43.23 2.77
CA PHE E 357 -43.06 -44.35 3.47
C PHE E 357 -44.55 -44.15 3.74
N VAL E 358 -45.04 -42.90 3.76
CA VAL E 358 -46.47 -42.68 3.98
C VAL E 358 -47.28 -43.25 2.82
N SER E 359 -46.74 -43.16 1.61
CA SER E 359 -47.37 -43.84 0.48
C SER E 359 -47.24 -45.36 0.59
N SER E 360 -46.15 -45.85 1.19
CA SER E 360 -45.92 -47.29 1.27
C SER E 360 -46.72 -47.91 2.41
N GLN E 361 -46.52 -47.42 3.64
CA GLN E 361 -47.20 -47.91 4.84
C GLN E 361 -47.46 -46.76 5.83
N PRO E 362 -48.69 -46.23 5.92
CA PRO E 362 -48.95 -45.20 6.95
C PRO E 362 -48.79 -45.68 8.37
N ALA E 363 -48.91 -47.00 8.63
CA ALA E 363 -48.72 -47.51 9.99
C ALA E 363 -47.28 -47.28 10.45
N ARG E 364 -46.31 -47.58 9.59
CA ARG E 364 -44.91 -47.27 9.93
C ARG E 364 -44.66 -45.76 9.87
N ALA E 365 -45.27 -45.07 8.91
CA ALA E 365 -45.03 -43.65 8.72
C ALA E 365 -45.81 -42.75 9.66
N ALA E 366 -46.80 -43.29 10.40
CA ALA E 366 -47.61 -42.44 11.27
C ALA E 366 -46.80 -41.94 12.47
N LYS E 367 -46.09 -42.84 13.15
CA LYS E 367 -45.41 -42.53 14.40
C LYS E 367 -44.00 -41.98 14.21
N MET E 368 -43.52 -41.84 12.97
CA MET E 368 -42.17 -41.32 12.74
C MET E 368 -42.07 -39.88 13.23
N ASP E 369 -43.10 -39.07 12.97
CA ASP E 369 -43.06 -37.67 13.40
C ASP E 369 -43.05 -37.56 14.92
N SER E 370 -43.88 -38.37 15.59
CA SER E 370 -43.90 -38.35 17.06
C SER E 370 -42.59 -38.83 17.65
N TYR E 371 -41.99 -39.86 17.05
CA TYR E 371 -40.69 -40.33 17.53
C TYR E 371 -39.61 -39.29 17.29
N ALA E 372 -39.63 -38.62 16.15
CA ALA E 372 -38.61 -37.63 15.84
C ALA E 372 -38.70 -36.43 16.77
N ARG E 373 -39.94 -36.01 17.10
CA ARG E 373 -40.16 -34.83 17.94
C ARG E 373 -39.53 -34.96 19.32
N ILE E 374 -39.40 -36.19 19.83
CA ILE E 374 -38.78 -36.46 21.14
C ILE E 374 -37.33 -36.94 20.99
N PHE E 375 -36.98 -37.64 19.90
CA PHE E 375 -35.63 -38.14 19.75
C PHE E 375 -34.64 -37.03 19.39
N PHE E 376 -35.03 -36.10 18.53
CA PHE E 376 -34.12 -35.04 18.11
C PHE E 376 -33.73 -34.12 19.27
N PRO E 377 -34.66 -33.64 20.12
CA PRO E 377 -34.25 -32.84 21.30
C PRO E 377 -33.28 -33.53 22.25
N THR E 378 -33.56 -34.79 22.64
CA THR E 378 -32.67 -35.44 23.59
C THR E 378 -31.30 -35.71 22.96
N ALA E 379 -31.27 -36.06 21.67
CA ALA E 379 -30.01 -36.30 20.98
C ALA E 379 -29.16 -35.04 20.91
N PHE E 380 -29.78 -33.90 20.54
CA PHE E 380 -29.03 -32.67 20.48
C PHE E 380 -28.58 -32.21 21.86
N CYS E 381 -29.43 -32.42 22.88
CA CYS E 381 -29.07 -32.00 24.23
C CYS E 381 -27.89 -32.81 24.77
N LEU E 382 -27.90 -34.13 24.58
CA LEU E 382 -26.78 -34.92 25.07
C LEU E 382 -25.52 -34.65 24.25
N PHE E 383 -25.67 -34.34 22.95
CA PHE E 383 -24.52 -33.94 22.16
C PHE E 383 -23.91 -32.64 22.69
N ASN E 384 -24.76 -31.66 23.02
CA ASN E 384 -24.26 -30.41 23.59
C ASN E 384 -23.58 -30.65 24.93
N LEU E 385 -24.16 -31.52 25.76
CA LEU E 385 -23.58 -31.79 27.08
C LEU E 385 -22.21 -32.44 26.96
N VAL E 386 -22.09 -33.49 26.13
CA VAL E 386 -20.81 -34.19 26.01
C VAL E 386 -19.78 -33.29 25.34
N TYR E 387 -20.20 -32.49 24.36
CA TYR E 387 -19.28 -31.55 23.70
C TYR E 387 -18.74 -30.52 24.70
N TRP E 388 -19.64 -29.90 25.48
CA TRP E 388 -19.22 -28.88 26.42
C TRP E 388 -18.32 -29.44 27.51
N VAL E 389 -18.68 -30.58 28.08
CA VAL E 389 -17.87 -31.11 29.18
C VAL E 389 -16.52 -31.59 28.65
N SER E 390 -16.49 -32.23 27.48
CA SER E 390 -15.22 -32.73 26.94
C SER E 390 -14.29 -31.59 26.56
N TYR E 391 -14.80 -30.55 25.91
CA TYR E 391 -13.97 -29.45 25.42
C TYR E 391 -13.84 -28.30 26.42
N LEU E 392 -14.41 -28.40 27.63
CA LEU E 392 -14.10 -27.51 28.75
C LEU E 392 -13.36 -28.20 29.89
N TYR E 393 -13.25 -29.53 29.89
CA TYR E 393 -12.40 -30.18 30.88
C TYR E 393 -10.93 -29.83 30.64
N LEU E 394 -10.54 -29.65 29.39
CA LEU E 394 -9.16 -29.32 29.06
C LEU E 394 -8.82 -27.91 29.50
N ASN F 1 13.77 -13.14 -43.40
CA ASN F 1 14.36 -12.30 -44.47
C ASN F 1 13.34 -11.29 -44.95
N ILE F 2 13.54 -10.02 -44.62
CA ILE F 2 12.62 -8.97 -45.04
C ILE F 2 12.91 -8.67 -46.50
N VAL F 3 11.88 -8.69 -47.33
CA VAL F 3 11.95 -8.27 -48.73
C VAL F 3 11.31 -6.90 -48.83
N MET F 4 12.05 -5.94 -49.39
CA MET F 4 11.61 -4.58 -49.58
C MET F 4 11.18 -4.40 -51.03
N THR F 5 9.92 -3.97 -51.23
CA THR F 5 9.37 -3.71 -52.56
C THR F 5 9.42 -2.20 -52.80
N GLN F 6 10.31 -1.79 -53.70
CA GLN F 6 10.41 -0.41 -54.14
C GLN F 6 9.67 -0.26 -55.45
N SER F 7 8.69 0.64 -55.49
CA SER F 7 7.85 0.92 -56.64
C SER F 7 7.84 2.42 -56.91
N PRO F 8 7.73 2.87 -58.16
CA PRO F 8 7.82 2.18 -59.47
C PRO F 8 9.28 1.98 -59.88
N LYS F 9 9.53 1.21 -60.93
CA LYS F 9 10.91 0.86 -61.27
C LYS F 9 11.66 2.04 -61.87
N SER F 10 10.95 2.97 -62.53
CA SER F 10 11.60 4.12 -63.14
C SER F 10 10.59 5.23 -63.35
N MET F 11 11.09 6.47 -63.32
CA MET F 11 10.32 7.68 -63.56
C MET F 11 11.06 8.61 -64.49
N SER F 12 10.32 9.17 -65.45
CA SER F 12 10.79 10.27 -66.29
C SER F 12 9.92 11.49 -66.03
N MET F 13 10.56 12.63 -65.77
CA MET F 13 9.85 13.89 -65.60
C MET F 13 10.82 15.03 -65.80
N SER F 14 10.27 16.24 -65.93
CA SER F 14 11.04 17.44 -66.21
C SER F 14 11.55 18.05 -64.90
N VAL F 15 12.22 19.20 -65.02
CA VAL F 15 12.85 19.88 -63.90
C VAL F 15 11.84 20.88 -63.34
N GLY F 16 11.85 21.05 -62.01
CA GLY F 16 11.08 22.07 -61.31
C GLY F 16 9.82 21.55 -60.62
N GLU F 17 9.29 20.39 -61.00
CA GLU F 17 8.06 19.86 -60.44
C GLU F 17 8.37 18.90 -59.28
N ARG F 18 7.32 18.42 -58.63
CA ARG F 18 7.43 17.54 -57.47
C ARG F 18 7.47 16.08 -57.93
N VAL F 19 8.15 15.24 -57.13
CA VAL F 19 8.15 13.80 -57.30
C VAL F 19 8.03 13.16 -55.92
N THR F 20 7.32 12.04 -55.86
CA THR F 20 7.21 11.23 -54.67
C THR F 20 7.49 9.79 -55.04
N LEU F 21 8.31 9.12 -54.21
CA LEU F 21 8.65 7.71 -54.35
C LEU F 21 7.97 6.94 -53.22
N SER F 22 8.04 5.61 -53.31
CA SER F 22 7.44 4.73 -52.31
C SER F 22 8.26 3.46 -52.18
N CYS F 23 8.21 2.88 -50.98
CA CYS F 23 8.79 1.57 -50.71
C CYS F 23 7.92 0.89 -49.67
N LYS F 24 7.89 -0.44 -49.72
CA LYS F 24 7.05 -1.26 -48.86
C LYS F 24 7.85 -2.42 -48.31
N ALA F 25 7.53 -2.81 -47.07
CA ALA F 25 8.20 -3.90 -46.35
C ALA F 25 7.21 -5.03 -46.13
N SER F 26 7.70 -6.27 -46.23
CA SER F 26 6.82 -7.42 -46.05
C SER F 26 6.30 -7.49 -44.62
N GLU F 27 7.21 -7.45 -43.65
CA GLU F 27 6.89 -7.42 -42.23
C GLU F 27 7.18 -6.02 -41.69
N TYR F 28 6.95 -5.83 -40.40
CA TYR F 28 7.08 -4.52 -39.77
C TYR F 28 8.55 -4.14 -39.68
N VAL F 29 8.85 -2.89 -40.02
CA VAL F 29 10.17 -2.30 -39.79
C VAL F 29 9.92 -0.88 -39.25
N GLY F 30 10.27 -0.64 -38.00
CA GLY F 30 9.85 0.59 -37.36
C GLY F 30 10.79 1.76 -37.50
N THR F 31 10.57 2.58 -38.53
CA THR F 31 11.33 3.81 -38.75
C THR F 31 12.83 3.55 -38.84
N TYR F 32 13.21 2.48 -39.55
CA TYR F 32 14.60 2.09 -39.78
C TYR F 32 14.92 1.98 -41.27
N VAL F 33 14.15 2.66 -42.12
CA VAL F 33 14.32 2.60 -43.56
C VAL F 33 15.22 3.75 -43.98
N SER F 34 16.44 3.41 -44.38
CA SER F 34 17.38 4.37 -44.94
C SER F 34 17.23 4.44 -46.45
N TRP F 35 17.32 5.65 -46.99
CA TRP F 35 17.28 5.92 -48.42
C TRP F 35 18.66 6.38 -48.86
N TYR F 36 19.12 5.83 -50.00
CA TYR F 36 20.44 6.11 -50.55
C TYR F 36 20.32 6.76 -51.92
N GLN F 37 21.41 7.35 -52.39
CA GLN F 37 21.52 7.94 -53.72
C GLN F 37 22.84 7.51 -54.34
N GLN F 38 22.76 6.82 -55.47
CA GLN F 38 23.92 6.29 -56.18
C GLN F 38 23.98 6.94 -57.55
N LYS F 39 24.93 7.85 -57.74
CA LYS F 39 25.15 8.46 -59.04
C LYS F 39 25.88 7.44 -59.92
N PRO F 40 25.83 7.59 -61.26
CA PRO F 40 26.51 6.60 -62.12
C PRO F 40 28.02 6.68 -61.96
N GLU F 41 28.64 5.49 -61.86
CA GLU F 41 30.07 5.35 -61.53
C GLU F 41 30.39 6.08 -60.23
N GLN F 42 29.57 5.85 -59.21
CA GLN F 42 29.79 6.41 -57.88
C GLN F 42 29.17 5.47 -56.86
N SER F 43 29.67 5.57 -55.62
CA SER F 43 29.12 4.78 -54.55
C SER F 43 27.78 5.35 -54.10
N PRO F 44 26.93 4.56 -53.42
CA PRO F 44 25.71 5.16 -52.87
C PRO F 44 26.02 6.15 -51.77
N LYS F 45 25.19 7.19 -51.69
CA LYS F 45 25.24 8.22 -50.66
C LYS F 45 23.96 8.18 -49.85
N LEU F 46 24.09 8.08 -48.54
CA LEU F 46 22.93 8.03 -47.66
C LEU F 46 22.21 9.37 -47.68
N LEU F 47 20.91 9.33 -48.02
CA LEU F 47 20.07 10.51 -48.08
C LEU F 47 19.30 10.74 -46.78
N ILE F 48 18.48 9.77 -46.40
CA ILE F 48 17.55 9.86 -45.29
C ILE F 48 17.84 8.68 -44.37
N TYR F 49 17.81 8.93 -43.07
CA TYR F 49 17.92 7.90 -42.03
C TYR F 49 16.63 7.86 -41.22
N GLY F 50 16.54 6.85 -40.36
CA GLY F 50 15.32 6.57 -39.64
C GLY F 50 14.26 6.19 -40.64
N ALA F 51 13.28 7.08 -40.83
CA ALA F 51 12.45 7.07 -42.02
C ALA F 51 12.35 8.47 -42.63
N SER F 52 12.37 9.51 -41.79
CA SER F 52 12.35 10.90 -42.26
C SER F 52 13.27 11.74 -41.37
N ASN F 53 14.57 11.74 -41.69
CA ASN F 53 15.54 12.61 -41.04
C ASN F 53 16.54 12.99 -42.12
N ARG F 54 16.90 14.27 -42.20
CA ARG F 54 17.89 14.70 -43.19
C ARG F 54 19.31 14.51 -42.67
N TYR F 55 20.18 14.01 -43.53
CA TYR F 55 21.58 13.78 -43.18
C TYR F 55 22.36 15.09 -43.13
N THR F 56 23.45 15.08 -42.39
CA THR F 56 24.31 16.26 -42.25
C THR F 56 25.08 16.46 -43.55
N GLY F 57 24.56 17.35 -44.40
CA GLY F 57 25.14 17.68 -45.69
C GLY F 57 24.19 17.58 -46.87
N VAL F 58 22.91 17.27 -46.62
CA VAL F 58 21.91 17.11 -47.68
C VAL F 58 21.18 18.44 -47.84
N PRO F 59 20.68 18.79 -49.03
CA PRO F 59 19.79 19.95 -49.11
C PRO F 59 18.48 19.73 -48.38
N ASP F 60 17.87 20.84 -47.95
CA ASP F 60 16.58 20.80 -47.27
C ASP F 60 15.45 20.25 -48.12
N ARG F 61 15.59 20.25 -49.45
CA ARG F 61 14.56 19.80 -50.38
C ARG F 61 14.09 18.37 -50.12
N PHE F 62 14.98 17.48 -49.72
CA PHE F 62 14.66 16.07 -49.58
C PHE F 62 13.88 15.84 -48.30
N THR F 63 12.76 15.11 -48.41
CA THR F 63 11.86 14.86 -47.29
C THR F 63 11.32 13.44 -47.41
N GLY F 64 11.34 12.72 -46.29
CA GLY F 64 10.86 11.35 -46.21
C GLY F 64 9.59 11.26 -45.38
N SER F 65 8.96 10.09 -45.41
CA SER F 65 7.79 9.78 -44.60
C SER F 65 7.94 8.39 -44.03
N GLY F 66 7.55 8.23 -42.78
CA GLY F 66 7.72 6.98 -42.05
C GLY F 66 6.41 6.47 -41.48
N SER F 67 6.25 5.15 -41.51
CA SER F 67 5.11 4.48 -40.92
C SER F 67 5.56 3.10 -40.45
N ALA F 68 4.59 2.24 -40.14
CA ALA F 68 4.92 0.88 -39.73
C ALA F 68 5.56 0.10 -40.86
N THR F 69 4.97 0.15 -42.07
CA THR F 69 5.46 -0.58 -43.24
C THR F 69 5.49 0.24 -44.52
N ASP F 70 4.72 1.32 -44.64
CA ASP F 70 4.69 2.16 -45.84
C ASP F 70 5.62 3.35 -45.65
N PHE F 71 6.49 3.58 -46.64
CA PHE F 71 7.50 4.63 -46.59
C PHE F 71 7.56 5.32 -47.93
N THR F 72 7.62 6.66 -47.90
CA THR F 72 7.63 7.49 -49.10
C THR F 72 8.74 8.53 -48.99
N LEU F 73 9.51 8.68 -50.07
CA LEU F 73 10.55 9.69 -50.20
C LEU F 73 10.02 10.76 -51.16
N THR F 74 9.88 11.98 -50.65
CA THR F 74 9.29 13.10 -51.37
C THR F 74 10.34 14.16 -51.63
N ILE F 75 10.48 14.55 -52.90
CA ILE F 75 11.37 15.63 -53.32
C ILE F 75 10.47 16.64 -54.04
N GLY F 76 10.75 17.91 -53.84
CA GLY F 76 10.02 19.00 -54.49
C GLY F 76 11.00 19.98 -55.15
N SER F 77 10.65 20.44 -56.34
CA SER F 77 11.50 21.33 -57.12
C SER F 77 12.85 20.68 -57.41
N VAL F 78 12.81 19.62 -58.23
CA VAL F 78 14.03 18.90 -58.55
C VAL F 78 14.95 19.81 -59.37
N GLN F 79 16.23 19.48 -59.34
CA GLN F 79 17.30 20.21 -60.01
C GLN F 79 17.94 19.32 -61.07
N ALA F 80 18.97 19.87 -61.73
CA ALA F 80 19.67 19.14 -62.80
C ALA F 80 20.78 18.23 -62.29
N GLU F 81 20.90 18.03 -60.97
CA GLU F 81 21.83 17.08 -60.37
C GLU F 81 21.17 16.14 -59.38
N ASP F 82 19.83 16.02 -59.41
CA ASP F 82 19.08 15.10 -58.57
C ASP F 82 18.69 13.82 -59.32
N LEU F 83 19.52 13.40 -60.29
CA LEU F 83 19.22 12.28 -61.17
C LEU F 83 20.21 11.16 -60.84
N ALA F 84 19.70 10.04 -60.33
CA ALA F 84 20.55 8.95 -59.86
C ALA F 84 19.64 7.80 -59.44
N ASP F 85 20.25 6.65 -59.16
CA ASP F 85 19.54 5.50 -58.61
C ASP F 85 19.28 5.75 -57.12
N TYR F 86 18.04 5.51 -56.71
CA TYR F 86 17.61 5.67 -55.32
C TYR F 86 17.11 4.32 -54.82
N HIS F 87 17.61 3.89 -53.66
CA HIS F 87 17.31 2.60 -53.06
C HIS F 87 16.78 2.79 -51.65
N CYS F 88 15.71 2.05 -51.32
CA CYS F 88 15.22 1.95 -49.95
C CYS F 88 15.85 0.73 -49.30
N GLY F 89 16.42 0.91 -48.11
CA GLY F 89 17.06 -0.16 -47.37
C GLY F 89 16.72 -0.12 -45.89
N GLN F 90 16.12 -1.20 -45.39
CA GLN F 90 15.74 -1.30 -43.99
C GLN F 90 16.92 -1.74 -43.14
N SER F 91 16.75 -1.60 -41.83
CA SER F 91 17.72 -2.09 -40.86
C SER F 91 17.10 -2.65 -39.58
N TYR F 92 15.77 -2.80 -39.51
CA TYR F 92 15.14 -3.40 -38.32
C TYR F 92 15.58 -4.84 -38.12
N SER F 93 15.91 -5.54 -39.21
CA SER F 93 16.52 -6.86 -39.23
C SER F 93 17.88 -6.71 -39.90
N TYR F 94 18.47 -7.84 -40.27
CA TYR F 94 19.66 -7.79 -41.10
C TYR F 94 19.35 -7.03 -42.38
N PRO F 95 20.28 -6.22 -42.91
CA PRO F 95 19.90 -5.23 -43.92
C PRO F 95 19.53 -5.88 -45.25
N THR F 96 18.44 -5.37 -45.83
CA THR F 96 17.99 -5.79 -47.15
C THR F 96 17.57 -4.54 -47.92
N PHE F 97 17.75 -4.61 -49.23
CA PHE F 97 17.52 -3.49 -50.14
C PHE F 97 16.36 -3.81 -51.08
N GLY F 98 15.86 -2.76 -51.73
CA GLY F 98 14.88 -2.88 -52.77
C GLY F 98 15.51 -3.05 -54.14
N ALA F 99 14.66 -2.97 -55.16
CA ALA F 99 15.15 -3.05 -56.54
C ALA F 99 15.88 -1.79 -56.96
N GLY F 100 15.53 -0.64 -56.39
CA GLY F 100 16.05 0.66 -56.79
C GLY F 100 15.08 1.40 -57.68
N THR F 101 15.50 2.59 -58.09
CA THR F 101 14.66 3.44 -58.95
C THR F 101 15.56 4.37 -59.74
N LYS F 102 15.67 4.13 -61.04
CA LYS F 102 16.34 5.06 -61.93
C LYS F 102 15.46 6.27 -62.17
N LEU F 103 16.11 7.43 -62.34
CA LEU F 103 15.46 8.69 -62.67
C LEU F 103 16.18 9.28 -63.88
N GLU F 104 15.41 9.65 -64.90
CA GLU F 104 15.94 10.14 -66.17
C GLU F 104 15.21 11.40 -66.60
N LEU F 105 15.91 12.22 -67.38
CA LEU F 105 15.41 13.50 -67.86
C LEU F 105 14.20 13.30 -68.78
N VAL G 2 35.55 8.51 -41.35
CA VAL G 2 35.39 9.65 -42.30
C VAL G 2 35.69 9.23 -43.75
N GLN G 3 36.51 8.20 -43.92
CA GLN G 3 36.91 7.73 -45.25
C GLN G 3 37.07 6.22 -45.21
N LEU G 4 36.57 5.54 -46.24
CA LEU G 4 36.77 4.12 -46.48
C LEU G 4 37.42 3.95 -47.84
N GLN G 5 38.53 3.20 -47.87
CA GLN G 5 39.28 2.92 -49.08
C GLN G 5 39.35 1.40 -49.23
N GLN G 6 39.15 0.90 -50.45
CA GLN G 6 39.16 -0.52 -50.76
C GLN G 6 40.32 -0.86 -51.69
N SER G 7 40.37 -2.13 -52.08
CA SER G 7 41.41 -2.60 -52.99
C SER G 7 41.06 -2.18 -54.42
N GLY G 8 41.87 -2.61 -55.38
CA GLY G 8 41.69 -2.26 -56.78
C GLY G 8 40.91 -3.32 -57.54
N ALA G 9 40.35 -2.92 -58.67
CA ALA G 9 39.63 -3.84 -59.52
C ALA G 9 40.60 -4.80 -60.21
N GLU G 10 40.10 -5.99 -60.55
CA GLU G 10 40.94 -7.01 -61.15
C GLU G 10 40.04 -8.11 -61.71
N LEU G 11 40.66 -9.03 -62.46
CA LEU G 11 39.98 -10.14 -63.12
C LEU G 11 40.39 -11.45 -62.47
N VAL G 12 39.50 -12.45 -62.57
CA VAL G 12 39.72 -13.76 -61.95
C VAL G 12 39.06 -14.83 -62.82
N LYS G 13 39.69 -15.99 -62.91
CA LYS G 13 39.15 -17.12 -63.65
C LYS G 13 38.12 -17.82 -62.75
N PRO G 14 37.12 -18.53 -63.29
CA PRO G 14 36.16 -19.19 -62.40
C PRO G 14 36.78 -20.31 -61.59
N GLY G 15 36.22 -20.55 -60.41
CA GLY G 15 36.67 -21.60 -59.51
C GLY G 15 37.81 -21.22 -58.58
N ALA G 16 38.37 -20.01 -58.72
CA ALA G 16 39.48 -19.57 -57.89
C ALA G 16 38.92 -19.01 -56.58
N SER G 17 39.73 -18.21 -55.88
CA SER G 17 39.29 -17.45 -54.71
C SER G 17 39.90 -16.06 -54.76
N VAL G 18 39.19 -15.10 -54.18
CA VAL G 18 39.58 -13.69 -54.15
C VAL G 18 39.42 -13.18 -52.73
N LYS G 19 40.36 -12.34 -52.30
CA LYS G 19 40.36 -11.69 -50.98
C LYS G 19 40.37 -10.17 -51.19
N LEU G 20 39.19 -9.56 -51.13
CA LEU G 20 39.07 -8.12 -51.17
C LEU G 20 39.49 -7.52 -49.83
N SER G 21 39.90 -6.26 -49.88
CA SER G 21 40.34 -5.51 -48.71
C SER G 21 39.57 -4.19 -48.61
N CYS G 22 39.37 -3.73 -47.37
CA CYS G 22 38.65 -2.50 -47.09
C CYS G 22 39.32 -1.82 -45.90
N THR G 23 40.07 -0.75 -46.18
CA THR G 23 40.81 0.00 -45.18
C THR G 23 39.97 1.18 -44.70
N ALA G 24 39.94 1.39 -43.39
CA ALA G 24 39.20 2.46 -42.74
C ALA G 24 40.18 3.47 -42.16
N SER G 25 39.90 4.75 -42.37
CA SER G 25 40.68 5.84 -41.81
C SER G 25 39.72 6.88 -41.24
N GLY G 26 40.09 7.45 -40.10
CA GLY G 26 39.28 8.41 -39.39
C GLY G 26 38.42 7.85 -38.28
N PHE G 27 38.47 6.54 -38.02
CA PHE G 27 37.73 5.93 -36.91
C PHE G 27 38.35 4.57 -36.65
N ASN G 28 37.90 3.93 -35.57
CA ASN G 28 38.31 2.58 -35.20
C ASN G 28 37.20 1.60 -35.57
N ILE G 29 37.56 0.52 -36.25
CA ILE G 29 36.60 -0.45 -36.74
C ILE G 29 35.93 -1.23 -35.60
N LYS G 30 36.52 -1.26 -34.41
CA LYS G 30 35.90 -1.97 -33.29
C LYS G 30 34.58 -1.33 -32.85
N ASP G 31 34.40 -0.02 -33.06
CA ASP G 31 33.22 0.64 -32.50
C ASP G 31 31.94 0.27 -33.24
N THR G 32 32.03 0.09 -34.56
CA THR G 32 30.88 -0.02 -35.45
C THR G 32 31.00 -1.26 -36.32
N TYR G 33 29.84 -1.82 -36.66
CA TYR G 33 29.78 -2.98 -37.53
C TYR G 33 30.24 -2.59 -38.94
N MET G 34 30.86 -3.55 -39.61
CA MET G 34 31.27 -3.43 -41.01
C MET G 34 30.37 -4.32 -41.86
N TYR G 35 29.93 -3.77 -43.00
CA TYR G 35 29.04 -4.44 -43.92
C TYR G 35 29.64 -4.40 -45.32
N TRP G 36 29.30 -5.42 -46.10
CA TRP G 36 29.74 -5.63 -47.47
C TRP G 36 28.53 -5.81 -48.36
N VAL G 37 28.46 -5.04 -49.46
CA VAL G 37 27.30 -4.97 -50.33
C VAL G 37 27.74 -5.23 -51.77
N LYS G 38 27.06 -6.16 -52.43
CA LYS G 38 27.31 -6.52 -53.83
C LYS G 38 26.23 -5.89 -54.68
N GLN G 39 26.61 -5.41 -55.86
CA GLN G 39 25.70 -4.80 -56.80
C GLN G 39 26.06 -5.26 -58.21
N ARG G 40 25.12 -5.95 -58.86
CA ARG G 40 25.29 -6.28 -60.26
C ARG G 40 25.17 -5.01 -61.09
N PRO G 41 25.65 -5.00 -62.34
CA PRO G 41 25.57 -3.76 -63.13
C PRO G 41 24.13 -3.41 -63.48
N GLU G 42 23.74 -2.17 -63.14
CA GLU G 42 22.40 -1.61 -63.42
C GLU G 42 21.26 -2.38 -62.72
N GLN G 43 21.58 -3.11 -61.64
CA GLN G 43 20.61 -3.74 -60.73
C GLN G 43 20.77 -3.21 -59.31
N GLY G 44 19.78 -3.55 -58.48
CA GLY G 44 19.72 -3.03 -57.13
C GLY G 44 20.78 -3.65 -56.22
N LEU G 45 20.96 -3.01 -55.07
CA LEU G 45 22.01 -3.42 -54.15
C LEU G 45 21.65 -4.75 -53.48
N GLU G 46 22.69 -5.46 -53.04
CA GLU G 46 22.54 -6.78 -52.44
C GLU G 46 23.54 -6.92 -51.30
N TRP G 47 23.05 -7.39 -50.15
CA TRP G 47 23.86 -7.54 -48.94
C TRP G 47 24.42 -8.96 -48.85
N ILE G 48 25.73 -9.07 -48.64
CA ILE G 48 26.39 -10.36 -48.49
C ILE G 48 26.34 -10.79 -47.02
N GLY G 49 26.98 -10.03 -46.14
CA GLY G 49 27.22 -10.50 -44.79
C GLY G 49 27.61 -9.39 -43.85
N ARG G 50 27.78 -9.78 -42.59
CA ARG G 50 28.00 -8.89 -41.46
C ARG G 50 29.11 -9.46 -40.59
N ILE G 51 29.98 -8.57 -40.09
CA ILE G 51 31.04 -8.93 -39.16
C ILE G 51 31.01 -7.95 -37.99
N ASP G 52 31.04 -8.48 -36.77
CA ASP G 52 31.17 -7.70 -35.55
C ASP G 52 32.66 -7.66 -35.18
N PRO G 53 33.42 -6.61 -35.51
CA PRO G 53 34.88 -6.73 -35.36
C PRO G 53 35.36 -6.75 -33.92
N ALA G 54 34.63 -6.12 -33.01
CA ALA G 54 35.02 -6.16 -31.60
C ALA G 54 34.93 -7.57 -31.04
N ASN G 55 33.87 -8.31 -31.40
CA ASN G 55 33.69 -9.68 -30.97
C ASN G 55 34.35 -10.61 -31.98
N GLY G 56 33.91 -10.56 -33.23
CA GLY G 56 34.43 -11.37 -34.31
C GLY G 56 33.42 -12.27 -34.97
N ASP G 57 32.28 -12.54 -34.32
CA ASP G 57 31.27 -13.40 -34.92
C ASP G 57 30.63 -12.69 -36.11
N THR G 58 30.19 -13.49 -37.07
CA THR G 58 29.69 -13.01 -38.36
C THR G 58 28.36 -13.69 -38.68
N LYS G 59 27.54 -12.99 -39.47
CA LYS G 59 26.30 -13.53 -40.01
C LYS G 59 26.22 -13.19 -41.49
N TYR G 60 25.87 -14.21 -42.29
CA TYR G 60 25.81 -14.15 -43.73
C TYR G 60 24.36 -14.23 -44.19
N ASP G 61 24.12 -13.74 -45.40
CA ASP G 61 22.83 -13.96 -46.04
C ASP G 61 22.68 -15.47 -46.28
N PRO G 62 21.46 -16.02 -46.25
CA PRO G 62 21.31 -17.44 -46.61
C PRO G 62 21.75 -17.76 -48.04
N LYS G 63 21.63 -16.82 -48.97
CA LYS G 63 22.10 -17.05 -50.33
C LYS G 63 23.61 -17.23 -50.37
N PHE G 64 24.34 -16.39 -49.62
CA PHE G 64 25.79 -16.38 -49.63
C PHE G 64 26.41 -17.23 -48.51
N GLN G 65 25.62 -18.05 -47.83
CA GLN G 65 26.16 -18.87 -46.74
C GLN G 65 27.06 -19.93 -47.37
N GLY G 66 28.32 -19.94 -46.94
CA GLY G 66 29.31 -20.86 -47.46
C GLY G 66 30.06 -20.38 -48.69
N LYS G 67 29.66 -19.26 -49.29
CA LYS G 67 30.27 -18.72 -50.51
C LYS G 67 31.17 -17.51 -50.24
N ALA G 68 30.86 -16.73 -49.21
CA ALA G 68 31.63 -15.55 -48.82
C ALA G 68 32.05 -15.70 -47.36
N THR G 69 33.27 -15.25 -47.06
CA THR G 69 33.81 -15.25 -45.71
C THR G 69 34.37 -13.86 -45.42
N ILE G 70 33.97 -13.30 -44.28
CA ILE G 70 34.34 -11.95 -43.88
C ILE G 70 35.17 -12.07 -42.62
N THR G 71 36.32 -11.39 -42.61
CA THR G 71 37.23 -11.34 -41.47
C THR G 71 37.63 -9.90 -41.22
N THR G 72 38.32 -9.68 -40.10
CA THR G 72 38.72 -8.35 -39.65
C THR G 72 40.20 -8.36 -39.33
N ASP G 73 40.78 -7.16 -39.32
CA ASP G 73 42.20 -6.97 -39.04
C ASP G 73 42.33 -5.60 -38.38
N THR G 74 42.34 -5.60 -37.04
CA THR G 74 42.47 -4.35 -36.31
C THR G 74 43.88 -3.77 -36.40
N PHE G 75 44.90 -4.60 -36.64
CA PHE G 75 46.26 -4.10 -36.52
C PHE G 75 46.62 -3.25 -37.74
N SER G 76 46.10 -3.62 -38.91
CA SER G 76 46.20 -2.82 -40.11
C SER G 76 45.06 -1.82 -40.27
N ASN G 77 44.03 -1.87 -39.40
CA ASN G 77 42.84 -1.03 -39.53
C ASN G 77 42.11 -1.31 -40.84
N THR G 78 41.91 -2.61 -41.13
CA THR G 78 41.29 -3.08 -42.36
C THR G 78 40.32 -4.21 -42.05
N ALA G 79 39.43 -4.47 -43.00
CA ALA G 79 38.53 -5.62 -42.99
C ALA G 79 38.55 -6.27 -44.37
N TYR G 80 38.44 -7.60 -44.38
CA TYR G 80 38.61 -8.42 -45.58
C TYR G 80 37.34 -9.20 -45.88
N LEU G 81 37.08 -9.39 -47.17
CA LEU G 81 36.03 -10.26 -47.68
C LEU G 81 36.69 -11.31 -48.57
N GLN G 82 36.39 -12.58 -48.31
CA GLN G 82 36.98 -13.73 -48.98
C GLN G 82 35.88 -14.50 -49.69
N LEU G 83 36.04 -14.68 -51.00
CA LEU G 83 35.08 -15.38 -51.84
C LEU G 83 35.71 -16.68 -52.35
N SER G 84 34.88 -17.69 -52.56
CA SER G 84 35.34 -19.00 -53.01
C SER G 84 34.28 -19.64 -53.90
N SER G 85 34.73 -20.49 -54.81
CA SER G 85 33.87 -21.21 -55.76
C SER G 85 33.03 -20.23 -56.59
N LEU G 86 33.75 -19.41 -57.36
CA LEU G 86 33.10 -18.39 -58.18
C LEU G 86 32.36 -19.01 -59.36
N THR G 87 31.38 -18.26 -59.87
CA THR G 87 30.69 -18.60 -61.11
C THR G 87 30.63 -17.35 -61.99
N SER G 88 29.93 -17.45 -63.13
CA SER G 88 29.87 -16.32 -64.06
C SER G 88 29.11 -15.12 -63.48
N GLU G 89 28.14 -15.36 -62.61
CA GLU G 89 27.33 -14.29 -62.03
C GLU G 89 28.16 -13.33 -61.18
N ASP G 90 29.24 -13.79 -60.56
CA ASP G 90 29.92 -13.01 -59.52
C ASP G 90 30.62 -11.76 -60.03
N THR G 91 30.71 -11.56 -61.35
CA THR G 91 31.10 -10.26 -61.90
C THR G 91 30.12 -9.21 -61.40
N ALA G 92 30.59 -8.28 -60.58
CA ALA G 92 29.74 -7.27 -59.97
C ALA G 92 30.63 -6.26 -59.26
N VAL G 93 30.02 -5.19 -58.75
CA VAL G 93 30.68 -4.15 -57.97
C VAL G 93 30.38 -4.41 -56.50
N TYR G 94 31.42 -4.37 -55.67
CA TYR G 94 31.37 -4.81 -54.28
C TYR G 94 31.80 -3.66 -53.37
N TYR G 95 30.88 -3.22 -52.53
CA TYR G 95 31.05 -2.04 -51.68
C TYR G 95 31.28 -2.47 -50.23
N CYS G 96 32.16 -1.74 -49.56
CA CYS G 96 32.42 -1.88 -48.12
C CYS G 96 31.75 -0.72 -47.40
N ALA G 97 30.89 -1.04 -46.44
CA ALA G 97 30.04 -0.08 -45.73
C ALA G 97 30.33 -0.11 -44.24
N ARG G 98 30.11 1.04 -43.60
CA ARG G 98 30.28 1.22 -42.16
C ARG G 98 28.92 1.47 -41.55
N LYS G 99 28.57 0.67 -40.54
CA LYS G 99 27.34 0.92 -39.80
C LYS G 99 27.49 2.19 -38.97
N GLY G 100 26.40 2.93 -38.86
CA GLY G 100 26.35 4.02 -37.92
C GLY G 100 25.11 4.86 -38.13
N LEU G 101 24.79 5.63 -37.09
CA LEU G 101 23.81 6.72 -37.14
C LEU G 101 22.42 6.15 -37.51
N ARG G 102 21.87 5.41 -36.53
CA ARG G 102 20.56 4.74 -36.64
C ARG G 102 20.54 3.67 -37.72
N TRP G 103 21.68 2.98 -37.92
CA TRP G 103 21.78 1.81 -38.79
C TRP G 103 21.41 2.16 -40.23
N ALA G 104 22.02 3.25 -40.70
CA ALA G 104 21.76 3.79 -42.03
C ALA G 104 22.85 3.49 -43.06
N MET G 105 24.01 2.97 -42.65
CA MET G 105 25.16 2.79 -43.52
C MET G 105 25.54 4.11 -44.19
N ASP G 106 25.93 5.07 -43.34
CA ASP G 106 26.16 6.44 -43.79
C ASP G 106 27.32 6.53 -44.77
N TYR G 107 28.43 5.85 -44.48
CA TYR G 107 29.65 5.92 -45.26
C TYR G 107 29.89 4.60 -45.98
N TRP G 108 30.18 4.68 -47.27
CA TRP G 108 30.43 3.54 -48.15
C TRP G 108 31.83 3.66 -48.73
N GLY G 109 32.37 2.52 -49.17
CA GLY G 109 33.64 2.50 -49.85
C GLY G 109 33.51 2.95 -51.29
N GLN G 110 34.66 3.10 -51.95
CA GLN G 110 34.68 3.60 -53.32
C GLN G 110 34.12 2.60 -54.32
N GLY G 111 34.44 1.32 -54.18
CA GLY G 111 33.87 0.24 -54.99
C GLY G 111 34.92 -0.54 -55.74
N THR G 112 34.93 -1.87 -55.55
CA THR G 112 35.86 -2.78 -56.19
C THR G 112 35.12 -3.60 -57.23
N SER G 113 35.56 -3.51 -58.49
CA SER G 113 34.98 -4.25 -59.59
C SER G 113 35.77 -5.54 -59.81
N VAL G 114 35.10 -6.68 -59.72
CA VAL G 114 35.66 -7.98 -60.07
C VAL G 114 34.93 -8.46 -61.32
N THR G 115 35.64 -9.19 -62.17
CA THR G 115 35.08 -9.80 -63.37
C THR G 115 35.51 -11.24 -63.48
N VAL G 116 34.54 -12.12 -63.72
CA VAL G 116 34.76 -13.55 -63.86
C VAL G 116 34.72 -13.87 -65.35
N SER G 117 35.78 -14.49 -65.86
CA SER G 117 35.87 -14.83 -67.28
C SER G 117 35.64 -16.32 -67.49
N ASN H 1 -14.48 32.33 30.01
CA ASN H 1 -13.66 32.67 31.21
C ASN H 1 -13.87 31.65 32.32
N ILE H 2 -12.80 30.94 32.67
CA ILE H 2 -12.88 29.95 33.74
C ILE H 2 -13.01 30.71 35.05
N VAL H 3 -13.98 30.32 35.87
CA VAL H 3 -14.19 30.86 37.21
C VAL H 3 -13.87 29.77 38.23
N MET H 4 -13.10 30.13 39.25
CA MET H 4 -12.68 29.22 40.31
C MET H 4 -13.52 29.48 41.55
N THR H 5 -14.13 28.43 42.08
CA THR H 5 -14.90 28.48 43.32
C THR H 5 -14.08 27.82 44.41
N GLN H 6 -13.72 28.60 45.42
CA GLN H 6 -12.86 28.16 46.52
C GLN H 6 -13.69 28.18 47.79
N SER H 7 -13.54 27.15 48.63
CA SER H 7 -14.31 26.95 49.84
C SER H 7 -13.39 26.50 50.97
N PRO H 8 -13.72 26.79 52.25
CA PRO H 8 -14.74 27.70 52.81
C PRO H 8 -14.20 29.13 52.85
N LYS H 9 -15.06 30.15 52.85
CA LYS H 9 -14.60 31.52 52.73
C LYS H 9 -13.74 31.98 53.91
N SER H 10 -14.02 31.48 55.12
CA SER H 10 -13.13 31.67 56.25
C SER H 10 -13.26 30.47 57.17
N MET H 11 -12.23 30.25 57.99
CA MET H 11 -12.24 29.17 58.95
C MET H 11 -11.34 29.52 60.13
N SER H 12 -11.45 28.70 61.18
CA SER H 12 -10.59 28.80 62.36
C SER H 12 -10.28 27.39 62.85
N MET H 13 -9.02 27.18 63.24
CA MET H 13 -8.56 25.88 63.70
C MET H 13 -7.45 26.05 64.71
N SER H 14 -7.23 25.00 65.51
CA SER H 14 -6.20 24.98 66.52
C SER H 14 -4.90 24.42 65.94
N VAL H 15 -3.79 24.66 66.64
CA VAL H 15 -2.47 24.22 66.19
C VAL H 15 -2.40 22.70 66.22
N GLY H 16 -1.71 22.15 65.23
CA GLY H 16 -1.42 20.72 65.23
C GLY H 16 -2.60 19.85 64.91
N GLU H 17 -3.30 20.12 63.81
CA GLU H 17 -4.40 19.28 63.34
C GLU H 17 -4.50 19.37 61.83
N ARG H 18 -5.09 18.34 61.25
CA ARG H 18 -5.28 18.30 59.80
C ARG H 18 -6.26 19.40 59.40
N VAL H 19 -5.96 20.07 58.29
CA VAL H 19 -6.85 21.06 57.69
C VAL H 19 -6.80 20.86 56.18
N THR H 20 -7.98 20.84 55.55
CA THR H 20 -8.14 20.60 54.12
C THR H 20 -8.92 21.75 53.51
N LEU H 21 -8.47 22.19 52.33
CA LEU H 21 -9.10 23.26 51.56
C LEU H 21 -9.65 22.68 50.27
N SER H 22 -10.37 23.50 49.52
CA SER H 22 -11.02 23.08 48.29
C SER H 22 -11.10 24.22 47.29
N CYS H 23 -10.83 23.89 46.03
CA CYS H 23 -11.00 24.79 44.89
C CYS H 23 -11.62 24.00 43.76
N LYS H 24 -12.70 24.55 43.19
CA LYS H 24 -13.52 23.88 42.18
C LYS H 24 -13.46 24.68 40.89
N ALA H 25 -13.35 23.98 39.77
CA ALA H 25 -13.23 24.56 38.44
C ALA H 25 -14.52 24.38 37.66
N SER H 26 -15.00 25.48 37.07
CA SER H 26 -16.22 25.40 36.28
C SER H 26 -16.03 24.54 35.03
N GLU H 27 -14.98 24.83 34.26
CA GLU H 27 -14.59 24.05 33.10
C GLU H 27 -13.43 23.13 33.46
N TYR H 28 -12.95 22.39 32.47
CA TYR H 28 -11.82 21.50 32.68
C TYR H 28 -10.54 22.30 32.79
N VAL H 29 -9.69 21.93 33.75
CA VAL H 29 -8.30 22.38 33.81
C VAL H 29 -7.49 21.17 34.26
N GLY H 30 -6.49 20.80 33.47
CA GLY H 30 -5.88 19.49 33.63
C GLY H 30 -5.11 19.30 34.92
N THR H 31 -3.97 19.98 35.04
CA THR H 31 -3.18 19.96 36.27
C THR H 31 -2.60 21.35 36.56
N TYR H 32 -3.18 22.41 36.00
CA TYR H 32 -2.58 23.74 35.97
C TYR H 32 -3.18 24.66 37.03
N VAL H 33 -3.53 24.12 38.20
CA VAL H 33 -4.12 24.87 39.30
C VAL H 33 -3.06 25.09 40.36
N SER H 34 -2.65 26.34 40.54
CA SER H 34 -1.58 26.73 41.45
C SER H 34 -2.16 27.36 42.70
N TRP H 35 -1.54 27.06 43.85
CA TRP H 35 -1.92 27.60 45.15
C TRP H 35 -0.87 28.61 45.61
N TYR H 36 -1.33 29.74 46.13
CA TYR H 36 -0.48 30.84 46.57
C TYR H 36 -0.86 31.27 47.97
N GLN H 37 0.15 31.48 48.83
CA GLN H 37 -0.01 32.01 50.17
C GLN H 37 0.26 33.49 50.16
N GLN H 38 -0.49 34.25 50.95
CA GLN H 38 -0.30 35.69 51.11
C GLN H 38 -0.49 36.05 52.58
N LYS H 39 0.62 36.29 53.27
CA LYS H 39 0.55 36.80 54.63
C LYS H 39 0.04 38.24 54.59
N PRO H 40 -0.52 38.77 55.68
CA PRO H 40 -1.02 40.15 55.65
C PRO H 40 0.11 41.16 55.45
N GLU H 41 -0.12 42.10 54.54
CA GLU H 41 0.88 43.06 54.10
C GLU H 41 2.14 42.34 53.59
N GLN H 42 1.93 41.40 52.66
CA GLN H 42 3.02 40.72 51.99
C GLN H 42 2.55 40.33 50.59
N SER H 43 3.51 40.09 49.70
CA SER H 43 3.17 39.69 48.35
C SER H 43 2.76 38.21 48.36
N PRO H 44 2.02 37.74 47.33
CA PRO H 44 1.73 36.30 47.25
C PRO H 44 3.00 35.48 47.04
N LYS H 45 2.97 34.27 47.60
CA LYS H 45 4.07 33.31 47.53
C LYS H 45 3.53 31.98 47.05
N LEU H 46 4.13 31.44 45.99
CA LEU H 46 3.65 30.21 45.38
C LEU H 46 4.09 29.00 46.22
N LEU H 47 3.16 28.09 46.49
CA LEU H 47 3.43 26.84 47.19
C LEU H 47 3.52 25.65 46.24
N ILE H 48 2.50 25.49 45.40
CA ILE H 48 2.21 24.26 44.67
C ILE H 48 2.12 24.65 43.20
N TYR H 49 3.15 24.32 42.43
CA TYR H 49 3.12 24.56 40.99
C TYR H 49 2.32 23.42 40.36
N GLY H 50 1.38 23.76 39.51
CA GLY H 50 0.53 22.74 38.92
C GLY H 50 -0.31 22.06 39.98
N ALA H 51 -0.81 20.88 39.62
CA ALA H 51 -1.58 20.05 40.53
C ALA H 51 -0.63 19.10 41.27
N SER H 52 -0.52 19.27 42.58
CA SER H 52 0.19 18.33 43.45
C SER H 52 1.68 18.24 43.10
N ASN H 53 2.38 19.36 43.28
CA ASN H 53 3.83 19.37 43.17
C ASN H 53 4.37 20.52 44.00
N ARG H 54 5.24 20.20 44.96
CA ARG H 54 5.73 21.20 45.91
C ARG H 54 6.81 22.07 45.26
N TYR H 55 6.77 23.36 45.59
CA TYR H 55 7.77 24.32 45.12
C TYR H 55 9.01 24.27 46.02
N THR H 56 10.11 24.80 45.49
CA THR H 56 11.35 24.88 46.25
C THR H 56 11.18 25.78 47.47
N GLY H 57 11.69 25.34 48.61
CA GLY H 57 11.62 26.08 49.85
C GLY H 57 10.37 25.86 50.67
N VAL H 58 9.39 25.12 50.17
CA VAL H 58 8.14 24.88 50.89
C VAL H 58 8.39 23.74 51.86
N PRO H 59 7.82 23.71 53.07
CA PRO H 59 7.97 22.52 53.91
C PRO H 59 7.22 21.33 53.35
N ASP H 60 7.45 20.17 53.96
CA ASP H 60 6.86 18.92 53.52
C ASP H 60 5.42 18.73 53.98
N ARG H 61 4.94 19.51 54.95
CA ARG H 61 3.58 19.35 55.44
C ARG H 61 2.53 19.69 54.39
N PHE H 62 2.83 20.60 53.47
CA PHE H 62 1.89 21.02 52.45
C PHE H 62 1.81 19.95 51.36
N THR H 63 0.60 19.74 50.83
CA THR H 63 0.40 18.82 49.72
C THR H 63 -1.00 19.04 49.16
N GLY H 64 -1.13 18.86 47.85
CA GLY H 64 -2.37 19.08 47.13
C GLY H 64 -2.79 17.88 46.30
N SER H 65 -4.07 17.83 45.92
CA SER H 65 -4.66 16.74 45.15
C SER H 65 -5.05 17.27 43.77
N GLY H 66 -4.84 16.45 42.75
CA GLY H 66 -5.09 16.81 41.37
C GLY H 66 -6.20 15.99 40.76
N SER H 67 -6.95 16.62 39.86
CA SER H 67 -8.03 15.96 39.12
C SER H 67 -8.43 16.87 37.97
N ALA H 68 -9.55 16.53 37.33
CA ALA H 68 -10.01 17.33 36.18
C ALA H 68 -10.53 18.69 36.62
N THR H 69 -11.33 18.73 37.69
CA THR H 69 -11.96 19.96 38.17
C THR H 69 -11.86 20.17 39.67
N ASP H 70 -11.77 19.10 40.45
CA ASP H 70 -11.81 19.18 41.91
C ASP H 70 -10.38 19.18 42.44
N PHE H 71 -10.01 20.25 43.15
CA PHE H 71 -8.67 20.47 43.65
C PHE H 71 -8.73 20.85 45.13
N THR H 72 -7.93 20.14 45.93
CA THR H 72 -7.90 20.29 47.38
C THR H 72 -6.45 20.45 47.84
N LEU H 73 -6.24 21.34 48.81
CA LEU H 73 -4.95 21.56 49.45
C LEU H 73 -5.08 21.13 50.90
N THR H 74 -4.23 20.19 51.31
CA THR H 74 -4.23 19.62 52.66
C THR H 74 -2.92 19.95 53.35
N ILE H 75 -2.99 20.12 54.67
CA ILE H 75 -1.85 20.41 55.52
C ILE H 75 -1.94 19.48 56.72
N GLY H 76 -0.80 19.00 57.18
CA GLY H 76 -0.75 18.06 58.29
C GLY H 76 -0.70 18.77 59.62
N SER H 77 0.41 18.62 60.34
CA SER H 77 0.65 19.39 61.55
C SER H 77 0.75 20.86 61.17
N VAL H 78 -0.12 21.70 61.72
CA VAL H 78 -0.17 23.12 61.38
C VAL H 78 0.55 23.91 62.46
N GLN H 79 1.58 24.66 62.07
CA GLN H 79 2.32 25.54 62.96
C GLN H 79 1.60 26.89 63.02
N ALA H 80 2.15 27.83 63.79
CA ALA H 80 1.51 29.11 64.07
C ALA H 80 1.82 30.21 63.05
N GLU H 81 2.58 29.93 62.00
CA GLU H 81 2.85 30.90 60.93
C GLU H 81 1.91 30.78 59.73
N ASP H 82 0.96 29.84 59.76
CA ASP H 82 0.08 29.61 58.62
C ASP H 82 -1.12 30.56 58.57
N LEU H 83 -1.21 31.53 59.49
CA LEU H 83 -2.28 32.53 59.43
C LEU H 83 -1.98 33.44 58.25
N ALA H 84 -2.71 33.21 57.16
CA ALA H 84 -2.46 33.92 55.91
C ALA H 84 -3.56 33.58 54.92
N ASP H 85 -3.63 34.38 53.86
CA ASP H 85 -4.68 34.26 52.86
C ASP H 85 -4.21 33.40 51.70
N TYR H 86 -4.88 32.25 51.52
CA TYR H 86 -4.50 31.22 50.56
C TYR H 86 -5.46 31.28 49.38
N HIS H 87 -4.90 31.42 48.17
CA HIS H 87 -5.65 31.55 46.93
C HIS H 87 -5.29 30.41 45.99
N CYS H 88 -6.28 29.96 45.21
CA CYS H 88 -6.09 29.00 44.12
C CYS H 88 -6.27 29.74 42.80
N GLY H 89 -5.49 29.35 41.80
CA GLY H 89 -5.61 29.95 40.47
C GLY H 89 -5.18 28.98 39.39
N GLN H 90 -5.94 28.98 38.30
CA GLN H 90 -5.70 28.09 37.17
C GLN H 90 -4.74 28.74 36.18
N SER H 91 -4.17 27.89 35.32
CA SER H 91 -3.34 28.33 34.20
C SER H 91 -3.55 27.51 32.93
N TYR H 92 -4.60 26.67 32.87
CA TYR H 92 -4.89 25.96 31.63
C TYR H 92 -5.29 26.92 30.52
N SER H 93 -6.00 27.97 30.87
CA SER H 93 -6.45 29.04 29.99
C SER H 93 -5.78 30.32 30.48
N TYR H 94 -6.28 31.46 30.02
CA TYR H 94 -5.87 32.73 30.58
C TYR H 94 -6.11 32.72 32.10
N PRO H 95 -5.15 33.17 32.92
CA PRO H 95 -5.20 32.83 34.34
C PRO H 95 -6.32 33.55 35.07
N THR H 96 -6.97 32.83 35.99
CA THR H 96 -8.01 33.35 36.85
C THR H 96 -7.80 32.77 38.24
N PHE H 97 -8.34 33.48 39.24
CA PHE H 97 -8.22 33.13 40.65
C PHE H 97 -9.59 32.93 41.26
N GLY H 98 -9.60 32.29 42.43
CA GLY H 98 -10.79 32.13 43.23
C GLY H 98 -10.95 33.25 44.24
N ALA H 99 -11.87 33.03 45.18
CA ALA H 99 -12.13 34.03 46.22
C ALA H 99 -11.04 34.05 47.28
N GLY H 100 -10.40 32.91 47.53
CA GLY H 100 -9.39 32.76 48.57
C GLY H 100 -9.95 32.09 49.82
N THR H 101 -9.05 31.84 50.77
CA THR H 101 -9.38 31.23 52.04
C THR H 101 -8.50 31.84 53.13
N LYS H 102 -9.14 32.24 54.23
CA LYS H 102 -8.49 32.96 55.31
C LYS H 102 -8.40 32.03 56.51
N LEU H 103 -7.17 31.80 56.98
CA LEU H 103 -6.91 30.90 58.10
C LEU H 103 -6.68 31.71 59.38
N GLU H 104 -7.33 31.28 60.46
CA GLU H 104 -7.30 31.95 61.75
C GLU H 104 -7.06 30.92 62.84
N LEU H 105 -6.54 31.38 63.96
CA LEU H 105 -6.23 30.54 65.12
C LEU H 105 -7.30 30.79 66.17
N LYS H 106 -7.90 29.72 66.66
CA LYS H 106 -8.86 29.78 67.76
C LYS H 106 -9.17 28.39 68.29
N VAL I 2 14.35 35.85 39.37
CA VAL I 2 15.14 35.90 40.64
C VAL I 2 14.53 36.92 41.60
N GLN I 3 14.18 38.09 41.10
CA GLN I 3 13.64 39.15 41.93
C GLN I 3 13.01 40.21 41.03
N LEU I 4 11.80 40.63 41.38
CA LEU I 4 11.05 41.67 40.66
C LEU I 4 10.80 42.84 41.60
N GLN I 5 11.32 44.02 41.23
CA GLN I 5 11.10 45.27 41.96
C GLN I 5 10.06 46.08 41.21
N GLN I 6 9.30 46.90 41.95
CA GLN I 6 8.31 47.81 41.40
C GLN I 6 8.50 49.20 41.98
N SER I 7 7.72 50.15 41.45
CA SER I 7 7.73 51.52 41.91
C SER I 7 6.97 51.62 43.24
N GLY I 8 7.11 52.76 43.91
CA GLY I 8 6.45 52.98 45.19
C GLY I 8 4.98 53.32 45.03
N ALA I 9 4.33 53.46 46.18
CA ALA I 9 2.91 53.77 46.22
C ALA I 9 2.67 55.19 45.70
N GLU I 10 1.48 55.39 45.13
CA GLU I 10 1.13 56.61 44.41
C GLU I 10 -0.24 57.10 44.86
N LEU I 11 -0.38 58.43 44.97
CA LEU I 11 -1.62 59.11 45.35
C LEU I 11 -2.02 60.03 44.20
N VAL I 12 -3.12 59.68 43.53
CA VAL I 12 -3.59 60.38 42.34
C VAL I 12 -5.07 60.70 42.49
N LYS I 13 -5.52 61.74 41.73
CA LYS I 13 -6.92 62.15 41.71
C LYS I 13 -7.72 61.27 40.74
N PRO I 14 -9.04 61.15 40.88
CA PRO I 14 -9.79 60.33 39.92
C PRO I 14 -9.87 61.00 38.55
N GLY I 15 -10.01 60.18 37.51
CA GLY I 15 -10.07 60.65 36.15
C GLY I 15 -8.73 60.85 35.47
N ALA I 16 -7.61 60.69 36.18
CA ALA I 16 -6.28 60.87 35.63
C ALA I 16 -5.76 59.54 35.11
N SER I 17 -4.47 59.53 34.72
CA SER I 17 -3.78 58.35 34.22
C SER I 17 -2.54 58.10 35.07
N VAL I 18 -2.21 56.82 35.27
CA VAL I 18 -1.13 56.40 36.15
C VAL I 18 -0.36 55.30 35.44
N LYS I 19 0.97 55.31 35.61
CA LYS I 19 1.88 54.39 34.94
C LYS I 19 2.75 53.71 35.98
N LEU I 20 2.64 52.39 36.08
CA LEU I 20 3.41 51.56 37.01
C LEU I 20 4.57 50.90 36.27
N SER I 21 5.65 50.66 37.02
CA SER I 21 6.86 50.02 36.51
C SER I 21 7.12 48.74 37.28
N CYS I 22 7.80 47.80 36.61
CA CYS I 22 8.14 46.51 37.21
C CYS I 22 9.43 46.03 36.55
N THR I 23 10.56 46.30 37.21
CA THR I 23 11.88 45.98 36.68
C THR I 23 12.34 44.62 37.19
N ALA I 24 12.90 43.82 36.29
CA ALA I 24 13.35 42.47 36.58
C ALA I 24 14.87 42.45 36.70
N SER I 25 15.37 41.64 37.63
CA SER I 25 16.80 41.47 37.89
C SER I 25 17.09 39.98 38.02
N GLY I 26 18.28 39.58 37.59
CA GLY I 26 18.71 38.20 37.65
C GLY I 26 18.24 37.31 36.52
N PHE I 27 17.47 37.84 35.58
CA PHE I 27 17.05 37.09 34.40
C PHE I 27 16.65 38.10 33.34
N ASN I 28 16.20 37.58 32.20
CA ASN I 28 15.84 38.38 31.03
C ASN I 28 14.39 38.14 30.67
N ILE I 29 13.62 39.22 30.53
CA ILE I 29 12.17 39.15 30.43
C ILE I 29 11.70 38.44 29.17
N LYS I 30 12.51 38.39 28.11
CA LYS I 30 12.05 37.85 26.84
C LYS I 30 11.78 36.36 26.89
N ASP I 31 12.34 35.63 27.85
CA ASP I 31 12.19 34.18 27.93
C ASP I 31 10.93 33.74 28.66
N THR I 32 10.19 34.65 29.30
CA THR I 32 9.00 34.30 30.06
C THR I 32 7.96 35.40 29.91
N TYR I 33 6.70 35.03 30.09
CA TYR I 33 5.61 35.99 30.07
C TYR I 33 5.67 36.86 31.32
N MET I 34 4.99 38.00 31.26
CA MET I 34 4.84 38.90 32.39
C MET I 34 3.36 39.16 32.60
N TYR I 35 2.94 39.18 33.87
CA TYR I 35 1.54 39.30 34.27
C TYR I 35 1.37 40.46 35.22
N TRP I 36 0.17 41.04 35.20
CA TRP I 36 -0.23 42.12 36.09
C TRP I 36 -1.52 41.70 36.80
N VAL I 37 -1.49 41.71 38.13
CA VAL I 37 -2.59 41.25 38.97
C VAL I 37 -2.84 42.34 40.00
N LYS I 38 -4.12 42.62 40.28
CA LYS I 38 -4.52 43.53 41.33
C LYS I 38 -5.23 42.75 42.43
N GLN I 39 -5.09 43.25 43.66
CA GLN I 39 -5.78 42.71 44.82
C GLN I 39 -6.38 43.87 45.60
N ARG I 40 -7.69 43.82 45.82
CA ARG I 40 -8.36 44.90 46.52
C ARG I 40 -8.16 44.68 48.03
N PRO I 41 -8.41 45.70 48.86
CA PRO I 41 -8.14 45.53 50.30
C PRO I 41 -9.11 44.54 50.92
N GLU I 42 -8.59 43.34 51.21
CA GLU I 42 -9.36 42.20 51.72
C GLU I 42 -10.40 41.72 50.70
N GLN I 43 -9.94 41.54 49.45
CA GLN I 43 -10.61 40.70 48.48
C GLN I 43 -9.55 39.91 47.73
N GLY I 44 -9.99 38.94 46.92
CA GLY I 44 -9.10 38.04 46.25
C GLY I 44 -8.38 38.67 45.08
N LEU I 45 -7.45 37.91 44.50
CA LEU I 45 -6.66 38.37 43.37
C LEU I 45 -7.52 38.45 42.12
N GLU I 46 -7.18 39.41 41.24
CA GLU I 46 -7.87 39.62 39.97
C GLU I 46 -6.83 39.87 38.89
N TRP I 47 -6.87 39.07 37.83
CA TRP I 47 -5.91 39.16 36.75
C TRP I 47 -6.29 40.26 35.77
N ILE I 48 -5.31 41.10 35.42
CA ILE I 48 -5.54 42.24 34.53
C ILE I 48 -5.27 41.78 33.09
N GLY I 49 -4.02 41.42 32.82
CA GLY I 49 -3.62 41.11 31.47
C GLY I 49 -2.28 40.42 31.45
N ARG I 50 -1.74 40.24 30.25
CA ARG I 50 -0.43 39.62 30.08
C ARG I 50 0.20 40.12 28.79
N ILE I 51 1.52 40.24 28.81
CA ILE I 51 2.31 40.72 27.68
C ILE I 51 3.39 39.69 27.37
N ASP I 52 3.59 39.42 26.08
CA ASP I 52 4.70 38.60 25.61
C ASP I 52 5.86 39.55 25.27
N PRO I 53 6.93 39.63 26.07
CA PRO I 53 7.98 40.62 25.74
C PRO I 53 8.76 40.26 24.49
N ALA I 54 8.92 38.98 24.18
CA ALA I 54 9.67 38.58 23.00
C ALA I 54 8.99 39.01 21.70
N ASN I 55 7.65 39.02 21.68
CA ASN I 55 6.84 39.32 20.50
C ASN I 55 6.08 40.63 20.61
N GLY I 56 5.79 41.11 21.82
CA GLY I 56 4.96 42.27 22.02
C GLY I 56 3.46 42.01 21.97
N ASP I 57 3.04 40.77 21.71
CA ASP I 57 1.63 40.44 21.75
C ASP I 57 1.10 40.60 23.18
N THR I 58 -0.18 40.97 23.29
CA THR I 58 -0.79 41.29 24.57
C THR I 58 -2.24 40.80 24.55
N LYS I 59 -2.70 40.36 25.72
CA LYS I 59 -4.07 39.93 25.94
C LYS I 59 -4.55 40.54 27.25
N TYR I 60 -5.87 40.73 27.36
CA TYR I 60 -6.48 41.43 28.48
C TYR I 60 -7.71 40.67 28.96
N ASP I 61 -8.00 40.85 30.25
CA ASP I 61 -9.23 40.32 30.83
C ASP I 61 -10.41 40.98 30.13
N PRO I 62 -11.52 40.27 29.85
CA PRO I 62 -12.68 40.97 29.26
C PRO I 62 -13.38 42.02 30.14
N LYS I 63 -12.91 42.29 31.37
CA LYS I 63 -13.31 43.46 32.15
C LYS I 63 -12.18 44.49 32.33
N PHE I 64 -11.02 44.30 31.69
CA PHE I 64 -9.91 45.27 31.68
C PHE I 64 -9.53 45.75 30.28
N GLN I 65 -10.14 45.20 29.22
CA GLN I 65 -9.89 45.64 27.86
C GLN I 65 -10.16 47.13 27.71
N GLY I 66 -9.23 47.83 27.08
CA GLY I 66 -9.39 49.26 26.85
C GLY I 66 -8.94 50.12 28.01
N LYS I 67 -9.34 49.77 29.23
CA LYS I 67 -8.92 50.55 30.40
C LYS I 67 -7.42 50.42 30.62
N ALA I 68 -6.93 49.19 30.78
CA ALA I 68 -5.54 48.90 31.10
C ALA I 68 -4.80 48.50 29.84
N THR I 69 -3.57 49.00 29.70
CA THR I 69 -2.66 48.64 28.61
C THR I 69 -1.30 48.30 29.18
N ILE I 70 -0.70 47.22 28.68
CA ILE I 70 0.58 46.71 29.14
C ILE I 70 1.59 46.91 28.01
N THR I 71 2.77 47.43 28.36
CA THR I 71 3.89 47.58 27.44
C THR I 71 5.16 47.15 28.15
N THR I 72 6.23 46.98 27.36
CA THR I 72 7.51 46.46 27.83
C THR I 72 8.65 47.25 27.23
N ASP I 73 9.80 47.19 27.90
CA ASP I 73 11.04 47.82 27.47
C ASP I 73 12.14 46.77 27.56
N THR I 74 12.58 46.28 26.40
CA THR I 74 13.46 45.12 26.37
C THR I 74 14.86 45.45 26.89
N PHE I 75 15.27 46.72 26.80
CA PHE I 75 16.55 47.12 27.37
C PHE I 75 16.50 46.98 28.89
N SER I 76 15.60 47.68 29.57
CA SER I 76 15.64 47.80 31.02
C SER I 76 15.14 46.56 31.76
N ASN I 77 14.66 45.53 31.05
CA ASN I 77 13.99 44.37 31.65
C ASN I 77 12.83 44.85 32.53
N THR I 78 12.01 45.73 31.93
CA THR I 78 10.92 46.43 32.61
C THR I 78 9.61 46.12 31.91
N ALA I 79 8.57 45.92 32.72
CA ALA I 79 7.19 45.76 32.26
C ALA I 79 6.39 46.94 32.79
N TYR I 80 5.70 47.64 31.89
CA TYR I 80 4.96 48.85 32.20
C TYR I 80 3.47 48.58 32.10
N LEU I 81 2.72 48.99 33.14
CA LEU I 81 1.27 49.03 33.13
C LEU I 81 0.81 50.47 33.16
N GLN I 82 0.00 50.86 32.17
CA GLN I 82 -0.58 52.18 32.07
C GLN I 82 -2.10 52.00 32.04
N LEU I 83 -2.81 52.84 32.79
CA LEU I 83 -4.26 52.81 32.87
C LEU I 83 -4.78 54.18 32.42
N SER I 84 -5.85 54.20 31.63
CA SER I 84 -6.26 55.44 30.97
C SER I 84 -7.02 56.36 31.93
N SER I 85 -8.18 55.93 32.39
CA SER I 85 -9.07 56.73 33.25
C SER I 85 -9.59 55.83 34.36
N LEU I 86 -9.48 56.32 35.60
CA LEU I 86 -9.78 55.57 36.81
C LEU I 86 -10.87 56.24 37.63
N THR I 87 -11.79 55.43 38.14
CA THR I 87 -12.87 55.88 39.01
C THR I 87 -12.48 55.63 40.48
N SER I 88 -13.44 55.80 41.39
CA SER I 88 -13.20 55.78 42.84
C SER I 88 -13.42 54.41 43.47
N GLU I 89 -13.16 53.33 42.72
CA GLU I 89 -13.18 51.96 43.25
C GLU I 89 -11.88 51.20 43.05
N ASP I 90 -11.07 51.57 42.05
CA ASP I 90 -9.85 50.82 41.73
C ASP I 90 -8.65 51.35 42.50
N THR I 91 -8.75 51.30 43.83
CA THR I 91 -7.66 51.63 44.75
C THR I 91 -7.28 50.30 45.42
N ALA I 92 -6.20 49.71 44.92
CA ALA I 92 -5.84 48.33 45.21
C ALA I 92 -4.34 48.19 45.02
N VAL I 93 -3.76 47.12 45.57
CA VAL I 93 -2.35 46.81 45.41
C VAL I 93 -2.18 46.05 44.09
N TYR I 94 -1.29 46.55 43.23
CA TYR I 94 -1.04 45.99 41.91
C TYR I 94 0.27 45.21 41.94
N TYR I 95 0.19 43.91 41.66
CA TYR I 95 1.32 43.01 41.68
C TYR I 95 1.78 42.69 40.26
N CYS I 96 3.09 42.53 40.11
CA CYS I 96 3.74 42.14 38.87
C CYS I 96 4.39 40.79 39.07
N ALA I 97 4.17 39.86 38.14
CA ALA I 97 4.63 38.49 38.28
C ALA I 97 4.97 37.92 36.90
N ARG I 98 5.82 36.89 36.93
CA ARG I 98 6.26 36.15 35.75
C ARG I 98 5.79 34.71 35.87
N LYS I 99 5.64 34.05 34.72
CA LYS I 99 5.31 32.63 34.73
C LYS I 99 6.48 31.81 35.27
N GLY I 100 6.14 30.74 35.99
CA GLY I 100 7.12 29.87 36.60
C GLY I 100 7.32 28.60 35.82
N LEU I 101 7.28 27.46 36.51
CA LEU I 101 7.60 26.19 35.87
C LEU I 101 6.41 25.67 35.07
N ARG I 102 5.32 25.31 35.75
CA ARG I 102 4.10 24.79 35.13
C ARG I 102 3.06 25.89 34.98
N TRP I 103 3.45 26.99 34.33
CA TRP I 103 2.59 28.15 34.05
C TRP I 103 2.01 28.74 35.34
N ALA I 104 2.76 28.65 36.44
CA ALA I 104 2.39 29.20 37.74
C ALA I 104 3.23 30.43 38.03
N MET I 105 2.63 31.38 38.74
CA MET I 105 3.29 32.65 39.05
C MET I 105 4.19 32.44 40.26
N ASP I 106 5.40 31.96 39.97
CA ASP I 106 6.34 31.61 41.04
C ASP I 106 6.93 32.85 41.71
N TYR I 107 7.27 33.87 40.92
CA TYR I 107 7.89 35.09 41.40
C TYR I 107 6.96 36.27 41.16
N TRP I 108 6.74 37.06 42.20
CA TRP I 108 5.83 38.19 42.20
C TRP I 108 6.59 39.45 42.58
N GLY I 109 5.99 40.61 42.29
CA GLY I 109 6.54 41.88 42.68
C GLY I 109 6.30 42.17 44.14
N GLN I 110 6.56 43.42 44.53
CA GLN I 110 6.40 43.87 45.91
C GLN I 110 5.04 44.50 46.20
N GLY I 111 4.26 44.85 45.17
CA GLY I 111 2.94 45.41 45.36
C GLY I 111 2.95 46.93 45.44
N THR I 112 2.13 47.56 44.60
CA THR I 112 2.04 49.03 44.51
C THR I 112 0.59 49.42 44.73
N SER I 113 0.33 50.14 45.82
CA SER I 113 -1.03 50.53 46.21
C SER I 113 -1.35 51.89 45.60
N VAL I 114 -2.23 51.90 44.62
CA VAL I 114 -2.81 53.13 44.10
C VAL I 114 -3.93 53.57 45.04
N THR I 115 -3.98 54.87 45.31
CA THR I 115 -4.89 55.48 46.29
C THR I 115 -5.56 56.68 45.63
N VAL I 116 -6.83 56.88 45.98
CA VAL I 116 -7.69 57.89 45.35
C VAL I 116 -8.40 58.67 46.45
N SER I 117 -8.33 59.99 46.37
CA SER I 117 -9.06 60.89 47.26
C SER I 117 -8.97 62.30 46.68
N THR I 118 -9.42 63.28 47.45
CA THR I 118 -9.34 64.68 47.04
C THR I 118 -8.39 65.45 47.95
#